data_1OEG
# 
_entry.id   1OEG 
# 
_audit_conform.dict_name       mmcif_pdbx.dic 
_audit_conform.dict_version    5.392 
_audit_conform.dict_location   http://mmcif.pdb.org/dictionaries/ascii/mmcif_pdbx.dic 
# 
loop_
_database_2.database_id 
_database_2.database_code 
_database_2.pdbx_database_accession 
_database_2.pdbx_DOI 
PDB   1OEG         pdb_00001oeg 10.2210/pdb1oeg/pdb 
WWPDB D_1000175443 ?            ?                   
# 
loop_
_pdbx_audit_revision_history.ordinal 
_pdbx_audit_revision_history.data_content_type 
_pdbx_audit_revision_history.major_revision 
_pdbx_audit_revision_history.minor_revision 
_pdbx_audit_revision_history.revision_date 
1 'Structure model' 1 0 1996-12-07 
2 'Structure model' 1 1 2008-03-03 
3 'Structure model' 1 2 2011-07-13 
4 'Structure model' 1 3 2022-02-23 
5 'Structure model' 1 4 2024-05-22 
# 
_pdbx_audit_revision_details.ordinal             1 
_pdbx_audit_revision_details.revision_ordinal    1 
_pdbx_audit_revision_details.data_content_type   'Structure model' 
_pdbx_audit_revision_details.provider            repository 
_pdbx_audit_revision_details.type                'Initial release' 
_pdbx_audit_revision_details.description         ? 
_pdbx_audit_revision_details.details             ? 
# 
loop_
_pdbx_audit_revision_group.ordinal 
_pdbx_audit_revision_group.revision_ordinal 
_pdbx_audit_revision_group.data_content_type 
_pdbx_audit_revision_group.group 
1 2 'Structure model' 'Version format compliance' 
2 3 'Structure model' 'Version format compliance' 
3 4 'Structure model' 'Database references'       
4 4 'Structure model' 'Derived calculations'      
5 4 'Structure model' Other                       
6 5 'Structure model' 'Data collection'           
# 
loop_
_pdbx_audit_revision_category.ordinal 
_pdbx_audit_revision_category.revision_ordinal 
_pdbx_audit_revision_category.data_content_type 
_pdbx_audit_revision_category.category 
1 4 'Structure model' database_2            
2 4 'Structure model' pdbx_database_status  
3 4 'Structure model' pdbx_struct_assembly  
4 4 'Structure model' pdbx_struct_oper_list 
5 5 'Structure model' chem_comp_atom        
6 5 'Structure model' chem_comp_bond        
# 
loop_
_pdbx_audit_revision_item.ordinal 
_pdbx_audit_revision_item.revision_ordinal 
_pdbx_audit_revision_item.data_content_type 
_pdbx_audit_revision_item.item 
1 4 'Structure model' '_database_2.pdbx_DOI'                
2 4 'Structure model' '_database_2.pdbx_database_accession' 
3 4 'Structure model' '_pdbx_database_status.process_site'  
# 
_pdbx_database_status.status_code                     REL 
_pdbx_database_status.entry_id                        1OEG 
_pdbx_database_status.recvd_initial_deposition_date   1996-03-16 
_pdbx_database_status.deposit_site                    ? 
_pdbx_database_status.process_site                    BNL 
_pdbx_database_status.status_code_sf                  ? 
_pdbx_database_status.status_code_mr                  REL 
_pdbx_database_status.SG_entry                        ? 
_pdbx_database_status.pdb_format_compatible           Y 
_pdbx_database_status.status_code_cs                  ? 
_pdbx_database_status.status_code_nmr_data            ? 
_pdbx_database_status.methods_development_category    ? 
# 
loop_
_audit_author.name 
_audit_author.pdbx_ordinal 
'Wang, G.'        1 
'Pierens, G.K.'   2 
'Treleaven, W.D.' 3 
'Sparrow, J.T.'   4 
'Cushley, R.J.'   5 
# 
_citation.id                        primary 
_citation.title                     
'Conformations of human apolipoprotein E(263-286) and E(267-289) in aqueous solutions of sodium dodecyl sulfate by CD and 1H NMR.' 
_citation.journal_abbrev            Biochemistry 
_citation.journal_volume            35 
_citation.page_first                10358 
_citation.page_last                 10366 
_citation.year                      1996 
_citation.journal_id_ASTM           BICHAW 
_citation.country                   US 
_citation.journal_id_ISSN           0006-2960 
_citation.journal_id_CSD            0033 
_citation.book_publisher            ? 
_citation.pdbx_database_id_PubMed   8756691 
_citation.pdbx_database_id_DOI      10.1021/bi960934t 
# 
loop_
_citation_author.citation_id 
_citation_author.name 
_citation_author.ordinal 
_citation_author.identifier_ORCID 
primary 'Wang, G.'        1 ? 
primary 'Pierens, G.K.'   2 ? 
primary 'Treleaven, W.D.' 3 ? 
primary 'Sparrow, J.T.'   4 ? 
primary 'Cushley, R.J.'   5 ? 
# 
_entity.id                         1 
_entity.type                       polymer 
_entity.src_method                 man 
_entity.pdbx_description           'APOLIPOPROTEIN E' 
_entity.formula_weight             2527.890 
_entity.pdbx_number_of_molecules   1 
_entity.pdbx_ec                    ? 
_entity.pdbx_mutation              ? 
_entity.pdbx_fragment              'RESIDUES 267 - 289' 
_entity.details                    ? 
# 
_entity_name_com.entity_id   1 
_entity_name_com.name        'APOE(267-289), APOLIPOPROTEIN E(267-289)' 
# 
_entity_poly.entity_id                      1 
_entity_poly.type                           'polypeptide(L)' 
_entity_poly.nstd_linkage                   no 
_entity_poly.nstd_monomer                   no 
_entity_poly.pdbx_seq_one_letter_code       PLVEDMQRQWAGLVEKVQAAVGT 
_entity_poly.pdbx_seq_one_letter_code_can   PLVEDMQRQWAGLVEKVQAAVGT 
_entity_poly.pdbx_strand_id                 A 
_entity_poly.pdbx_target_identifier         ? 
# 
loop_
_entity_poly_seq.entity_id 
_entity_poly_seq.num 
_entity_poly_seq.mon_id 
_entity_poly_seq.hetero 
1 1  PRO n 
1 2  LEU n 
1 3  VAL n 
1 4  GLU n 
1 5  ASP n 
1 6  MET n 
1 7  GLN n 
1 8  ARG n 
1 9  GLN n 
1 10 TRP n 
1 11 ALA n 
1 12 GLY n 
1 13 LEU n 
1 14 VAL n 
1 15 GLU n 
1 16 LYS n 
1 17 VAL n 
1 18 GLN n 
1 19 ALA n 
1 20 ALA n 
1 21 VAL n 
1 22 GLY n 
1 23 THR n 
# 
_entity_src_gen.entity_id                          1 
_entity_src_gen.pdbx_src_id                        1 
_entity_src_gen.pdbx_alt_source_flag               sample 
_entity_src_gen.pdbx_seq_type                      ? 
_entity_src_gen.pdbx_beg_seq_num                   ? 
_entity_src_gen.pdbx_end_seq_num                   ? 
_entity_src_gen.gene_src_common_name               human 
_entity_src_gen.gene_src_genus                     Homo 
_entity_src_gen.pdbx_gene_src_gene                 ? 
_entity_src_gen.gene_src_species                   ? 
_entity_src_gen.gene_src_strain                    ? 
_entity_src_gen.gene_src_tissue                    ? 
_entity_src_gen.gene_src_tissue_fraction           ? 
_entity_src_gen.gene_src_details                   ? 
_entity_src_gen.pdbx_gene_src_fragment             ? 
_entity_src_gen.pdbx_gene_src_scientific_name      'Homo sapiens' 
_entity_src_gen.pdbx_gene_src_ncbi_taxonomy_id     9606 
_entity_src_gen.pdbx_gene_src_variant              ? 
_entity_src_gen.pdbx_gene_src_cell_line            ? 
_entity_src_gen.pdbx_gene_src_atcc                 ? 
_entity_src_gen.pdbx_gene_src_organ                ? 
_entity_src_gen.pdbx_gene_src_organelle            ? 
_entity_src_gen.pdbx_gene_src_cell                 ? 
_entity_src_gen.pdbx_gene_src_cellular_location    ? 
_entity_src_gen.host_org_common_name               ? 
_entity_src_gen.pdbx_host_org_scientific_name      ? 
_entity_src_gen.pdbx_host_org_ncbi_taxonomy_id     ? 
_entity_src_gen.host_org_genus                     ? 
_entity_src_gen.pdbx_host_org_gene                 ? 
_entity_src_gen.pdbx_host_org_organ                ? 
_entity_src_gen.host_org_species                   ? 
_entity_src_gen.pdbx_host_org_tissue               ? 
_entity_src_gen.pdbx_host_org_tissue_fraction      ? 
_entity_src_gen.pdbx_host_org_strain               ? 
_entity_src_gen.pdbx_host_org_variant              ? 
_entity_src_gen.pdbx_host_org_cell_line            ? 
_entity_src_gen.pdbx_host_org_atcc                 ? 
_entity_src_gen.pdbx_host_org_culture_collection   ? 
_entity_src_gen.pdbx_host_org_cell                 ? 
_entity_src_gen.pdbx_host_org_organelle            ? 
_entity_src_gen.pdbx_host_org_cellular_location    ? 
_entity_src_gen.pdbx_host_org_vector_type          ? 
_entity_src_gen.pdbx_host_org_vector               ? 
_entity_src_gen.host_org_details                   ? 
_entity_src_gen.expression_system_id               ? 
_entity_src_gen.plasmid_name                       ? 
_entity_src_gen.plasmid_details                    ? 
_entity_src_gen.pdbx_description                   ? 
# 
loop_
_chem_comp.id 
_chem_comp.type 
_chem_comp.mon_nstd_flag 
_chem_comp.name 
_chem_comp.pdbx_synonyms 
_chem_comp.formula 
_chem_comp.formula_weight 
ALA 'L-peptide linking' y ALANINE         ? 'C3 H7 N O2'     89.093  
ARG 'L-peptide linking' y ARGININE        ? 'C6 H15 N4 O2 1' 175.209 
ASP 'L-peptide linking' y 'ASPARTIC ACID' ? 'C4 H7 N O4'     133.103 
GLN 'L-peptide linking' y GLUTAMINE       ? 'C5 H10 N2 O3'   146.144 
GLU 'L-peptide linking' y 'GLUTAMIC ACID' ? 'C5 H9 N O4'     147.129 
GLY 'peptide linking'   y GLYCINE         ? 'C2 H5 N O2'     75.067  
LEU 'L-peptide linking' y LEUCINE         ? 'C6 H13 N O2'    131.173 
LYS 'L-peptide linking' y LYSINE          ? 'C6 H15 N2 O2 1' 147.195 
MET 'L-peptide linking' y METHIONINE      ? 'C5 H11 N O2 S'  149.211 
PRO 'L-peptide linking' y PROLINE         ? 'C5 H9 N O2'     115.130 
THR 'L-peptide linking' y THREONINE       ? 'C4 H9 N O3'     119.119 
TRP 'L-peptide linking' y TRYPTOPHAN      ? 'C11 H12 N2 O2'  204.225 
VAL 'L-peptide linking' y VALINE          ? 'C5 H11 N O2'    117.146 
# 
loop_
_pdbx_poly_seq_scheme.asym_id 
_pdbx_poly_seq_scheme.entity_id 
_pdbx_poly_seq_scheme.seq_id 
_pdbx_poly_seq_scheme.mon_id 
_pdbx_poly_seq_scheme.ndb_seq_num 
_pdbx_poly_seq_scheme.pdb_seq_num 
_pdbx_poly_seq_scheme.auth_seq_num 
_pdbx_poly_seq_scheme.pdb_mon_id 
_pdbx_poly_seq_scheme.auth_mon_id 
_pdbx_poly_seq_scheme.pdb_strand_id 
_pdbx_poly_seq_scheme.pdb_ins_code 
_pdbx_poly_seq_scheme.hetero 
A 1 1  PRO 1  267 267 PRO PRO A . n 
A 1 2  LEU 2  268 268 LEU LEU A . n 
A 1 3  VAL 3  269 269 VAL VAL A . n 
A 1 4  GLU 4  270 270 GLU GLU A . n 
A 1 5  ASP 5  271 271 ASP ASP A . n 
A 1 6  MET 6  272 272 MET MET A . n 
A 1 7  GLN 7  273 273 GLN GLN A . n 
A 1 8  ARG 8  274 274 ARG ARG A . n 
A 1 9  GLN 9  275 275 GLN GLN A . n 
A 1 10 TRP 10 276 276 TRP TRP A . n 
A 1 11 ALA 11 277 277 ALA ALA A . n 
A 1 12 GLY 12 278 278 GLY GLY A . n 
A 1 13 LEU 13 279 279 LEU LEU A . n 
A 1 14 VAL 14 280 280 VAL VAL A . n 
A 1 15 GLU 15 281 281 GLU GLU A . n 
A 1 16 LYS 16 282 282 LYS LYS A . n 
A 1 17 VAL 17 283 283 VAL VAL A . n 
A 1 18 GLN 18 284 284 GLN GLN A . n 
A 1 19 ALA 19 285 285 ALA ALA A . n 
A 1 20 ALA 20 286 286 ALA ALA A . n 
A 1 21 VAL 21 287 287 VAL VAL A . n 
A 1 22 GLY 22 288 288 GLY GLY A . n 
A 1 23 THR 23 289 289 THR THR A . n 
# 
_cell.entry_id           1OEG 
_cell.length_a           1.000 
_cell.length_b           1.000 
_cell.length_c           1.000 
_cell.angle_alpha        90.00 
_cell.angle_beta         90.00 
_cell.angle_gamma        90.00 
_cell.Z_PDB              1 
_cell.pdbx_unique_axis   ? 
# 
_symmetry.entry_id                         1OEG 
_symmetry.space_group_name_H-M             'P 1' 
_symmetry.pdbx_full_space_group_name_H-M   ? 
_symmetry.cell_setting                     ? 
_symmetry.Int_Tables_number                1 
# 
_exptl.entry_id          1OEG 
_exptl.method            'SOLUTION NMR' 
_exptl.crystals_number   ? 
# 
_struct.entry_id                  1OEG 
_struct.title                     
'PEPTIDE OF HUMAN APOE RESIDUES 267-289, NMR, 5 STRUCTURES AT PH 6.0, 37 DEGREES CELSIUS AND PEPTIDE:SDS MOLE RATIO OF 1:90' 
_struct.pdbx_model_details        ? 
_struct.pdbx_CASP_flag            ? 
_struct.pdbx_model_type_details   ? 
# 
_struct_keywords.entry_id        1OEG 
_struct_keywords.pdbx_keywords   APOLIPOPROTEIN 
_struct_keywords.text            'SIALIC ACID, HEPARIN-BINDING, DISEASE MUTATION, POLYMORPHISM, APOLIPOPROTEIN' 
# 
_struct_asym.id                            A 
_struct_asym.pdbx_blank_PDB_chainid_flag   Y 
_struct_asym.pdbx_modified                 N 
_struct_asym.entity_id                     1 
_struct_asym.details                       ? 
# 
_struct_ref.id                         1 
_struct_ref.db_name                    UNP 
_struct_ref.db_code                    APOE_HUMAN 
_struct_ref.entity_id                  1 
_struct_ref.pdbx_db_accession          P02649 
_struct_ref.pdbx_align_begin           1 
_struct_ref.pdbx_seq_one_letter_code   
;MKVLWAALLVTFLAGCQAKVEQAVETEPEPELRQQTEWQSGQRWELALGRFWDYLRWVQTLSEQVQEELLSSQVTQELRA
LMDETMKELKAYKSELEEQLTPVAEETRARLSKELQAAQARLGADMEDVCGRLVQYRGEVQAMLGQSTEELRVRLASHLR
KLRKRLLRDADDLQKRLAVYQAGAREGAERGLSAIRERLGPLVEQGRVRAATVGSLAGQPLQERAQAWGERLRARMEEMG
SRTRDRLDEVKEQVAEVRAKLEEQAQQIRLQAEAFQARLKSWFEPLVEDMQRQWAGLVEKVQAAVGTSAAPVPSDNH
;
_struct_ref.pdbx_db_isoform            ? 
# 
_struct_ref_seq.align_id                      1 
_struct_ref_seq.ref_id                        1 
_struct_ref_seq.pdbx_PDB_id_code              1OEG 
_struct_ref_seq.pdbx_strand_id                A 
_struct_ref_seq.seq_align_beg                 1 
_struct_ref_seq.pdbx_seq_align_beg_ins_code   ? 
_struct_ref_seq.seq_align_end                 23 
_struct_ref_seq.pdbx_seq_align_end_ins_code   ? 
_struct_ref_seq.pdbx_db_accession             P02649 
_struct_ref_seq.db_align_beg                  285 
_struct_ref_seq.pdbx_db_align_beg_ins_code    ? 
_struct_ref_seq.db_align_end                  307 
_struct_ref_seq.pdbx_db_align_end_ins_code    ? 
_struct_ref_seq.pdbx_auth_seq_align_beg       267 
_struct_ref_seq.pdbx_auth_seq_align_end       289 
# 
_pdbx_struct_assembly.id                   1 
_pdbx_struct_assembly.details              author_defined_assembly 
_pdbx_struct_assembly.method_details       ? 
_pdbx_struct_assembly.oligomeric_details   monomeric 
_pdbx_struct_assembly.oligomeric_count     1 
# 
_pdbx_struct_assembly_gen.assembly_id       1 
_pdbx_struct_assembly_gen.oper_expression   1 
_pdbx_struct_assembly_gen.asym_id_list      A 
# 
_pdbx_struct_oper_list.id                   1 
_pdbx_struct_oper_list.type                 'identity operation' 
_pdbx_struct_oper_list.name                 1_555 
_pdbx_struct_oper_list.symmetry_operation   x,y,z 
_pdbx_struct_oper_list.matrix[1][1]         1.0000000000 
_pdbx_struct_oper_list.matrix[1][2]         0.0000000000 
_pdbx_struct_oper_list.matrix[1][3]         0.0000000000 
_pdbx_struct_oper_list.vector[1]            0.0000000000 
_pdbx_struct_oper_list.matrix[2][1]         0.0000000000 
_pdbx_struct_oper_list.matrix[2][2]         1.0000000000 
_pdbx_struct_oper_list.matrix[2][3]         0.0000000000 
_pdbx_struct_oper_list.vector[2]            0.0000000000 
_pdbx_struct_oper_list.matrix[3][1]         0.0000000000 
_pdbx_struct_oper_list.matrix[3][2]         0.0000000000 
_pdbx_struct_oper_list.matrix[3][3]         1.0000000000 
_pdbx_struct_oper_list.vector[3]            0.0000000000 
# 
_struct_biol.id   1 
# 
loop_
_struct_conf.conf_type_id 
_struct_conf.id 
_struct_conf.pdbx_PDB_helix_id 
_struct_conf.beg_label_comp_id 
_struct_conf.beg_label_asym_id 
_struct_conf.beg_label_seq_id 
_struct_conf.pdbx_beg_PDB_ins_code 
_struct_conf.end_label_comp_id 
_struct_conf.end_label_asym_id 
_struct_conf.end_label_seq_id 
_struct_conf.pdbx_end_PDB_ins_code 
_struct_conf.beg_auth_comp_id 
_struct_conf.beg_auth_asym_id 
_struct_conf.beg_auth_seq_id 
_struct_conf.end_auth_comp_id 
_struct_conf.end_auth_asym_id 
_struct_conf.end_auth_seq_id 
_struct_conf.pdbx_PDB_helix_class 
_struct_conf.details 
_struct_conf.pdbx_PDB_helix_length 
HELX_P HELX_P1 1 LEU A 2 ? ASP A 5  ? LEU A 268 ASP A 271 1 ? 4  
HELX_P HELX_P2 2 GLN A 9 ? ALA A 20 ? GLN A 275 ALA A 286 1 ? 12 
# 
_struct_conf_type.id          HELX_P 
_struct_conf_type.criteria    ? 
_struct_conf_type.reference   ? 
# 
_pdbx_validate_close_contact.id               1 
_pdbx_validate_close_contact.PDB_model_num    4 
_pdbx_validate_close_contact.auth_atom_id_1   HD13 
_pdbx_validate_close_contact.auth_asym_id_1   A 
_pdbx_validate_close_contact.auth_comp_id_1   LEU 
_pdbx_validate_close_contact.auth_seq_id_1    268 
_pdbx_validate_close_contact.PDB_ins_code_1   ? 
_pdbx_validate_close_contact.label_alt_id_1   ? 
_pdbx_validate_close_contact.auth_atom_id_2   HB3 
_pdbx_validate_close_contact.auth_asym_id_2   A 
_pdbx_validate_close_contact.auth_comp_id_2   ASP 
_pdbx_validate_close_contact.auth_seq_id_2    271 
_pdbx_validate_close_contact.PDB_ins_code_2   ? 
_pdbx_validate_close_contact.label_alt_id_2   ? 
_pdbx_validate_close_contact.dist             1.21 
# 
loop_
_pdbx_validate_rmsd_bond.id 
_pdbx_validate_rmsd_bond.PDB_model_num 
_pdbx_validate_rmsd_bond.auth_atom_id_1 
_pdbx_validate_rmsd_bond.auth_asym_id_1 
_pdbx_validate_rmsd_bond.auth_comp_id_1 
_pdbx_validate_rmsd_bond.auth_seq_id_1 
_pdbx_validate_rmsd_bond.PDB_ins_code_1 
_pdbx_validate_rmsd_bond.label_alt_id_1 
_pdbx_validate_rmsd_bond.auth_atom_id_2 
_pdbx_validate_rmsd_bond.auth_asym_id_2 
_pdbx_validate_rmsd_bond.auth_comp_id_2 
_pdbx_validate_rmsd_bond.auth_seq_id_2 
_pdbx_validate_rmsd_bond.PDB_ins_code_2 
_pdbx_validate_rmsd_bond.label_alt_id_2 
_pdbx_validate_rmsd_bond.bond_value 
_pdbx_validate_rmsd_bond.bond_target_value 
_pdbx_validate_rmsd_bond.bond_deviation 
_pdbx_validate_rmsd_bond.bond_standard_deviation 
_pdbx_validate_rmsd_bond.linker_flag 
1  1 CD A GLU 270 ? ? OE2 A GLU 270 ? ? 1.362 1.252 0.110 0.011 N 
2  1 CD A GLU 281 ? ? OE2 A GLU 281 ? ? 1.361 1.252 0.109 0.011 N 
3  2 CD A GLU 270 ? ? OE2 A GLU 270 ? ? 1.361 1.252 0.109 0.011 N 
4  2 CD A GLU 281 ? ? OE2 A GLU 281 ? ? 1.362 1.252 0.110 0.011 N 
5  3 CD A GLU 270 ? ? OE2 A GLU 270 ? ? 1.362 1.252 0.110 0.011 N 
6  3 CD A GLU 281 ? ? OE1 A GLU 281 ? ? 1.362 1.252 0.110 0.011 N 
7  4 CD A GLU 270 ? ? OE1 A GLU 270 ? ? 1.361 1.252 0.109 0.011 N 
8  4 CD A GLU 281 ? ? OE2 A GLU 281 ? ? 1.362 1.252 0.110 0.011 N 
9  5 CD A GLU 270 ? ? OE2 A GLU 270 ? ? 1.362 1.252 0.110 0.011 N 
10 5 CD A GLU 281 ? ? OE2 A GLU 281 ? ? 1.361 1.252 0.109 0.011 N 
# 
loop_
_pdbx_validate_rmsd_angle.id 
_pdbx_validate_rmsd_angle.PDB_model_num 
_pdbx_validate_rmsd_angle.auth_atom_id_1 
_pdbx_validate_rmsd_angle.auth_asym_id_1 
_pdbx_validate_rmsd_angle.auth_comp_id_1 
_pdbx_validate_rmsd_angle.auth_seq_id_1 
_pdbx_validate_rmsd_angle.PDB_ins_code_1 
_pdbx_validate_rmsd_angle.label_alt_id_1 
_pdbx_validate_rmsd_angle.auth_atom_id_2 
_pdbx_validate_rmsd_angle.auth_asym_id_2 
_pdbx_validate_rmsd_angle.auth_comp_id_2 
_pdbx_validate_rmsd_angle.auth_seq_id_2 
_pdbx_validate_rmsd_angle.PDB_ins_code_2 
_pdbx_validate_rmsd_angle.label_alt_id_2 
_pdbx_validate_rmsd_angle.auth_atom_id_3 
_pdbx_validate_rmsd_angle.auth_asym_id_3 
_pdbx_validate_rmsd_angle.auth_comp_id_3 
_pdbx_validate_rmsd_angle.auth_seq_id_3 
_pdbx_validate_rmsd_angle.PDB_ins_code_3 
_pdbx_validate_rmsd_angle.label_alt_id_3 
_pdbx_validate_rmsd_angle.angle_value 
_pdbx_validate_rmsd_angle.angle_target_value 
_pdbx_validate_rmsd_angle.angle_deviation 
_pdbx_validate_rmsd_angle.angle_standard_deviation 
_pdbx_validate_rmsd_angle.linker_flag 
1  1 CB A ASP 271 ? ? CG A ASP 271 ? ? OD2 A ASP 271 ? ? 112.80 118.30 -5.50 0.90 N 
2  1 NE A ARG 274 ? ? CZ A ARG 274 ? ? NH1 A ARG 274 ? ? 124.34 120.30 4.04  0.50 N 
3  2 CB A ASP 271 ? ? CG A ASP 271 ? ? OD2 A ASP 271 ? ? 112.83 118.30 -5.47 0.90 N 
4  2 NE A ARG 274 ? ? CZ A ARG 274 ? ? NH1 A ARG 274 ? ? 124.31 120.30 4.01  0.50 N 
5  3 CB A ASP 271 ? ? CG A ASP 271 ? ? OD1 A ASP 271 ? ? 112.78 118.30 -5.52 0.90 N 
6  3 NE A ARG 274 ? ? CZ A ARG 274 ? ? NH1 A ARG 274 ? ? 124.33 120.30 4.03  0.50 N 
7  4 CB A ASP 271 ? ? CG A ASP 271 ? ? OD2 A ASP 271 ? ? 112.85 118.30 -5.45 0.90 N 
8  4 NE A ARG 274 ? ? CZ A ARG 274 ? ? NH1 A ARG 274 ? ? 124.38 120.30 4.08  0.50 N 
9  5 CB A ASP 271 ? ? CG A ASP 271 ? ? OD2 A ASP 271 ? ? 112.84 118.30 -5.46 0.90 N 
10 5 NE A ARG 274 ? ? CZ A ARG 274 ? ? NH1 A ARG 274 ? ? 124.38 120.30 4.08  0.50 N 
# 
loop_
_pdbx_validate_torsion.id 
_pdbx_validate_torsion.PDB_model_num 
_pdbx_validate_torsion.auth_comp_id 
_pdbx_validate_torsion.auth_asym_id 
_pdbx_validate_torsion.auth_seq_id 
_pdbx_validate_torsion.PDB_ins_code 
_pdbx_validate_torsion.label_alt_id 
_pdbx_validate_torsion.phi 
_pdbx_validate_torsion.psi 
1  1 ARG A 274 ? ? -160.60 -64.27  
2  2 GLU A 270 ? ? -92.50  32.54   
3  2 ASP A 271 ? ? -152.65 37.13   
4  2 MET A 272 ? ? -155.42 29.86   
5  2 GLN A 273 ? ? -154.82 36.70   
6  2 ARG A 274 ? ? -159.68 -63.40  
7  2 VAL A 287 ? ? 42.50   70.75   
8  3 LEU A 268 ? ? -99.67  33.28   
9  3 VAL A 269 ? ? -147.80 -49.07  
10 3 ASP A 271 ? ? -95.83  33.78   
11 3 MET A 272 ? ? -148.34 28.53   
12 3 GLN A 273 ? ? -159.61 46.54   
13 3 ARG A 274 ? ? -155.54 -66.54  
14 4 LEU A 268 ? ? -94.91  -106.69 
15 4 VAL A 269 ? ? 49.37   21.98   
16 4 GLU A 270 ? ? -142.26 -49.13  
17 4 GLN A 273 ? ? -153.13 45.08   
18 4 ARG A 274 ? ? -153.56 -68.95  
19 4 VAL A 280 ? ? -125.94 -56.84  
20 5 GLN A 273 ? ? -148.96 40.31   
21 5 ARG A 274 ? ? -152.45 -64.20  
# 
_pdbx_nmr_ensemble.entry_id                             1OEG 
_pdbx_nmr_ensemble.conformers_calculated_total_number   ? 
_pdbx_nmr_ensemble.conformers_submitted_total_number    5 
_pdbx_nmr_ensemble.conformer_selection_criteria         ? 
# 
_pdbx_nmr_exptl_sample_conditions.conditions_id       1 
_pdbx_nmr_exptl_sample_conditions.temperature         310 
_pdbx_nmr_exptl_sample_conditions.pressure            ? 
_pdbx_nmr_exptl_sample_conditions.pH                  6.0 
_pdbx_nmr_exptl_sample_conditions.ionic_strength      ? 
_pdbx_nmr_exptl_sample_conditions.pressure_units      . 
_pdbx_nmr_exptl_sample_conditions.temperature_units   K 
# 
_pdbx_nmr_software.classification   refinement 
_pdbx_nmr_software.name             DGII 
_pdbx_nmr_software.version          ? 
_pdbx_nmr_software.authors          HAVEL 
_pdbx_nmr_software.ordinal          1 
# 
loop_
_chem_comp_atom.comp_id 
_chem_comp_atom.atom_id 
_chem_comp_atom.type_symbol 
_chem_comp_atom.pdbx_aromatic_flag 
_chem_comp_atom.pdbx_stereo_config 
_chem_comp_atom.pdbx_ordinal 
ALA N    N N N 1   
ALA CA   C N S 2   
ALA C    C N N 3   
ALA O    O N N 4   
ALA CB   C N N 5   
ALA OXT  O N N 6   
ALA H    H N N 7   
ALA H2   H N N 8   
ALA HA   H N N 9   
ALA HB1  H N N 10  
ALA HB2  H N N 11  
ALA HB3  H N N 12  
ALA HXT  H N N 13  
ARG N    N N N 14  
ARG CA   C N S 15  
ARG C    C N N 16  
ARG O    O N N 17  
ARG CB   C N N 18  
ARG CG   C N N 19  
ARG CD   C N N 20  
ARG NE   N N N 21  
ARG CZ   C N N 22  
ARG NH1  N N N 23  
ARG NH2  N N N 24  
ARG OXT  O N N 25  
ARG H    H N N 26  
ARG H2   H N N 27  
ARG HA   H N N 28  
ARG HB2  H N N 29  
ARG HB3  H N N 30  
ARG HG2  H N N 31  
ARG HG3  H N N 32  
ARG HD2  H N N 33  
ARG HD3  H N N 34  
ARG HE   H N N 35  
ARG HH11 H N N 36  
ARG HH12 H N N 37  
ARG HH21 H N N 38  
ARG HH22 H N N 39  
ARG HXT  H N N 40  
ASP N    N N N 41  
ASP CA   C N S 42  
ASP C    C N N 43  
ASP O    O N N 44  
ASP CB   C N N 45  
ASP CG   C N N 46  
ASP OD1  O N N 47  
ASP OD2  O N N 48  
ASP OXT  O N N 49  
ASP H    H N N 50  
ASP H2   H N N 51  
ASP HA   H N N 52  
ASP HB2  H N N 53  
ASP HB3  H N N 54  
ASP HD2  H N N 55  
ASP HXT  H N N 56  
GLN N    N N N 57  
GLN CA   C N S 58  
GLN C    C N N 59  
GLN O    O N N 60  
GLN CB   C N N 61  
GLN CG   C N N 62  
GLN CD   C N N 63  
GLN OE1  O N N 64  
GLN NE2  N N N 65  
GLN OXT  O N N 66  
GLN H    H N N 67  
GLN H2   H N N 68  
GLN HA   H N N 69  
GLN HB2  H N N 70  
GLN HB3  H N N 71  
GLN HG2  H N N 72  
GLN HG3  H N N 73  
GLN HE21 H N N 74  
GLN HE22 H N N 75  
GLN HXT  H N N 76  
GLU N    N N N 77  
GLU CA   C N S 78  
GLU C    C N N 79  
GLU O    O N N 80  
GLU CB   C N N 81  
GLU CG   C N N 82  
GLU CD   C N N 83  
GLU OE1  O N N 84  
GLU OE2  O N N 85  
GLU OXT  O N N 86  
GLU H    H N N 87  
GLU H2   H N N 88  
GLU HA   H N N 89  
GLU HB2  H N N 90  
GLU HB3  H N N 91  
GLU HG2  H N N 92  
GLU HG3  H N N 93  
GLU HE2  H N N 94  
GLU HXT  H N N 95  
GLY N    N N N 96  
GLY CA   C N N 97  
GLY C    C N N 98  
GLY O    O N N 99  
GLY OXT  O N N 100 
GLY H    H N N 101 
GLY H2   H N N 102 
GLY HA2  H N N 103 
GLY HA3  H N N 104 
GLY HXT  H N N 105 
LEU N    N N N 106 
LEU CA   C N S 107 
LEU C    C N N 108 
LEU O    O N N 109 
LEU CB   C N N 110 
LEU CG   C N N 111 
LEU CD1  C N N 112 
LEU CD2  C N N 113 
LEU OXT  O N N 114 
LEU H    H N N 115 
LEU H2   H N N 116 
LEU HA   H N N 117 
LEU HB2  H N N 118 
LEU HB3  H N N 119 
LEU HG   H N N 120 
LEU HD11 H N N 121 
LEU HD12 H N N 122 
LEU HD13 H N N 123 
LEU HD21 H N N 124 
LEU HD22 H N N 125 
LEU HD23 H N N 126 
LEU HXT  H N N 127 
LYS N    N N N 128 
LYS CA   C N S 129 
LYS C    C N N 130 
LYS O    O N N 131 
LYS CB   C N N 132 
LYS CG   C N N 133 
LYS CD   C N N 134 
LYS CE   C N N 135 
LYS NZ   N N N 136 
LYS OXT  O N N 137 
LYS H    H N N 138 
LYS H2   H N N 139 
LYS HA   H N N 140 
LYS HB2  H N N 141 
LYS HB3  H N N 142 
LYS HG2  H N N 143 
LYS HG3  H N N 144 
LYS HD2  H N N 145 
LYS HD3  H N N 146 
LYS HE2  H N N 147 
LYS HE3  H N N 148 
LYS HZ1  H N N 149 
LYS HZ2  H N N 150 
LYS HZ3  H N N 151 
LYS HXT  H N N 152 
MET N    N N N 153 
MET CA   C N S 154 
MET C    C N N 155 
MET O    O N N 156 
MET CB   C N N 157 
MET CG   C N N 158 
MET SD   S N N 159 
MET CE   C N N 160 
MET OXT  O N N 161 
MET H    H N N 162 
MET H2   H N N 163 
MET HA   H N N 164 
MET HB2  H N N 165 
MET HB3  H N N 166 
MET HG2  H N N 167 
MET HG3  H N N 168 
MET HE1  H N N 169 
MET HE2  H N N 170 
MET HE3  H N N 171 
MET HXT  H N N 172 
PRO N    N N N 173 
PRO CA   C N S 174 
PRO C    C N N 175 
PRO O    O N N 176 
PRO CB   C N N 177 
PRO CG   C N N 178 
PRO CD   C N N 179 
PRO OXT  O N N 180 
PRO H    H N N 181 
PRO HA   H N N 182 
PRO HB2  H N N 183 
PRO HB3  H N N 184 
PRO HG2  H N N 185 
PRO HG3  H N N 186 
PRO HD2  H N N 187 
PRO HD3  H N N 188 
PRO HXT  H N N 189 
THR N    N N N 190 
THR CA   C N S 191 
THR C    C N N 192 
THR O    O N N 193 
THR CB   C N R 194 
THR OG1  O N N 195 
THR CG2  C N N 196 
THR OXT  O N N 197 
THR H    H N N 198 
THR H2   H N N 199 
THR HA   H N N 200 
THR HB   H N N 201 
THR HG1  H N N 202 
THR HG21 H N N 203 
THR HG22 H N N 204 
THR HG23 H N N 205 
THR HXT  H N N 206 
TRP N    N N N 207 
TRP CA   C N S 208 
TRP C    C N N 209 
TRP O    O N N 210 
TRP CB   C N N 211 
TRP CG   C Y N 212 
TRP CD1  C Y N 213 
TRP CD2  C Y N 214 
TRP NE1  N Y N 215 
TRP CE2  C Y N 216 
TRP CE3  C Y N 217 
TRP CZ2  C Y N 218 
TRP CZ3  C Y N 219 
TRP CH2  C Y N 220 
TRP OXT  O N N 221 
TRP H    H N N 222 
TRP H2   H N N 223 
TRP HA   H N N 224 
TRP HB2  H N N 225 
TRP HB3  H N N 226 
TRP HD1  H N N 227 
TRP HE1  H N N 228 
TRP HE3  H N N 229 
TRP HZ2  H N N 230 
TRP HZ3  H N N 231 
TRP HH2  H N N 232 
TRP HXT  H N N 233 
VAL N    N N N 234 
VAL CA   C N S 235 
VAL C    C N N 236 
VAL O    O N N 237 
VAL CB   C N N 238 
VAL CG1  C N N 239 
VAL CG2  C N N 240 
VAL OXT  O N N 241 
VAL H    H N N 242 
VAL H2   H N N 243 
VAL HA   H N N 244 
VAL HB   H N N 245 
VAL HG11 H N N 246 
VAL HG12 H N N 247 
VAL HG13 H N N 248 
VAL HG21 H N N 249 
VAL HG22 H N N 250 
VAL HG23 H N N 251 
VAL HXT  H N N 252 
# 
loop_
_chem_comp_bond.comp_id 
_chem_comp_bond.atom_id_1 
_chem_comp_bond.atom_id_2 
_chem_comp_bond.value_order 
_chem_comp_bond.pdbx_aromatic_flag 
_chem_comp_bond.pdbx_stereo_config 
_chem_comp_bond.pdbx_ordinal 
ALA N   CA   sing N N 1   
ALA N   H    sing N N 2   
ALA N   H2   sing N N 3   
ALA CA  C    sing N N 4   
ALA CA  CB   sing N N 5   
ALA CA  HA   sing N N 6   
ALA C   O    doub N N 7   
ALA C   OXT  sing N N 8   
ALA CB  HB1  sing N N 9   
ALA CB  HB2  sing N N 10  
ALA CB  HB3  sing N N 11  
ALA OXT HXT  sing N N 12  
ARG N   CA   sing N N 13  
ARG N   H    sing N N 14  
ARG N   H2   sing N N 15  
ARG CA  C    sing N N 16  
ARG CA  CB   sing N N 17  
ARG CA  HA   sing N N 18  
ARG C   O    doub N N 19  
ARG C   OXT  sing N N 20  
ARG CB  CG   sing N N 21  
ARG CB  HB2  sing N N 22  
ARG CB  HB3  sing N N 23  
ARG CG  CD   sing N N 24  
ARG CG  HG2  sing N N 25  
ARG CG  HG3  sing N N 26  
ARG CD  NE   sing N N 27  
ARG CD  HD2  sing N N 28  
ARG CD  HD3  sing N N 29  
ARG NE  CZ   sing N N 30  
ARG NE  HE   sing N N 31  
ARG CZ  NH1  sing N N 32  
ARG CZ  NH2  doub N N 33  
ARG NH1 HH11 sing N N 34  
ARG NH1 HH12 sing N N 35  
ARG NH2 HH21 sing N N 36  
ARG NH2 HH22 sing N N 37  
ARG OXT HXT  sing N N 38  
ASP N   CA   sing N N 39  
ASP N   H    sing N N 40  
ASP N   H2   sing N N 41  
ASP CA  C    sing N N 42  
ASP CA  CB   sing N N 43  
ASP CA  HA   sing N N 44  
ASP C   O    doub N N 45  
ASP C   OXT  sing N N 46  
ASP CB  CG   sing N N 47  
ASP CB  HB2  sing N N 48  
ASP CB  HB3  sing N N 49  
ASP CG  OD1  doub N N 50  
ASP CG  OD2  sing N N 51  
ASP OD2 HD2  sing N N 52  
ASP OXT HXT  sing N N 53  
GLN N   CA   sing N N 54  
GLN N   H    sing N N 55  
GLN N   H2   sing N N 56  
GLN CA  C    sing N N 57  
GLN CA  CB   sing N N 58  
GLN CA  HA   sing N N 59  
GLN C   O    doub N N 60  
GLN C   OXT  sing N N 61  
GLN CB  CG   sing N N 62  
GLN CB  HB2  sing N N 63  
GLN CB  HB3  sing N N 64  
GLN CG  CD   sing N N 65  
GLN CG  HG2  sing N N 66  
GLN CG  HG3  sing N N 67  
GLN CD  OE1  doub N N 68  
GLN CD  NE2  sing N N 69  
GLN NE2 HE21 sing N N 70  
GLN NE2 HE22 sing N N 71  
GLN OXT HXT  sing N N 72  
GLU N   CA   sing N N 73  
GLU N   H    sing N N 74  
GLU N   H2   sing N N 75  
GLU CA  C    sing N N 76  
GLU CA  CB   sing N N 77  
GLU CA  HA   sing N N 78  
GLU C   O    doub N N 79  
GLU C   OXT  sing N N 80  
GLU CB  CG   sing N N 81  
GLU CB  HB2  sing N N 82  
GLU CB  HB3  sing N N 83  
GLU CG  CD   sing N N 84  
GLU CG  HG2  sing N N 85  
GLU CG  HG3  sing N N 86  
GLU CD  OE1  doub N N 87  
GLU CD  OE2  sing N N 88  
GLU OE2 HE2  sing N N 89  
GLU OXT HXT  sing N N 90  
GLY N   CA   sing N N 91  
GLY N   H    sing N N 92  
GLY N   H2   sing N N 93  
GLY CA  C    sing N N 94  
GLY CA  HA2  sing N N 95  
GLY CA  HA3  sing N N 96  
GLY C   O    doub N N 97  
GLY C   OXT  sing N N 98  
GLY OXT HXT  sing N N 99  
LEU N   CA   sing N N 100 
LEU N   H    sing N N 101 
LEU N   H2   sing N N 102 
LEU CA  C    sing N N 103 
LEU CA  CB   sing N N 104 
LEU CA  HA   sing N N 105 
LEU C   O    doub N N 106 
LEU C   OXT  sing N N 107 
LEU CB  CG   sing N N 108 
LEU CB  HB2  sing N N 109 
LEU CB  HB3  sing N N 110 
LEU CG  CD1  sing N N 111 
LEU CG  CD2  sing N N 112 
LEU CG  HG   sing N N 113 
LEU CD1 HD11 sing N N 114 
LEU CD1 HD12 sing N N 115 
LEU CD1 HD13 sing N N 116 
LEU CD2 HD21 sing N N 117 
LEU CD2 HD22 sing N N 118 
LEU CD2 HD23 sing N N 119 
LEU OXT HXT  sing N N 120 
LYS N   CA   sing N N 121 
LYS N   H    sing N N 122 
LYS N   H2   sing N N 123 
LYS CA  C    sing N N 124 
LYS CA  CB   sing N N 125 
LYS CA  HA   sing N N 126 
LYS C   O    doub N N 127 
LYS C   OXT  sing N N 128 
LYS CB  CG   sing N N 129 
LYS CB  HB2  sing N N 130 
LYS CB  HB3  sing N N 131 
LYS CG  CD   sing N N 132 
LYS CG  HG2  sing N N 133 
LYS CG  HG3  sing N N 134 
LYS CD  CE   sing N N 135 
LYS CD  HD2  sing N N 136 
LYS CD  HD3  sing N N 137 
LYS CE  NZ   sing N N 138 
LYS CE  HE2  sing N N 139 
LYS CE  HE3  sing N N 140 
LYS NZ  HZ1  sing N N 141 
LYS NZ  HZ2  sing N N 142 
LYS NZ  HZ3  sing N N 143 
LYS OXT HXT  sing N N 144 
MET N   CA   sing N N 145 
MET N   H    sing N N 146 
MET N   H2   sing N N 147 
MET CA  C    sing N N 148 
MET CA  CB   sing N N 149 
MET CA  HA   sing N N 150 
MET C   O    doub N N 151 
MET C   OXT  sing N N 152 
MET CB  CG   sing N N 153 
MET CB  HB2  sing N N 154 
MET CB  HB3  sing N N 155 
MET CG  SD   sing N N 156 
MET CG  HG2  sing N N 157 
MET CG  HG3  sing N N 158 
MET SD  CE   sing N N 159 
MET CE  HE1  sing N N 160 
MET CE  HE2  sing N N 161 
MET CE  HE3  sing N N 162 
MET OXT HXT  sing N N 163 
PRO N   CA   sing N N 164 
PRO N   CD   sing N N 165 
PRO N   H    sing N N 166 
PRO CA  C    sing N N 167 
PRO CA  CB   sing N N 168 
PRO CA  HA   sing N N 169 
PRO C   O    doub N N 170 
PRO C   OXT  sing N N 171 
PRO CB  CG   sing N N 172 
PRO CB  HB2  sing N N 173 
PRO CB  HB3  sing N N 174 
PRO CG  CD   sing N N 175 
PRO CG  HG2  sing N N 176 
PRO CG  HG3  sing N N 177 
PRO CD  HD2  sing N N 178 
PRO CD  HD3  sing N N 179 
PRO OXT HXT  sing N N 180 
THR N   CA   sing N N 181 
THR N   H    sing N N 182 
THR N   H2   sing N N 183 
THR CA  C    sing N N 184 
THR CA  CB   sing N N 185 
THR CA  HA   sing N N 186 
THR C   O    doub N N 187 
THR C   OXT  sing N N 188 
THR CB  OG1  sing N N 189 
THR CB  CG2  sing N N 190 
THR CB  HB   sing N N 191 
THR OG1 HG1  sing N N 192 
THR CG2 HG21 sing N N 193 
THR CG2 HG22 sing N N 194 
THR CG2 HG23 sing N N 195 
THR OXT HXT  sing N N 196 
TRP N   CA   sing N N 197 
TRP N   H    sing N N 198 
TRP N   H2   sing N N 199 
TRP CA  C    sing N N 200 
TRP CA  CB   sing N N 201 
TRP CA  HA   sing N N 202 
TRP C   O    doub N N 203 
TRP C   OXT  sing N N 204 
TRP CB  CG   sing N N 205 
TRP CB  HB2  sing N N 206 
TRP CB  HB3  sing N N 207 
TRP CG  CD1  doub Y N 208 
TRP CG  CD2  sing Y N 209 
TRP CD1 NE1  sing Y N 210 
TRP CD1 HD1  sing N N 211 
TRP CD2 CE2  doub Y N 212 
TRP CD2 CE3  sing Y N 213 
TRP NE1 CE2  sing Y N 214 
TRP NE1 HE1  sing N N 215 
TRP CE2 CZ2  sing Y N 216 
TRP CE3 CZ3  doub Y N 217 
TRP CE3 HE3  sing N N 218 
TRP CZ2 CH2  doub Y N 219 
TRP CZ2 HZ2  sing N N 220 
TRP CZ3 CH2  sing Y N 221 
TRP CZ3 HZ3  sing N N 222 
TRP CH2 HH2  sing N N 223 
TRP OXT HXT  sing N N 224 
VAL N   CA   sing N N 225 
VAL N   H    sing N N 226 
VAL N   H2   sing N N 227 
VAL CA  C    sing N N 228 
VAL CA  CB   sing N N 229 
VAL CA  HA   sing N N 230 
VAL C   O    doub N N 231 
VAL C   OXT  sing N N 232 
VAL CB  CG1  sing N N 233 
VAL CB  CG2  sing N N 234 
VAL CB  HB   sing N N 235 
VAL CG1 HG11 sing N N 236 
VAL CG1 HG12 sing N N 237 
VAL CG1 HG13 sing N N 238 
VAL CG2 HG21 sing N N 239 
VAL CG2 HG22 sing N N 240 
VAL CG2 HG23 sing N N 241 
VAL OXT HXT  sing N N 242 
# 
_atom_sites.entry_id                    1OEG 
_atom_sites.fract_transf_matrix[1][1]   1.000000 
_atom_sites.fract_transf_matrix[1][2]   0.000000 
_atom_sites.fract_transf_matrix[1][3]   0.000000 
_atom_sites.fract_transf_matrix[2][1]   0.000000 
_atom_sites.fract_transf_matrix[2][2]   1.000000 
_atom_sites.fract_transf_matrix[2][3]   0.000000 
_atom_sites.fract_transf_matrix[3][1]   0.000000 
_atom_sites.fract_transf_matrix[3][2]   0.000000 
_atom_sites.fract_transf_matrix[3][3]   1.000000 
_atom_sites.fract_transf_vector[1]      0.00000 
_atom_sites.fract_transf_vector[2]      0.00000 
_atom_sites.fract_transf_vector[3]      0.00000 
# 
loop_
_atom_type.symbol 
C 
H 
N 
O 
S 
# 
loop_
_atom_site.group_PDB 
_atom_site.id 
_atom_site.type_symbol 
_atom_site.label_atom_id 
_atom_site.label_alt_id 
_atom_site.label_comp_id 
_atom_site.label_asym_id 
_atom_site.label_entity_id 
_atom_site.label_seq_id 
_atom_site.pdbx_PDB_ins_code 
_atom_site.Cartn_x 
_atom_site.Cartn_y 
_atom_site.Cartn_z 
_atom_site.occupancy 
_atom_site.B_iso_or_equiv 
_atom_site.pdbx_formal_charge 
_atom_site.auth_seq_id 
_atom_site.auth_comp_id 
_atom_site.auth_asym_id 
_atom_site.auth_atom_id 
_atom_site.pdbx_PDB_model_num 
ATOM 1    N N    . PRO A 1 1  ? -17.497 -3.479 0.036  1.00 0.00 ? 267 PRO A N    1 
ATOM 2    C CA   . PRO A 1 1  ? -16.149 -2.895 0.457  1.00 0.00 ? 267 PRO A CA   1 
ATOM 3    C C    . PRO A 1 1  ? -14.976 -3.322 -0.395 1.00 0.00 ? 267 PRO A C    1 
ATOM 4    O O    . PRO A 1 1  ? -13.975 -3.859 0.093  1.00 0.00 ? 267 PRO A O    1 
ATOM 5    C CB   . PRO A 1 1  ? -15.913 -3.379 1.882  1.00 0.00 ? 267 PRO A CB   1 
ATOM 6    C CG   . PRO A 1 1  ? -16.559 -4.774 1.824  1.00 0.00 ? 267 PRO A CG   1 
ATOM 7    C CD   . PRO A 1 1  ? -17.835 -4.548 1.007  1.00 0.00 ? 267 PRO A CD   1 
ATOM 8    H H2   . PRO A 1 1  ? -17.379 -3.852 -0.917 1.00 0.00 ? 267 PRO A H2   1 
ATOM 9    H H3   . PRO A 1 1  ? -18.181 -2.709 0.062  1.00 0.00 ? 267 PRO A H3   1 
ATOM 10   H HA   . PRO A 1 1  ? -16.197 -1.815 0.417  1.00 0.00 ? 267 PRO A HA   1 
ATOM 11   H HB2  . PRO A 1 1  ? -14.828 -3.505 2.049  1.00 0.00 ? 267 PRO A HB2  1 
ATOM 12   H HB3  . PRO A 1 1  ? -16.477 -2.748 2.579  1.00 0.00 ? 267 PRO A HB3  1 
ATOM 13   H HG2  . PRO A 1 1  ? -16.039 -5.484 1.160  1.00 0.00 ? 267 PRO A HG2  1 
ATOM 14   H HG3  . PRO A 1 1  ? -16.743 -5.074 2.864  1.00 0.00 ? 267 PRO A HG3  1 
ATOM 15   H HD2  . PRO A 1 1  ? -18.099 -5.470 0.463  1.00 0.00 ? 267 PRO A HD2  1 
ATOM 16   H HD3  . PRO A 1 1  ? -18.633 -4.183 1.673  1.00 0.00 ? 267 PRO A HD3  1 
ATOM 17   N N    . LEU A 1 2  ? -15.074 -3.071 -1.687 1.00 0.00 ? 268 LEU A N    1 
ATOM 18   C CA   . LEU A 1 2  ? -13.968 -3.304 -2.611 1.00 0.00 ? 268 LEU A CA   1 
ATOM 19   C C    . LEU A 1 2  ? -12.976 -2.165 -2.565 1.00 0.00 ? 268 LEU A C    1 
ATOM 20   O O    . LEU A 1 2  ? -11.758 -2.362 -2.654 1.00 0.00 ? 268 LEU A O    1 
ATOM 21   C CB   . LEU A 1 2  ? -14.501 -3.522 -4.059 1.00 0.00 ? 268 LEU A CB   1 
ATOM 22   C CG   . LEU A 1 2  ? -13.506 -4.023 -5.140 1.00 0.00 ? 268 LEU A CG   1 
ATOM 23   C CD1  . LEU A 1 2  ? -12.660 -2.887 -5.740 1.00 0.00 ? 268 LEU A CD1  1 
ATOM 24   C CD2  . LEU A 1 2  ? -12.581 -5.098 -4.552 1.00 0.00 ? 268 LEU A CD2  1 
ATOM 25   H H    . LEU A 1 2  ? -16.001 -2.697 -2.013 1.00 0.00 ? 268 LEU A H    1 
ATOM 26   H HA   . LEU A 1 2  ? -13.422 -4.207 -2.289 1.00 0.00 ? 268 LEU A HA   1 
ATOM 27   H HB2  . LEU A 1 2  ? -15.356 -4.224 -4.018 1.00 0.00 ? 268 LEU A HB2  1 
ATOM 28   H HB3  . LEU A 1 2  ? -14.938 -2.567 -4.412 1.00 0.00 ? 268 LEU A HB3  1 
ATOM 29   H HG   . LEU A 1 2  ? -14.093 -4.490 -5.959 1.00 0.00 ? 268 LEU A HG   1 
ATOM 30   H HD11 . LEU A 1 2  ? -13.296 -2.040 -6.058 1.00 0.00 ? 268 LEU A HD11 1 
ATOM 31   H HD12 . LEU A 1 2  ? -11.943 -2.473 -5.007 1.00 0.00 ? 268 LEU A HD12 1 
ATOM 32   H HD13 . LEU A 1 2  ? -12.084 -3.215 -6.625 1.00 0.00 ? 268 LEU A HD13 1 
ATOM 33   H HD21 . LEU A 1 2  ? -13.153 -5.915 -4.071 1.00 0.00 ? 268 LEU A HD21 1 
ATOM 34   H HD22 . LEU A 1 2  ? -11.933 -5.563 -5.319 1.00 0.00 ? 268 LEU A HD22 1 
ATOM 35   H HD23 . LEU A 1 2  ? -11.915 -4.681 -3.773 1.00 0.00 ? 268 LEU A HD23 1 
ATOM 36   N N    . VAL A 1 3  ? -13.477 -0.954 -2.411 1.00 0.00 ? 269 VAL A N    1 
ATOM 37   C CA   . VAL A 1 3  ? -12.632 0.237  -2.367 1.00 0.00 ? 269 VAL A CA   1 
ATOM 38   C C    . VAL A 1 3  ? -12.069 0.451  -0.981 1.00 0.00 ? 269 VAL A C    1 
ATOM 39   O O    . VAL A 1 3  ? -10.896 0.800  -0.800 1.00 0.00 ? 269 VAL A O    1 
ATOM 40   C CB   . VAL A 1 3  ? -13.459 1.498  -2.839 1.00 0.00 ? 269 VAL A CB   1 
ATOM 41   C CG1  . VAL A 1 3  ? -14.149 2.329  -1.721 1.00 0.00 ? 269 VAL A CG1  1 
ATOM 42   C CG2  . VAL A 1 3  ? -12.634 2.520  -3.657 1.00 0.00 ? 269 VAL A CG2  1 
ATOM 43   H H    . VAL A 1 3  ? -14.525 -0.893 -2.367 1.00 0.00 ? 269 VAL A H    1 
ATOM 44   H HA   . VAL A 1 3  ? -11.770 0.089  -3.044 1.00 0.00 ? 269 VAL A HA   1 
ATOM 45   H HB   . VAL A 1 3  ? -14.271 1.126  -3.502 1.00 0.00 ? 269 VAL A HB   1 
ATOM 46   H HG11 . VAL A 1 3  ? -13.426 2.734  -0.988 1.00 0.00 ? 269 VAL A HG11 1 
ATOM 47   H HG12 . VAL A 1 3  ? -14.718 3.188  -2.127 1.00 0.00 ? 269 VAL A HG12 1 
ATOM 48   H HG13 . VAL A 1 3  ? -14.893 1.739  -1.154 1.00 0.00 ? 269 VAL A HG13 1 
ATOM 49   H HG21 . VAL A 1 3  ? -12.144 2.050  -4.529 1.00 0.00 ? 269 VAL A HG21 1 
ATOM 50   H HG22 . VAL A 1 3  ? -13.269 3.331  -4.064 1.00 0.00 ? 269 VAL A HG22 1 
ATOM 51   H HG23 . VAL A 1 3  ? -11.838 2.997  -3.053 1.00 0.00 ? 269 VAL A HG23 1 
ATOM 52   N N    . GLU A 1 4  ? -12.896 0.236  0.026  1.00 0.00 ? 270 GLU A N    1 
ATOM 53   C CA   . GLU A 1 4  ? -12.520 0.518  1.409  1.00 0.00 ? 270 GLU A CA   1 
ATOM 54   C C    . GLU A 1 4  ? -11.456 -0.443 1.889  1.00 0.00 ? 270 GLU A C    1 
ATOM 55   O O    . GLU A 1 4  ? -10.608 -0.105 2.724  1.00 0.00 ? 270 GLU A O    1 
ATOM 56   C CB   . GLU A 1 4  ? -13.795 0.432  2.294  1.00 0.00 ? 270 GLU A CB   1 
ATOM 57   C CG   . GLU A 1 4  ? -15.161 0.799  1.627  1.00 0.00 ? 270 GLU A CG   1 
ATOM 58   C CD   . GLU A 1 4  ? -16.076 1.796  2.343  1.00 0.00 ? 270 GLU A CD   1 
ATOM 59   O OE1  . GLU A 1 4  ? -15.731 2.938  2.618  1.00 0.00 ? 270 GLU A OE1  1 
ATOM 60   O OE2  . GLU A 1 4  ? -17.306 1.293  2.644  1.00 0.00 ? 270 GLU A OE2  1 
ATOM 61   H H    . GLU A 1 4  ? -13.842 -0.142 -0.228 1.00 0.00 ? 270 GLU A H    1 
ATOM 62   H HA   . GLU A 1 4  ? -12.100 1.538  1.460  1.00 0.00 ? 270 GLU A HA   1 
ATOM 63   H HB2  . GLU A 1 4  ? -13.873 -0.593 2.708  1.00 0.00 ? 270 GLU A HB2  1 
ATOM 64   H HB3  . GLU A 1 4  ? -13.648 1.071  3.188  1.00 0.00 ? 270 GLU A HB3  1 
ATOM 65   H HG2  . GLU A 1 4  ? -14.983 1.204  0.613  1.00 0.00 ? 270 GLU A HG2  1 
ATOM 66   H HG3  . GLU A 1 4  ? -15.759 -0.116 1.453  1.00 0.00 ? 270 GLU A HG3  1 
ATOM 67   N N    . ASP A 1 5  ? -11.485 -1.659 1.376  1.00 0.00 ? 271 ASP A N    1 
ATOM 68   C CA   . ASP A 1 5  ? -10.511 -2.680 1.751  1.00 0.00 ? 271 ASP A CA   1 
ATOM 69   C C    . ASP A 1 5  ? -9.155  -2.380 1.156  1.00 0.00 ? 271 ASP A C    1 
ATOM 70   O O    . ASP A 1 5  ? -8.109  -2.587 1.781  1.00 0.00 ? 271 ASP A O    1 
ATOM 71   C CB   . ASP A 1 5  ? -11.021 -4.087 1.345  1.00 0.00 ? 271 ASP A CB   1 
ATOM 72   C CG   . ASP A 1 5  ? -9.973  -5.206 1.266  1.00 0.00 ? 271 ASP A CG   1 
ATOM 73   O OD1  . ASP A 1 5  ? -9.326  -5.584 2.232  1.00 0.00 ? 271 ASP A OD1  1 
ATOM 74   O OD2  . ASP A 1 5  ? -9.855  -5.734 0.010  1.00 0.00 ? 271 ASP A OD2  1 
ATOM 75   H H    . ASP A 1 5  ? -12.278 -1.864 0.718  1.00 0.00 ? 271 ASP A H    1 
ATOM 76   H HA   . ASP A 1 5  ? -10.396 -2.620 2.848  1.00 0.00 ? 271 ASP A HA   1 
ATOM 77   H HB2  . ASP A 1 5  ? -11.821 -4.431 2.025  1.00 0.00 ? 271 ASP A HB2  1 
ATOM 78   H HB3  . ASP A 1 5  ? -11.511 -4.026 0.352  1.00 0.00 ? 271 ASP A HB3  1 
ATOM 79   N N    . MET A 1 6  ? -9.149  -1.890 -0.070 1.00 0.00 ? 272 MET A N    1 
ATOM 80   C CA   . MET A 1 6  ? -7.907  -1.639 -0.797 1.00 0.00 ? 272 MET A CA   1 
ATOM 81   C C    . MET A 1 6  ? -7.489  -0.191 -0.698 1.00 0.00 ? 272 MET A C    1 
ATOM 82   O O    . MET A 1 6  ? -6.776  0.338  -1.562 1.00 0.00 ? 272 MET A O    1 
ATOM 83   C CB   . MET A 1 6  ? -8.076  -2.060 -2.284 1.00 0.00 ? 272 MET A CB   1 
ATOM 84   C CG   . MET A 1 6  ? -8.212  -3.575 -2.547 1.00 0.00 ? 272 MET A CG   1 
ATOM 85   S SD   . MET A 1 6  ? -6.582  -4.302 -2.784 1.00 0.00 ? 272 MET A SD   1 
ATOM 86   C CE   . MET A 1 6  ? -7.070  -5.746 -3.738 1.00 0.00 ? 272 MET A CE   1 
ATOM 87   H H    . MET A 1 6  ? -10.088 -1.685 -0.492 1.00 0.00 ? 272 MET A H    1 
ATOM 88   H HA   . MET A 1 6  ? -7.104  -2.240 -0.333 1.00 0.00 ? 272 MET A HA   1 
ATOM 89   H HB2  . MET A 1 6  ? -8.971  -1.564 -2.705 1.00 0.00 ? 272 MET A HB2  1 
ATOM 90   H HB3  . MET A 1 6  ? -7.228  -1.670 -2.883 1.00 0.00 ? 272 MET A HB3  1 
ATOM 91   H HG2  . MET A 1 6  ? -8.722  -4.090 -1.713 1.00 0.00 ? 272 MET A HG2  1 
ATOM 92   H HG3  . MET A 1 6  ? -8.827  -3.750 -3.452 1.00 0.00 ? 272 MET A HG3  1 
ATOM 93   H HE1  . MET A 1 6  ? -8.108  -6.036 -3.494 1.00 0.00 ? 272 MET A HE1  1 
ATOM 94   H HE2  . MET A 1 6  ? -7.017  -5.531 -4.820 1.00 0.00 ? 272 MET A HE2  1 
ATOM 95   H HE3  . MET A 1 6  ? -6.409  -6.605 -3.523 1.00 0.00 ? 272 MET A HE3  1 
ATOM 96   N N    . GLN A 1 7  ? -7.895  0.474  0.367  1.00 0.00 ? 273 GLN A N    1 
ATOM 97   C CA   . GLN A 1 7  ? -7.567  1.883  0.577  1.00 0.00 ? 273 GLN A CA   1 
ATOM 98   C C    . GLN A 1 7  ? -7.098  2.128  1.991  1.00 0.00 ? 273 GLN A C    1 
ATOM 99   O O    . GLN A 1 7  ? -7.336  3.188  2.582  1.00 0.00 ? 273 GLN A O    1 
ATOM 100  C CB   . GLN A 1 7  ? -8.816  2.734  0.256  1.00 0.00 ? 273 GLN A CB   1 
ATOM 101  C CG   . GLN A 1 7  ? -8.551  4.226  -0.135 1.00 0.00 ? 273 GLN A CG   1 
ATOM 102  C CD   . GLN A 1 7  ? -9.235  5.341  0.666  1.00 0.00 ? 273 GLN A CD   1 
ATOM 103  O OE1  . GLN A 1 7  ? -8.758  6.463  0.720  1.00 0.00 ? 273 GLN A OE1  1 
ATOM 104  N NE2  . GLN A 1 7  ? -10.336 5.089  1.329  1.00 0.00 ? 273 GLN A NE2  1 
ATOM 105  H H    . GLN A 1 7  ? -8.425  -0.075 1.087  1.00 0.00 ? 273 GLN A H    1 
ATOM 106  H HA   . GLN A 1 7  ? -6.738  2.150  -0.102 1.00 0.00 ? 273 GLN A HA   1 
ATOM 107  H HB2  . GLN A 1 7  ? -9.378  2.250  -0.566 1.00 0.00 ? 273 GLN A HB2  1 
ATOM 108  H HB3  . GLN A 1 7  ? -9.497  2.707  1.131  1.00 0.00 ? 273 GLN A HB3  1 
ATOM 109  H HG2  . GLN A 1 7  ? -7.472  4.456  -0.060 1.00 0.00 ? 273 GLN A HG2  1 
ATOM 110  H HG3  . GLN A 1 7  ? -8.792  4.385  -1.202 1.00 0.00 ? 273 GLN A HG3  1 
ATOM 111  H HE21 . GLN A 1 7  ? -10.693 4.138  1.229  1.00 0.00 ? 273 GLN A HE21 1 
ATOM 112  H HE22 . GLN A 1 7  ? -10.735 5.889  1.824  1.00 0.00 ? 273 GLN A HE22 1 
ATOM 113  N N    . ARG A 1 8  ? -6.413  1.151  2.556  1.00 0.00 ? 274 ARG A N    1 
ATOM 114  C CA   . ARG A 1 8  ? -5.915  1.246  3.926  1.00 0.00 ? 274 ARG A CA   1 
ATOM 115  C C    . ARG A 1 8  ? -4.802  0.254  4.165  1.00 0.00 ? 274 ARG A C    1 
ATOM 116  O O    . ARG A 1 8  ? -3.644  0.617  4.404  1.00 0.00 ? 274 ARG A O    1 
ATOM 117  C CB   . ARG A 1 8  ? -7.098  1.022  4.907  1.00 0.00 ? 274 ARG A CB   1 
ATOM 118  C CG   . ARG A 1 8  ? -6.703  0.482  6.306  1.00 0.00 ? 274 ARG A CG   1 
ATOM 119  C CD   . ARG A 1 8  ? -7.901  -0.093 7.074  1.00 0.00 ? 274 ARG A CD   1 
ATOM 120  N NE   . ARG A 1 8  ? -9.144  0.462  6.481  1.00 0.00 ? 274 ARG A NE   1 
ATOM 121  C CZ   . ARG A 1 8  ? -9.882  1.430  7.006  1.00 0.00 ? 274 ARG A CZ   1 
ATOM 122  N NH1  . ARG A 1 8  ? -9.614  2.031  8.127  1.00 0.00 ? 274 ARG A NH1  1 
ATOM 123  N NH2  . ARG A 1 8  ? -10.932 1.795  6.358  1.00 0.00 ? 274 ARG A NH2  1 
ATOM 124  H H    . ARG A 1 8  ? -6.209  0.321  1.947  1.00 0.00 ? 274 ARG A H    1 
ATOM 125  H HA   . ARG A 1 8  ? -5.496  2.259  4.071  1.00 0.00 ? 274 ARG A HA   1 
ATOM 126  H HB2  . ARG A 1 8  ? -7.652  1.974  5.048  1.00 0.00 ? 274 ARG A HB2  1 
ATOM 127  H HB3  . ARG A 1 8  ? -7.841  0.341  4.439  1.00 0.00 ? 274 ARG A HB3  1 
ATOM 128  H HG2  . ARG A 1 8  ? -5.921  -0.299 6.209  1.00 0.00 ? 274 ARG A HG2  1 
ATOM 129  H HG3  . ARG A 1 8  ? -6.243  1.278  6.925  1.00 0.00 ? 274 ARG A HG3  1 
ATOM 130  H HD2  . ARG A 1 8  ? -7.904  -1.200 7.014  1.00 0.00 ? 274 ARG A HD2  1 
ATOM 131  H HD3  . ARG A 1 8  ? -7.833  0.174  8.148  1.00 0.00 ? 274 ARG A HD3  1 
ATOM 132  H HE   . ARG A 1 8  ? -9.459  0.062  5.585  1.00 0.00 ? 274 ARG A HE   1 
ATOM 133  H HH11 . ARG A 1 8  ? -8.766  1.684  8.576  1.00 0.00 ? 274 ARG A HH11 1 
ATOM 134  H HH12 . ARG A 1 8  ? -10.258 2.761  8.428  1.00 0.00 ? 274 ARG A HH12 1 
ATOM 135  H HH21 . ARG A 1 8  ? -11.052 1.262  5.494  1.00 0.00 ? 274 ARG A HH21 1 
ATOM 136  H HH22 . ARG A 1 8  ? -11.503 2.536  6.756  1.00 0.00 ? 274 ARG A HH22 1 
ATOM 137  N N    . GLN A 1 9  ? -5.132  -1.022 4.082  1.00 0.00 ? 275 GLN A N    1 
ATOM 138  C CA   . GLN A 1 9  ? -4.140  -2.088 4.199  1.00 0.00 ? 275 GLN A CA   1 
ATOM 139  C C    . GLN A 1 9  ? -3.221  -2.106 3.001  1.00 0.00 ? 275 GLN A C    1 
ATOM 140  O O    . GLN A 1 9  ? -2.018  -2.370 3.105  1.00 0.00 ? 275 GLN A O    1 
ATOM 141  C CB   . GLN A 1 9  ? -4.877  -3.436 4.352  1.00 0.00 ? 275 GLN A CB   1 
ATOM 142  C CG   . GLN A 1 9  ? -4.184  -4.505 5.260  1.00 0.00 ? 275 GLN A CG   1 
ATOM 143  C CD   . GLN A 1 9  ? -5.041  -5.583 5.934  1.00 0.00 ? 275 GLN A CD   1 
ATOM 144  O OE1  . GLN A 1 9  ? -4.735  -6.044 7.022  1.00 0.00 ? 275 GLN A OE1  1 
ATOM 145  N NE2  . GLN A 1 9  ? -6.121  -6.025 5.341  1.00 0.00 ? 275 GLN A NE2  1 
ATOM 146  H H    . GLN A 1 9  ? -6.155  -1.226 3.965  1.00 0.00 ? 275 GLN A H    1 
ATOM 147  H HA   . GLN A 1 9  ? -3.517  -1.897 5.095  1.00 0.00 ? 275 GLN A HA   1 
ATOM 148  H HB2  . GLN A 1 9  ? -5.895  -3.245 4.748  1.00 0.00 ? 275 GLN A HB2  1 
ATOM 149  H HB3  . GLN A 1 9  ? -5.035  -3.869 3.342  1.00 0.00 ? 275 GLN A HB3  1 
ATOM 150  H HG2  . GLN A 1 9  ? -3.435  -5.073 4.679  1.00 0.00 ? 275 GLN A HG2  1 
ATOM 151  H HG3  . GLN A 1 9  ? -3.595  -4.006 6.052  1.00 0.00 ? 275 GLN A HG3  1 
ATOM 152  H HE21 . GLN A 1 9  ? -6.336  -5.581 4.447  1.00 0.00 ? 275 GLN A HE21 1 
ATOM 153  H HE22 . GLN A 1 9  ? -6.650  -6.721 5.869  1.00 0.00 ? 275 GLN A HE22 1 
ATOM 154  N N    . TRP A 1 10 ? -3.772  -1.806 1.839  1.00 0.00 ? 276 TRP A N    1 
ATOM 155  C CA   . TRP A 1 10 ? -3.011  -1.824 0.594  1.00 0.00 ? 276 TRP A CA   1 
ATOM 156  C C    . TRP A 1 10 ? -2.129  -0.602 0.475  1.00 0.00 ? 276 TRP A C    1 
ATOM 157  O O    . TRP A 1 10 ? -1.056  -0.634 -0.139 1.00 0.00 ? 276 TRP A O    1 
ATOM 158  C CB   . TRP A 1 10 ? -3.998  -1.879 -0.604 1.00 0.00 ? 276 TRP A CB   1 
ATOM 159  C CG   . TRP A 1 10 ? -3.345  -1.740 -1.985 1.00 0.00 ? 276 TRP A CG   1 
ATOM 160  C CD1  . TRP A 1 10 ? -3.308  -0.570 -2.771 1.00 0.00 ? 276 TRP A CD1  1 
ATOM 161  C CD2  . TRP A 1 10 ? -2.748  -2.725 -2.744 1.00 0.00 ? 276 TRP A CD2  1 
ATOM 162  N NE1  . TRP A 1 10 ? -2.688  -0.801 -4.015 1.00 0.00 ? 276 TRP A NE1  1 
ATOM 163  C CE2  . TRP A 1 10 ? -2.350  -2.145 -3.974 1.00 0.00 ? 276 TRP A CE2  1 
ATOM 164  C CE3  . TRP A 1 10 ? -2.533  -4.105 -2.492 1.00 0.00 ? 276 TRP A CE3  1 
ATOM 165  C CZ2  . TRP A 1 10 ? -1.687  -2.931 -4.941 1.00 0.00 ? 276 TRP A CZ2  1 
ATOM 166  C CZ3  . TRP A 1 10 ? -1.853  -4.855 -3.451 1.00 0.00 ? 276 TRP A CZ3  1 
ATOM 167  C CH2  . TRP A 1 10 ? -1.434  -4.276 -4.659 1.00 0.00 ? 276 TRP A CH2  1 
ATOM 168  H H    . TRP A 1 10 ? -4.797  -1.577 1.860  1.00 0.00 ? 276 TRP A H    1 
ATOM 169  H HA   . TRP A 1 10 ? -2.350  -2.712 0.586  1.00 0.00 ? 276 TRP A HA   1 
ATOM 170  H HB2  . TRP A 1 10 ? -4.582  -2.824 -0.572 1.00 0.00 ? 276 TRP A HB2  1 
ATOM 171  H HB3  . TRP A 1 10 ? -4.764  -1.086 -0.517 1.00 0.00 ? 276 TRP A HB3  1 
ATOM 172  H HD1  . TRP A 1 10 ? -3.750  0.370  -2.470 1.00 0.00 ? 276 TRP A HD1  1 
ATOM 173  H HE1  . TRP A 1 10 ? -2.541  -0.138 -4.783 1.00 0.00 ? 276 TRP A HE1  1 
ATOM 174  H HE3  . TRP A 1 10 ? -2.891  -4.563 -1.579 1.00 0.00 ? 276 TRP A HE3  1 
ATOM 175  H HZ2  . TRP A 1 10 ? -1.382  -2.496 -5.881 1.00 0.00 ? 276 TRP A HZ2  1 
ATOM 176  H HZ3  . TRP A 1 10 ? -1.647  -5.898 -3.260 1.00 0.00 ? 276 TRP A HZ3  1 
ATOM 177  H HH2  . TRP A 1 10 ? -0.907  -4.881 -5.382 1.00 0.00 ? 276 TRP A HH2  1 
ATOM 178  N N    . ALA A 1 11 ? -2.575  0.503  1.043  1.00 0.00 ? 277 ALA A N    1 
ATOM 179  C CA   . ALA A 1 11 ? -1.815  1.751  1.013  1.00 0.00 ? 277 ALA A CA   1 
ATOM 180  C C    . ALA A 1 11 ? -0.580  1.663  1.880  1.00 0.00 ? 277 ALA A C    1 
ATOM 181  O O    . ALA A 1 11 ? 0.413   2.370  1.665  1.00 0.00 ? 277 ALA A O    1 
ATOM 182  C CB   . ALA A 1 11 ? -2.763  2.884  1.442  1.00 0.00 ? 277 ALA A CB   1 
ATOM 183  H H    . ALA A 1 11 ? -3.530  0.445  1.477  1.00 0.00 ? 277 ALA A H    1 
ATOM 184  H HA   . ALA A 1 11 ? -1.473  1.928  -0.024 1.00 0.00 ? 277 ALA A HA   1 
ATOM 185  H HB1  . ALA A 1 11 ? -3.642  2.959  0.772  1.00 0.00 ? 277 ALA A HB1  1 
ATOM 186  H HB2  . ALA A 1 11 ? -3.150  2.738  2.468  1.00 0.00 ? 277 ALA A HB2  1 
ATOM 187  H HB3  . ALA A 1 11 ? -2.264  3.870  1.418  1.00 0.00 ? 277 ALA A HB3  1 
ATOM 188  N N    . GLY A 1 12 ? -0.627  0.820  2.895  1.00 0.00 ? 278 GLY A N    1 
ATOM 189  C CA   . GLY A 1 12 ? 0.537   0.556  3.736  1.00 0.00 ? 278 GLY A CA   1 
ATOM 190  C C    . GLY A 1 12 ? 1.629   -0.132 2.951  1.00 0.00 ? 278 GLY A C    1 
ATOM 191  O O    . GLY A 1 12 ? 2.802   0.257  2.987  1.00 0.00 ? 278 GLY A O    1 
ATOM 192  H H    . GLY A 1 12 ? -1.564  0.386  3.092  1.00 0.00 ? 278 GLY A H    1 
ATOM 193  H HA2  . GLY A 1 12 ? 0.930   1.502  4.151  1.00 0.00 ? 278 GLY A HA2  1 
ATOM 194  H HA3  . GLY A 1 12 ? 0.252   -0.079 4.594  1.00 0.00 ? 278 GLY A HA3  1 
ATOM 195  N N    . LEU A 1 13 ? 1.262   -1.176 2.230  1.00 0.00 ? 279 LEU A N    1 
ATOM 196  C CA   . LEU A 1 13 ? 2.234   -2.019 1.539  1.00 0.00 ? 279 LEU A CA   1 
ATOM 197  C C    . LEU A 1 13 ? 2.986   -1.229 0.493  1.00 0.00 ? 279 LEU A C    1 
ATOM 198  O O    . LEU A 1 13 ? 4.202   -1.378 0.317  1.00 0.00 ? 279 LEU A O    1 
ATOM 199  C CB   . LEU A 1 13 ? 1.534   -3.256 0.906  1.00 0.00 ? 279 LEU A CB   1 
ATOM 200  C CG   . LEU A 1 13 ? 1.597   -4.604 1.672  1.00 0.00 ? 279 LEU A CG   1 
ATOM 201  C CD1  . LEU A 1 13 ? 0.222   -5.280 1.801  1.00 0.00 ? 279 LEU A CD1  1 
ATOM 202  C CD2  . LEU A 1 13 ? 2.579   -5.561 0.981  1.00 0.00 ? 279 LEU A CD2  1 
ATOM 203  H H    . LEU A 1 13 ? 0.234   -1.389 2.218  1.00 0.00 ? 279 LEU A H    1 
ATOM 204  H HA   . LEU A 1 13 ? 2.988   -2.359 2.273  1.00 0.00 ? 279 LEU A HA   1 
ATOM 205  H HB2  . LEU A 1 13 ? 0.466   -3.008 0.733  1.00 0.00 ? 279 LEU A HB2  1 
ATOM 206  H HB3  . LEU A 1 13 ? 1.949   -3.414 -0.109 1.00 0.00 ? 279 LEU A HB3  1 
ATOM 207  H HG   . LEU A 1 13 ? 1.981   -4.402 2.693  1.00 0.00 ? 279 LEU A HG   1 
ATOM 208  H HD11 . LEU A 1 13 ? -0.539  -4.571 2.179  1.00 0.00 ? 279 LEU A HD11 1 
ATOM 209  H HD12 . LEU A 1 13 ? -0.155  -5.641 0.827  1.00 0.00 ? 279 LEU A HD12 1 
ATOM 210  H HD13 . LEU A 1 13 ? 0.241   -6.141 2.494  1.00 0.00 ? 279 LEU A HD13 1 
ATOM 211  H HD21 . LEU A 1 13 ? 3.571   -5.094 0.830  1.00 0.00 ? 279 LEU A HD21 1 
ATOM 212  H HD22 . LEU A 1 13 ? 2.739   -6.489 1.561  1.00 0.00 ? 279 LEU A HD22 1 
ATOM 213  H HD23 . LEU A 1 13 ? 2.219   -5.861 -0.021 1.00 0.00 ? 279 LEU A HD23 1 
ATOM 214  N N    . VAL A 1 14 ? 2.270   -0.398 -0.238 1.00 0.00 ? 280 VAL A N    1 
ATOM 215  C CA   . VAL A 1 14 ? 2.840   0.341  -1.364 1.00 0.00 ? 280 VAL A CA   1 
ATOM 216  C C    . VAL A 1 14 ? 3.684   1.501  -0.888 1.00 0.00 ? 280 VAL A C    1 
ATOM 217  O O    . VAL A 1 14 ? 4.687   1.870  -1.507 1.00 0.00 ? 280 VAL A O    1 
ATOM 218  C CB   . VAL A 1 14 ? 1.684   0.848  -2.316 1.00 0.00 ? 280 VAL A CB   1 
ATOM 219  C CG1  . VAL A 1 14 ? 1.934   2.200  -3.040 1.00 0.00 ? 280 VAL A CG1  1 
ATOM 220  C CG2  . VAL A 1 14 ? 1.306   -0.150 -3.436 1.00 0.00 ? 280 VAL A CG2  1 
ATOM 221  H H    . VAL A 1 14 ? 1.249   -0.335 0.001  1.00 0.00 ? 280 VAL A H    1 
ATOM 222  H HA   . VAL A 1 14 ? 3.507   -0.337 -1.927 1.00 0.00 ? 280 VAL A HA   1 
ATOM 223  H HB   . VAL A 1 14 ? 0.780   0.991  -1.684 1.00 0.00 ? 280 VAL A HB   1 
ATOM 224  H HG11 . VAL A 1 14 ? 2.833   2.176  -3.685 1.00 0.00 ? 280 VAL A HG11 1 
ATOM 225  H HG12 . VAL A 1 14 ? 1.080   2.499  -3.679 1.00 0.00 ? 280 VAL A HG12 1 
ATOM 226  H HG13 . VAL A 1 14 ? 2.066   3.041  -2.332 1.00 0.00 ? 280 VAL A HG13 1 
ATOM 227  H HG21 . VAL A 1 14 ? 1.041   -1.143 -3.029 1.00 0.00 ? 280 VAL A HG21 1 
ATOM 228  H HG22 . VAL A 1 14 ? 0.425   0.190  -4.012 1.00 0.00 ? 280 VAL A HG22 1 
ATOM 229  H HG23 . VAL A 1 14 ? 2.132   -0.303 -4.157 1.00 0.00 ? 280 VAL A HG23 1 
ATOM 230  N N    . GLU A 1 15 ? 3.270   2.118  0.204  1.00 0.00 ? 281 GLU A N    1 
ATOM 231  C CA   . GLU A 1 15 ? 3.987   3.260  0.766  1.00 0.00 ? 281 GLU A CA   1 
ATOM 232  C C    . GLU A 1 15 ? 5.372   2.860  1.222  1.00 0.00 ? 281 GLU A C    1 
ATOM 233  O O    . GLU A 1 15 ? 6.341   3.619  1.101  1.00 0.00 ? 281 GLU A O    1 
ATOM 234  C CB   . GLU A 1 15 ? 3.155   3.841  1.943  1.00 0.00 ? 281 GLU A CB   1 
ATOM 235  C CG   . GLU A 1 15 ? 2.219   5.055  1.631  1.00 0.00 ? 281 GLU A CG   1 
ATOM 236  C CD   . GLU A 1 15 ? 1.400   5.029  0.338  1.00 0.00 ? 281 GLU A CD   1 
ATOM 237  O OE1  . GLU A 1 15 ? 1.763   4.432  -0.668 1.00 0.00 ? 281 GLU A OE1  1 
ATOM 238  O OE2  . GLU A 1 15 ? 0.236   5.730  0.412  1.00 0.00 ? 281 GLU A OE2  1 
ATOM 239  H H    . GLU A 1 15 ? 2.368   1.769  0.614  1.00 0.00 ? 281 GLU A H    1 
ATOM 240  H HA   . GLU A 1 15 ? 4.099   4.028  -0.022 1.00 0.00 ? 281 GLU A HA   1 
ATOM 241  H HB2  . GLU A 1 15 ? 2.540   3.029  2.378  1.00 0.00 ? 281 GLU A HB2  1 
ATOM 242  H HB3  . GLU A 1 15 ? 3.847   4.122  2.762  1.00 0.00 ? 281 GLU A HB3  1 
ATOM 243  H HG2  . GLU A 1 15 ? 1.499   5.192  2.460  1.00 0.00 ? 281 GLU A HG2  1 
ATOM 244  H HG3  . GLU A 1 15 ? 2.803   5.994  1.621  1.00 0.00 ? 281 GLU A HG3  1 
ATOM 245  N N    . LYS A 1 16 ? 5.490   1.655  1.747  1.00 0.00 ? 282 LYS A N    1 
ATOM 246  C CA   . LYS A 1 16 ? 6.766   1.150  2.247  1.00 0.00 ? 282 LYS A CA   1 
ATOM 247  C C    . LYS A 1 16 ? 7.704   0.826  1.107  1.00 0.00 ? 282 LYS A C    1 
ATOM 248  O O    . LYS A 1 16 ? 8.910   1.088  1.162  1.00 0.00 ? 282 LYS A O    1 
ATOM 249  C CB   . LYS A 1 16 ? 6.516   -0.102 3.134  1.00 0.00 ? 282 LYS A CB   1 
ATOM 250  C CG   . LYS A 1 16 ? 7.612   -0.327 4.206  1.00 0.00 ? 282 LYS A CG   1 
ATOM 251  C CD   . LYS A 1 16 ? 7.096   -0.461 5.641  1.00 0.00 ? 282 LYS A CD   1 
ATOM 252  C CE   . LYS A 1 16 ? 7.216   0.894  6.350  1.00 0.00 ? 282 LYS A CE   1 
ATOM 253  N NZ   . LYS A 1 16 ? 7.588   0.678  7.760  1.00 0.00 ? 282 LYS A NZ   1 
ATOM 254  H H    . LYS A 1 16 ? 4.604   1.096  1.823  1.00 0.00 ? 282 LYS A H    1 
ATOM 255  H HA   . LYS A 1 16 ? 7.242   1.941  2.854  1.00 0.00 ? 282 LYS A HA   1 
ATOM 256  H HB2  . LYS A 1 16 ? 5.532   -0.015 3.635  1.00 0.00 ? 282 LYS A HB2  1 
ATOM 257  H HB3  . LYS A 1 16 ? 6.432   -1.000 2.489  1.00 0.00 ? 282 LYS A HB3  1 
ATOM 258  H HG2  . LYS A 1 16 ? 8.175   -1.255 3.989  1.00 0.00 ? 282 LYS A HG2  1 
ATOM 259  H HG3  . LYS A 1 16 ? 8.360   0.490  4.148  1.00 0.00 ? 282 LYS A HG3  1 
ATOM 260  H HD2  . LYS A 1 16 ? 6.039   -0.797 5.631  1.00 0.00 ? 282 LYS A HD2  1 
ATOM 261  H HD3  . LYS A 1 16 ? 7.668   -1.248 6.172  1.00 0.00 ? 282 LYS A HD3  1 
ATOM 262  H HE2  . LYS A 1 16 ? 7.971   1.532  5.844  1.00 0.00 ? 282 LYS A HE2  1 
ATOM 263  H HE3  . LYS A 1 16 ? 6.261   1.458  6.300  1.00 0.00 ? 282 LYS A HE3  1 
ATOM 264  H HZ1  . LYS A 1 16 ? 7.265   -0.253 8.062  1.00 0.00 ? 282 LYS A HZ1  1 
ATOM 265  H HZ2  . LYS A 1 16 ? 8.612   0.733  7.857  1.00 0.00 ? 282 LYS A HZ2  1 
ATOM 266  H HZ3  . LYS A 1 16 ? 7.148   1.401  8.346  1.00 0.00 ? 282 LYS A HZ3  1 
ATOM 267  N N    . VAL A 1 17 ? 7.166   0.230  0.059  1.00 0.00 ? 283 VAL A N    1 
ATOM 268  C CA   . VAL A 1 17 ? 7.977   -0.271 -1.048 1.00 0.00 ? 283 VAL A CA   1 
ATOM 269  C C    . VAL A 1 17 ? 8.562   0.864  -1.858 1.00 0.00 ? 283 VAL A C    1 
ATOM 270  O O    . VAL A 1 17 ? 9.587   0.712  -2.535 1.00 0.00 ? 283 VAL A O    1 
ATOM 271  C CB   . VAL A 1 17 ? 7.106   -1.221 -1.964 1.00 0.00 ? 283 VAL A CB   1 
ATOM 272  C CG1  . VAL A 1 17 ? 6.441   -0.500 -3.162 1.00 0.00 ? 283 VAL A CG1  1 
ATOM 273  C CG2  . VAL A 1 17 ? 7.838   -2.447 -2.578 1.00 0.00 ? 283 VAL A CG2  1 
ATOM 274  H H    . VAL A 1 17 ? 6.122   0.117  0.079  1.00 0.00 ? 283 VAL A H    1 
ATOM 275  H HA   . VAL A 1 17 ? 8.829   -0.841 -0.634 1.00 0.00 ? 283 VAL A HA   1 
ATOM 276  H HB   . VAL A 1 17 ? 6.288   -1.627 -1.332 1.00 0.00 ? 283 VAL A HB   1 
ATOM 277  H HG11 . VAL A 1 17 ? 5.940   0.434  -2.853 1.00 0.00 ? 283 VAL A HG11 1 
ATOM 278  H HG12 . VAL A 1 17 ? 7.184   -0.210 -3.930 1.00 0.00 ? 283 VAL A HG12 1 
ATOM 279  H HG13 . VAL A 1 17 ? 5.681   -1.130 -3.661 1.00 0.00 ? 283 VAL A HG13 1 
ATOM 280  H HG21 . VAL A 1 17 ? 8.483   -2.965 -1.844 1.00 0.00 ? 283 VAL A HG21 1 
ATOM 281  H HG22 . VAL A 1 17 ? 7.136   -3.200 -2.983 1.00 0.00 ? 283 VAL A HG22 1 
ATOM 282  H HG23 . VAL A 1 17 ? 8.520   -2.160 -3.401 1.00 0.00 ? 283 VAL A HG23 1 
ATOM 283  N N    . GLN A 1 18 ? 7.909   2.010  -1.834 1.00 0.00 ? 284 GLN A N    1 
ATOM 284  C CA   . GLN A 1 18 ? 8.427   3.218  -2.472 1.00 0.00 ? 284 GLN A CA   1 
ATOM 285  C C    . GLN A 1 18 ? 9.529   3.846  -1.649 1.00 0.00 ? 284 GLN A C    1 
ATOM 286  O O    . GLN A 1 18 ? 10.558  4.287  -2.175 1.00 0.00 ? 284 GLN A O    1 
ATOM 287  C CB   . GLN A 1 18 ? 7.257   4.208  -2.670 1.00 0.00 ? 284 GLN A CB   1 
ATOM 288  C CG   . GLN A 1 18 ? 6.766   4.411  -4.141 1.00 0.00 ? 284 GLN A CG   1 
ATOM 289  C CD   . GLN A 1 18 ? 5.305   4.801  -4.395 1.00 0.00 ? 284 GLN A CD   1 
ATOM 290  O OE1  . GLN A 1 18 ? 4.722   5.578  -3.656 1.00 0.00 ? 284 GLN A OE1  1 
ATOM 291  N NE2  . GLN A 1 18 ? 4.654   4.281  -5.405 1.00 0.00 ? 284 GLN A NE2  1 
ATOM 292  H H    . GLN A 1 18 ? 6.965   1.992  -1.370 1.00 0.00 ? 284 GLN A H    1 
ATOM 293  H HA   . GLN A 1 18 ? 8.859   2.944  -3.452 1.00 0.00 ? 284 GLN A HA   1 
ATOM 294  H HB2  . GLN A 1 18 ? 6.400   3.871  -2.049 1.00 0.00 ? 284 GLN A HB2  1 
ATOM 295  H HB3  . GLN A 1 18 ? 7.547   5.192  -2.253 1.00 0.00 ? 284 GLN A HB3  1 
ATOM 296  H HG2  . GLN A 1 18 ? 7.353   5.205  -4.637 1.00 0.00 ? 284 GLN A HG2  1 
ATOM 297  H HG3  . GLN A 1 18 ? 6.974   3.504  -4.740 1.00 0.00 ? 284 GLN A HG3  1 
ATOM 298  H HE21 . GLN A 1 18 ? 5.205   3.660  -6.000 1.00 0.00 ? 284 GLN A HE21 1 
ATOM 299  H HE22 . GLN A 1 18 ? 3.700   4.624  -5.527 1.00 0.00 ? 284 GLN A HE22 1 
ATOM 300  N N    . ALA A 1 19 ? 9.315   3.929  -0.349 1.00 0.00 ? 285 ALA A N    1 
ATOM 301  C CA   . ALA A 1 19 ? 10.298  4.491  0.573  1.00 0.00 ? 285 ALA A CA   1 
ATOM 302  C C    . ALA A 1 19 ? 11.674  3.912  0.334  1.00 0.00 ? 285 ALA A C    1 
ATOM 303  O O    . ALA A 1 19 ? 12.683  4.629  0.302  1.00 0.00 ? 285 ALA A O    1 
ATOM 304  C CB   . ALA A 1 19 ? 9.792   4.240  2.006  1.00 0.00 ? 285 ALA A CB   1 
ATOM 305  H H    . ALA A 1 19 ? 8.366   3.611  -0.021 1.00 0.00 ? 285 ALA A H    1 
ATOM 306  H HA   . ALA A 1 19 ? 10.366  5.580  0.392  1.00 0.00 ? 285 ALA A HA   1 
ATOM 307  H HB1  . ALA A 1 19 ? 8.800   4.703  2.176  1.00 0.00 ? 285 ALA A HB1  1 
ATOM 308  H HB2  . ALA A 1 19 ? 9.686   3.161  2.228  1.00 0.00 ? 285 ALA A HB2  1 
ATOM 309  H HB3  . ALA A 1 19 ? 10.473  4.665  2.765  1.00 0.00 ? 285 ALA A HB3  1 
ATOM 310  N N    . ALA A 1 20 ? 11.741  2.606  0.157  1.00 0.00 ? 286 ALA A N    1 
ATOM 311  C CA   . ALA A 1 20 ? 12.994  1.934  -0.177 1.00 0.00 ? 286 ALA A CA   1 
ATOM 312  C C    . ALA A 1 20 ? 13.339  2.125  -1.637 1.00 0.00 ? 286 ALA A C    1 
ATOM 313  O O    . ALA A 1 20 ? 14.502  2.310  -2.011 1.00 0.00 ? 286 ALA A O    1 
ATOM 314  C CB   . ALA A 1 20 ? 12.846  0.453  0.211  1.00 0.00 ? 286 ALA A CB   1 
ATOM 315  H H    . ALA A 1 20 ? 10.848  2.074  0.311  1.00 0.00 ? 286 ALA A H    1 
ATOM 316  H HA   . ALA A 1 20 ? 13.809  2.392  0.414  1.00 0.00 ? 286 ALA A HA   1 
ATOM 317  H HB1  . ALA A 1 20 ? 12.632  0.331  1.291  1.00 0.00 ? 286 ALA A HB1  1 
ATOM 318  H HB2  . ALA A 1 20 ? 12.023  -0.044 -0.339 1.00 0.00 ? 286 ALA A HB2  1 
ATOM 319  H HB3  . ALA A 1 20 ? 13.768  -0.121 0.005  1.00 0.00 ? 286 ALA A HB3  1 
ATOM 320  N N    . VAL A 1 21 ? 12.324  2.110  -2.481 1.00 0.00 ? 287 VAL A N    1 
ATOM 321  C CA   . VAL A 1 21 ? 12.508  2.204  -3.927 1.00 0.00 ? 287 VAL A CA   1 
ATOM 322  C C    . VAL A 1 21 ? 13.560  1.231  -4.407 1.00 0.00 ? 287 VAL A C    1 
ATOM 323  O O    . VAL A 1 21 ? 14.274  1.472  -5.387 1.00 0.00 ? 287 VAL A O    1 
ATOM 324  C CB   . VAL A 1 21 ? 12.885  3.687  -4.323 1.00 0.00 ? 287 VAL A CB   1 
ATOM 325  C CG1  . VAL A 1 21 ? 14.396  4.006  -4.229 1.00 0.00 ? 287 VAL A CG1  1 
ATOM 326  C CG2  . VAL A 1 21 ? 12.456  4.150  -5.744 1.00 0.00 ? 287 VAL A CG2  1 
ATOM 327  H H    . VAL A 1 21 ? 11.366  2.076  -2.046 1.00 0.00 ? 287 VAL A H    1 
ATOM 328  H HA   . VAL A 1 21 ? 11.560  1.924  -4.426 1.00 0.00 ? 287 VAL A HA   1 
ATOM 329  H HB   . VAL A 1 21 ? 12.365  4.359  -3.605 1.00 0.00 ? 287 VAL A HB   1 
ATOM 330  H HG11 . VAL A 1 21 ? 14.832  3.658  -3.275 1.00 0.00 ? 287 VAL A HG11 1 
ATOM 331  H HG12 . VAL A 1 21 ? 14.974  3.505  -5.029 1.00 0.00 ? 287 VAL A HG12 1 
ATOM 332  H HG13 . VAL A 1 21 ? 14.602  5.091  -4.306 1.00 0.00 ? 287 VAL A HG13 1 
ATOM 333  H HG21 . VAL A 1 21 ? 11.425  3.837  -5.997 1.00 0.00 ? 287 VAL A HG21 1 
ATOM 334  H HG22 . VAL A 1 21 ? 12.502  5.248  -5.863 1.00 0.00 ? 287 VAL A HG22 1 
ATOM 335  H HG23 . VAL A 1 21 ? 13.088  3.708  -6.538 1.00 0.00 ? 287 VAL A HG23 1 
ATOM 336  N N    . GLY A 1 22 ? 13.651  0.094  -3.741 1.00 0.00 ? 288 GLY A N    1 
ATOM 337  C CA   . GLY A 1 22 ? 14.724  -0.865 -3.990 1.00 0.00 ? 288 GLY A CA   1 
ATOM 338  C C    . GLY A 1 22 ? 14.270  -2.274 -3.696 1.00 0.00 ? 288 GLY A C    1 
ATOM 339  O O    . GLY A 1 22 ? 13.984  -3.069 -4.599 1.00 0.00 ? 288 GLY A O    1 
ATOM 340  H H    . GLY A 1 22 ? 12.880  -0.104 -3.056 1.00 0.00 ? 288 GLY A H    1 
ATOM 341  H HA2  . GLY A 1 22 ? 15.050  -0.801 -5.044 1.00 0.00 ? 288 GLY A HA2  1 
ATOM 342  H HA3  . GLY A 1 22 ? 15.604  -0.627 -3.364 1.00 0.00 ? 288 GLY A HA3  1 
ATOM 343  N N    . THR A 1 23 ? 14.206  -2.614 -2.422 1.00 0.00 ? 289 THR A N    1 
ATOM 344  C CA   . THR A 1 23 ? 13.739  -3.930 -1.994 1.00 0.00 ? 289 THR A CA   1 
ATOM 345  C C    . THR A 1 23 ? 12.849  -3.820 -0.779 1.00 0.00 ? 289 THR A C    1 
ATOM 346  O O    . THR A 1 23 ? 11.838  -4.572 -0.615 1.00 0.00 ? 289 THR A O    1 
ATOM 347  C CB   . THR A 1 23 ? 14.952  -4.878 -1.708 1.00 0.00 ? 289 THR A CB   1 
ATOM 348  O OG1  . THR A 1 23 ? 15.393  -5.499 -2.909 1.00 0.00 ? 289 THR A OG1  1 
ATOM 349  C CG2  . THR A 1 23 ? 14.691  -6.051 -0.739 1.00 0.00 ? 289 THR A CG2  1 
ATOM 350  O OXT  . THR A 1 23 ? 13.172  -2.932 0.069  1.00 0.00 ? 289 THR A OXT  1 
ATOM 351  H H    . THR A 1 23 ? 14.516  -1.883 -1.734 1.00 0.00 ? 289 THR A H    1 
ATOM 352  H HA   . THR A 1 23 ? 13.133  -4.366 -2.809 1.00 0.00 ? 289 THR A HA   1 
ATOM 353  H HB   . THR A 1 23 ? 15.785  -4.266 -1.300 1.00 0.00 ? 289 THR A HB   1 
ATOM 354  H HG1  . THR A 1 23 ? 15.108  -4.926 -3.626 1.00 0.00 ? 289 THR A HG1  1 
ATOM 355  H HG21 . THR A 1 23 ? 13.874  -6.704 -1.096 1.00 0.00 ? 289 THR A HG21 1 
ATOM 356  H HG22 . THR A 1 23 ? 15.585  -6.687 -0.605 1.00 0.00 ? 289 THR A HG22 1 
ATOM 357  H HG23 . THR A 1 23 ? 14.414  -5.707 0.275  1.00 0.00 ? 289 THR A HG23 1 
ATOM 358  N N    . PRO A 1 1  ? -16.747 -2.677 2.210  1.00 0.00 ? 267 PRO A N    2 
ATOM 359  C CA   . PRO A 1 1  ? -17.070 -2.961 0.744  1.00 0.00 ? 267 PRO A CA   2 
ATOM 360  C C    . PRO A 1 1  ? -15.867 -3.234 -0.131 1.00 0.00 ? 267 PRO A C    2 
ATOM 361  O O    . PRO A 1 1  ? -14.752 -3.463 0.350  1.00 0.00 ? 267 PRO A O    2 
ATOM 362  C CB   . PRO A 1 1  ? -17.772 -1.713 0.223  1.00 0.00 ? 267 PRO A CB   2 
ATOM 363  C CG   . PRO A 1 1  ? -18.555 -1.282 1.474  1.00 0.00 ? 267 PRO A CG   2 
ATOM 364  C CD   . PRO A 1 1  ? -17.561 -1.506 2.618  1.00 0.00 ? 267 PRO A CD   2 
ATOM 365  H H2   . PRO A 1 1  ? -15.738 -2.478 2.264  1.00 0.00 ? 267 PRO A H2   2 
ATOM 366  H H3   . PRO A 1 1  ? -16.999 -3.520 2.744  1.00 0.00 ? 267 PRO A H3   2 
ATOM 367  H HA   . PRO A 1 1  ? -17.715 -3.827 0.678  1.00 0.00 ? 267 PRO A HA   2 
ATOM 368  H HB2  . PRO A 1 1  ? -17.018 -0.939 -0.001 1.00 0.00 ? 267 PRO A HB2  2 
ATOM 369  H HB3  . PRO A 1 1  ? -18.477 -1.997 -0.567 1.00 0.00 ? 267 PRO A HB3  2 
ATOM 370  H HG2  . PRO A 1 1  ? -18.697 -0.193 1.563  1.00 0.00 ? 267 PRO A HG2  2 
ATOM 371  H HG3  . PRO A 1 1  ? -19.442 -1.927 1.522  1.00 0.00 ? 267 PRO A HG3  2 
ATOM 372  H HD2  . PRO A 1 1  ? -16.908 -0.622 2.724  1.00 0.00 ? 267 PRO A HD2  2 
ATOM 373  H HD3  . PRO A 1 1  ? -18.115 -1.759 3.536  1.00 0.00 ? 267 PRO A HD3  2 
ATOM 374  N N    . LEU A 1 2  ? -16.080 -3.231 -1.434 1.00 0.00 ? 268 LEU A N    2 
ATOM 375  C CA   . LEU A 1 2  ? -15.028 -3.551 -2.394 1.00 0.00 ? 268 LEU A CA   2 
ATOM 376  C C    . LEU A 1 2  ? -13.964 -2.478 -2.409 1.00 0.00 ? 268 LEU A C    2 
ATOM 377  O O    . LEU A 1 2  ? -12.760 -2.756 -2.383 1.00 0.00 ? 268 LEU A O    2 
ATOM 378  C CB   . LEU A 1 2  ? -15.630 -3.761 -3.816 1.00 0.00 ? 268 LEU A CB   2 
ATOM 379  C CG   . LEU A 1 2  ? -14.782 -4.527 -4.866 1.00 0.00 ? 268 LEU A CG   2 
ATOM 380  C CD1  . LEU A 1 2  ? -14.839 -6.053 -4.680 1.00 0.00 ? 268 LEU A CD1  2 
ATOM 381  C CD2  . LEU A 1 2  ? -15.243 -4.162 -6.284 1.00 0.00 ? 268 LEU A CD2  2 
ATOM 382  H H    . LEU A 1 2  ? -17.043 -2.941 -1.741 1.00 0.00 ? 268 LEU A H    2 
ATOM 383  H HA   . LEU A 1 2  ? -14.527 -4.481 -2.073 1.00 0.00 ? 268 LEU A HA   2 
ATOM 384  H HB2  . LEU A 1 2  ? -16.606 -4.274 -3.711 1.00 0.00 ? 268 LEU A HB2  2 
ATOM 385  H HB3  . LEU A 1 2  ? -15.879 -2.765 -4.235 1.00 0.00 ? 268 LEU A HB3  2 
ATOM 386  H HG   . LEU A 1 2  ? -13.725 -4.204 -4.758 1.00 0.00 ? 268 LEU A HG   2 
ATOM 387  H HD11 . LEU A 1 2  ? -14.635 -6.336 -3.630 1.00 0.00 ? 268 LEU A HD11 2 
ATOM 388  H HD12 . LEU A 1 2  ? -15.839 -6.461 -4.918 1.00 0.00 ? 268 LEU A HD12 2 
ATOM 389  H HD13 . LEU A 1 2  ? -14.101 -6.580 -5.312 1.00 0.00 ? 268 LEU A HD13 2 
ATOM 390  H HD21 . LEU A 1 2  ? -15.257 -3.067 -6.443 1.00 0.00 ? 268 LEU A HD21 2 
ATOM 391  H HD22 . LEU A 1 2  ? -14.588 -4.596 -7.063 1.00 0.00 ? 268 LEU A HD22 2 
ATOM 392  H HD23 . LEU A 1 2  ? -16.270 -4.521 -6.484 1.00 0.00 ? 268 LEU A HD23 2 
ATOM 393  N N    . VAL A 1 3  ? -14.392 -1.232 -2.478 1.00 0.00 ? 269 VAL A N    2 
ATOM 394  C CA   . VAL A 1 3  ? -13.475 -0.095 -2.481 1.00 0.00 ? 269 VAL A CA   2 
ATOM 395  C C    . VAL A 1 3  ? -12.851 0.117  -1.122 1.00 0.00 ? 269 VAL A C    2 
ATOM 396  O O    . VAL A 1 3  ? -11.733 0.638  -0.998 1.00 0.00 ? 269 VAL A O    2 
ATOM 397  C CB   . VAL A 1 3  ? -14.241 1.206  -2.953 1.00 0.00 ? 269 VAL A CB   2 
ATOM 398  C CG1  . VAL A 1 3  ? -15.274 1.799  -1.957 1.00 0.00 ? 269 VAL A CG1  2 
ATOM 399  C CG2  . VAL A 1 3  ? -13.305 2.383  -3.323 1.00 0.00 ? 269 VAL A CG2  2 
ATOM 400  H H    . VAL A 1 3  ? -15.435 -1.103 -2.484 1.00 0.00 ? 269 VAL A H    2 
ATOM 401  H HA   . VAL A 1 3  ? -12.649 -0.308 -3.184 1.00 0.00 ? 269 VAL A HA   2 
ATOM 402  H HB   . VAL A 1 3  ? -14.806 0.937  -3.871 1.00 0.00 ? 269 VAL A HB   2 
ATOM 403  H HG11 . VAL A 1 3  ? -14.815 2.086  -0.991 1.00 0.00 ? 269 VAL A HG11 2 
ATOM 404  H HG12 . VAL A 1 3  ? -15.775 2.700  -2.359 1.00 0.00 ? 269 VAL A HG12 2 
ATOM 405  H HG13 . VAL A 1 3  ? -16.096 1.095  -1.729 1.00 0.00 ? 269 VAL A HG13 2 
ATOM 406  H HG21 . VAL A 1 3  ? -12.561 2.093  -4.085 1.00 0.00 ? 269 VAL A HG21 2 
ATOM 407  H HG22 . VAL A 1 3  ? -13.868 3.235  -3.752 1.00 0.00 ? 269 VAL A HG22 2 
ATOM 408  H HG23 . VAL A 1 3  ? -12.748 2.765  -2.449 1.00 0.00 ? 269 VAL A HG23 2 
ATOM 409  N N    . GLU A 1 4  ? -13.551 -0.272 -0.074 1.00 0.00 ? 270 GLU A N    2 
ATOM 410  C CA   . GLU A 1 4  ? -13.086 -0.061 1.297  1.00 0.00 ? 270 GLU A CA   2 
ATOM 411  C C    . GLU A 1 4  ? -12.309 -1.244 1.822  1.00 0.00 ? 270 GLU A C    2 
ATOM 412  O O    . GLU A 1 4  ? -12.345 -1.560 3.022  1.00 0.00 ? 270 GLU A O    2 
ATOM 413  C CB   . GLU A 1 4  ? -14.329 0.226  2.189  1.00 0.00 ? 270 GLU A CB   2 
ATOM 414  C CG   . GLU A 1 4  ? -14.279 1.494  3.103  1.00 0.00 ? 270 GLU A CG   2 
ATOM 415  C CD   . GLU A 1 4  ? -14.102 1.297  4.611  1.00 0.00 ? 270 GLU A CD   2 
ATOM 416  O OE1  . GLU A 1 4  ? -13.067 0.874  5.110  1.00 0.00 ? 270 GLU A OE1  2 
ATOM 417  O OE2  . GLU A 1 4  ? -15.201 1.633  5.341  1.00 0.00 ? 270 GLU A OE2  2 
ATOM 418  H H    . GLU A 1 4  ? -14.493 -0.690 -0.274 1.00 0.00 ? 270 GLU A H    2 
ATOM 419  H HA   . GLU A 1 4  ? -12.412 0.814  1.302  1.00 0.00 ? 270 GLU A HA   2 
ATOM 420  H HB2  . GLU A 1 4  ? -15.223 0.299  1.539  1.00 0.00 ? 270 GLU A HB2  2 
ATOM 421  H HB3  . GLU A 1 4  ? -14.525 -0.664 2.819  1.00 0.00 ? 270 GLU A HB3  2 
ATOM 422  H HG2  . GLU A 1 4  ? -13.462 2.160  2.771  1.00 0.00 ? 270 GLU A HG2  2 
ATOM 423  H HG3  . GLU A 1 4  ? -15.194 2.099  2.966  1.00 0.00 ? 270 GLU A HG3  2 
ATOM 424  N N    . ASP A 1 5  ? -11.598 -1.931 0.948  1.00 0.00 ? 271 ASP A N    2 
ATOM 425  C CA   . ASP A 1 5  ? -10.666 -2.978 1.358  1.00 0.00 ? 271 ASP A CA   2 
ATOM 426  C C    . ASP A 1 5  ? -9.551  -3.133 0.352  1.00 0.00 ? 271 ASP A C    2 
ATOM 427  O O    . ASP A 1 5  ? -9.082  -4.240 0.063  1.00 0.00 ? 271 ASP A O    2 
ATOM 428  C CB   . ASP A 1 5  ? -11.423 -4.311 1.593  1.00 0.00 ? 271 ASP A CB   2 
ATOM 429  C CG   . ASP A 1 5  ? -10.667 -5.406 2.361  1.00 0.00 ? 271 ASP A CG   2 
ATOM 430  O OD1  . ASP A 1 5  ? -10.492 -5.371 3.570  1.00 0.00 ? 271 ASP A OD1  2 
ATOM 431  O OD2  . ASP A 1 5  ? -10.200 -6.400 1.546  1.00 0.00 ? 271 ASP A OD2  2 
ATOM 432  H H    . ASP A 1 5  ? -11.780 -1.715 -0.062 1.00 0.00 ? 271 ASP A H    2 
ATOM 433  H HA   . ASP A 1 5  ? -10.199 -2.635 2.301  1.00 0.00 ? 271 ASP A HA   2 
ATOM 434  H HB2  . ASP A 1 5  ? -12.378 -4.139 2.118  1.00 0.00 ? 271 ASP A HB2  2 
ATOM 435  H HB3  . ASP A 1 5  ? -11.717 -4.741 0.615  1.00 0.00 ? 271 ASP A HB3  2 
ATOM 436  N N    . MET A 1 6  ? -9.111  -2.021 -0.207 1.00 0.00 ? 272 MET A N    2 
ATOM 437  C CA   . MET A 1 6  ? -7.965  -2.010 -1.112 1.00 0.00 ? 272 MET A CA   2 
ATOM 438  C C    . MET A 1 6  ? -7.306  -0.650 -1.135 1.00 0.00 ? 272 MET A C    2 
ATOM 439  O O    . MET A 1 6  ? -6.698  -0.239 -2.129 1.00 0.00 ? 272 MET A O    2 
ATOM 440  C CB   . MET A 1 6  ? -8.414  -2.431 -2.538 1.00 0.00 ? 272 MET A CB   2 
ATOM 441  C CG   . MET A 1 6  ? -7.336  -3.107 -3.412 1.00 0.00 ? 272 MET A CG   2 
ATOM 442  S SD   . MET A 1 6  ? -7.837  -3.066 -5.140 1.00 0.00 ? 272 MET A SD   2 
ATOM 443  C CE   . MET A 1 6  ? -6.263  -2.589 -5.864 1.00 0.00 ? 272 MET A CE   2 
ATOM 444  H H    . MET A 1 6  ? -9.608  -1.138 0.071  1.00 0.00 ? 272 MET A H    2 
ATOM 445  H HA   . MET A 1 6  ? -7.213  -2.729 -0.738 1.00 0.00 ? 272 MET A HA   2 
ATOM 446  H HB2  . MET A 1 6  ? -9.292  -3.105 -2.472 1.00 0.00 ? 272 MET A HB2  2 
ATOM 447  H HB3  . MET A 1 6  ? -8.780  -1.541 -3.086 1.00 0.00 ? 272 MET A HB3  2 
ATOM 448  H HG2  . MET A 1 6  ? -6.355  -2.609 -3.305 1.00 0.00 ? 272 MET A HG2  2 
ATOM 449  H HG3  . MET A 1 6  ? -7.194  -4.157 -3.096 1.00 0.00 ? 272 MET A HG3  2 
ATOM 450  H HE1  . MET A 1 6  ? -5.427  -3.017 -5.284 1.00 0.00 ? 272 MET A HE1  2 
ATOM 451  H HE2  . MET A 1 6  ? -6.186  -2.956 -6.903 1.00 0.00 ? 272 MET A HE2  2 
ATOM 452  H HE3  . MET A 1 6  ? -6.150  -1.489 -5.875 1.00 0.00 ? 272 MET A HE3  2 
ATOM 453  N N    . GLN A 1 7  ? -7.391  0.059  -0.026 1.00 0.00 ? 273 GLN A N    2 
ATOM 454  C CA   . GLN A 1 7  ? -6.949  1.449  0.041  1.00 0.00 ? 273 GLN A CA   2 
ATOM 455  C C    . GLN A 1 7  ? -6.574  1.830  1.454  1.00 0.00 ? 273 GLN A C    2 
ATOM 456  O O    . GLN A 1 7  ? -6.787  2.963  1.901  1.00 0.00 ? 273 GLN A O    2 
ATOM 457  C CB   . GLN A 1 7  ? -8.078  2.356  -0.494 1.00 0.00 ? 273 GLN A CB   2 
ATOM 458  C CG   . GLN A 1 7  ? -8.085  2.624  -2.036 1.00 0.00 ? 273 GLN A CG   2 
ATOM 459  C CD   . GLN A 1 7  ? -7.185  3.725  -2.609 1.00 0.00 ? 273 GLN A CD   2 
ATOM 460  O OE1  . GLN A 1 7  ? -6.254  4.180  -1.963 1.00 0.00 ? 273 GLN A OE1  2 
ATOM 461  N NE2  . GLN A 1 7  ? -7.426  4.213  -3.799 1.00 0.00 ? 273 GLN A NE2  2 
ATOM 462  H H    . GLN A 1 7  ? -7.749  -0.451 0.821  1.00 0.00 ? 273 GLN A H    2 
ATOM 463  H HA   . GLN A 1 7  ? -6.044  1.560  -0.586 1.00 0.00 ? 273 GLN A HA   2 
ATOM 464  H HB2  . GLN A 1 7  ? -9.055  1.917  -0.209 1.00 0.00 ? 273 GLN A HB2  2 
ATOM 465  H HB3  . GLN A 1 7  ? -8.031  3.330  0.039  1.00 0.00 ? 273 GLN A HB3  2 
ATOM 466  H HG2  . GLN A 1 7  ? -7.858  1.691  -2.585 1.00 0.00 ? 273 GLN A HG2  2 
ATOM 467  H HG3  . GLN A 1 7  ? -9.102  2.898  -2.371 1.00 0.00 ? 273 GLN A HG3  2 
ATOM 468  H HE21 . GLN A 1 7  ? -8.259  3.839  -4.258 1.00 0.00 ? 273 GLN A HE21 2 
ATOM 469  H HE22 . GLN A 1 7  ? -6.819  4.985  -4.081 1.00 0.00 ? 273 GLN A HE22 2 
ATOM 470  N N    . ARG A 1 8  ? -5.982  0.895  2.173  1.00 0.00 ? 274 ARG A N    2 
ATOM 471  C CA   . ARG A 1 8  ? -5.717  1.065  3.599  1.00 0.00 ? 274 ARG A CA   2 
ATOM 472  C C    . ARG A 1 8  ? -4.632  0.121  4.062  1.00 0.00 ? 274 ARG A C    2 
ATOM 473  O O    . ARG A 1 8  ? -3.555  0.535  4.509  1.00 0.00 ? 274 ARG A O    2 
ATOM 474  C CB   . ARG A 1 8  ? -7.037  0.842  4.386  1.00 0.00 ? 274 ARG A CB   2 
ATOM 475  C CG   . ARG A 1 8  ? -7.353  1.923  5.454  1.00 0.00 ? 274 ARG A CG   2 
ATOM 476  C CD   . ARG A 1 8  ? -8.026  1.338  6.702  1.00 0.00 ? 274 ARG A CD   2 
ATOM 477  N NE   . ARG A 1 8  ? -8.828  2.408  7.346  1.00 0.00 ? 274 ARG A NE   2 
ATOM 478  C CZ   . ARG A 1 8  ? -8.336  3.442  8.016  1.00 0.00 ? 274 ARG A CZ   2 
ATOM 479  N NH1  . ARG A 1 8  ? -7.067  3.661  8.198  1.00 0.00 ? 274 ARG A NH1  2 
ATOM 480  N NH2  . ARG A 1 8  ? -9.175  4.278  8.517  1.00 0.00 ? 274 ARG A NH2  2 
ATOM 481  H H    . ARG A 1 8  ? -5.668  0.040  1.648  1.00 0.00 ? 274 ARG A H    2 
ATOM 482  H HA   . ARG A 1 8  ? -5.354  2.097  3.761  1.00 0.00 ? 274 ARG A HA   2 
ATOM 483  H HB2  . ARG A 1 8  ? -7.889  0.794  3.681  1.00 0.00 ? 274 ARG A HB2  2 
ATOM 484  H HB3  . ARG A 1 8  ? -7.015  -0.160 4.864  1.00 0.00 ? 274 ARG A HB3  2 
ATOM 485  H HG2  . ARG A 1 8  ? -6.430  2.450  5.772  1.00 0.00 ? 274 ARG A HG2  2 
ATOM 486  H HG3  . ARG A 1 8  ? -8.001  2.710  5.020  1.00 0.00 ? 274 ARG A HG3  2 
ATOM 487  H HD2  . ARG A 1 8  ? -8.674  0.481  6.426  1.00 0.00 ? 274 ARG A HD2  2 
ATOM 488  H HD3  . ARG A 1 8  ? -7.261  0.950  7.407  1.00 0.00 ? 274 ARG A HD3  2 
ATOM 489  H HE   . ARG A 1 8  ? -9.853  2.342  7.266  1.00 0.00 ? 274 ARG A HE   2 
ATOM 490  H HH11 . ARG A 1 8  ? -6.473  2.953  7.766  1.00 0.00 ? 274 ARG A HH11 2 
ATOM 491  H HH12 . ARG A 1 8  ? -6.812  4.490  8.731  1.00 0.00 ? 274 ARG A HH12 2 
ATOM 492  H HH21 . ARG A 1 8  ? -10.142 4.013  8.318  1.00 0.00 ? 274 ARG A HH21 2 
ATOM 493  H HH22 . ARG A 1 8  ? -8.805  5.071  9.035  1.00 0.00 ? 274 ARG A HH22 2 
ATOM 494  N N    . GLN A 1 9  ? -4.902  -1.168 3.972  1.00 0.00 ? 275 GLN A N    2 
ATOM 495  C CA   . GLN A 1 9  ? -3.891  -2.189 4.230  1.00 0.00 ? 275 GLN A CA   2 
ATOM 496  C C    . GLN A 1 9  ? -2.984  -2.368 3.035  1.00 0.00 ? 275 GLN A C    2 
ATOM 497  O O    . GLN A 1 9  ? -1.779  -2.617 3.166  1.00 0.00 ? 275 GLN A O    2 
ATOM 498  C CB   . GLN A 1 9  ? -4.604  -3.513 4.585  1.00 0.00 ? 275 GLN A CB   2 
ATOM 499  C CG   . GLN A 1 9  ? -4.826  -3.789 6.110  1.00 0.00 ? 275 GLN A CG   2 
ATOM 500  C CD   . GLN A 1 9  ? -3.980  -4.862 6.806  1.00 0.00 ? 275 GLN A CD   2 
ATOM 501  O OE1  . GLN A 1 9  ? -3.657  -5.886 6.226  1.00 0.00 ? 275 GLN A OE1  2 
ATOM 502  N NE2  . GLN A 1 9  ? -3.577  -4.679 8.038  1.00 0.00 ? 275 GLN A NE2  2 
ATOM 503  H H    . GLN A 1 9  ? -5.898  -1.415 3.752  1.00 0.00 ? 275 GLN A H    2 
ATOM 504  H HA   . GLN A 1 9  ? -3.264  -1.861 5.080  1.00 0.00 ? 275 GLN A HA   2 
ATOM 505  H HB2  . GLN A 1 9  ? -5.588  -3.537 4.077  1.00 0.00 ? 275 GLN A HB2  2 
ATOM 506  H HB3  . GLN A 1 9  ? -4.028  -4.354 4.148  1.00 0.00 ? 275 GLN A HB3  2 
ATOM 507  H HG2  . GLN A 1 9  ? -4.713  -2.852 6.687  1.00 0.00 ? 275 GLN A HG2  2 
ATOM 508  H HG3  . GLN A 1 9  ? -5.872  -4.101 6.294  1.00 0.00 ? 275 GLN A HG3  2 
ATOM 509  H HE21 . GLN A 1 9  ? -3.911  -3.820 8.479  1.00 0.00 ? 275 GLN A HE21 2 
ATOM 510  H HE22 . GLN A 1 9  ? -3.040  -5.451 8.436  1.00 0.00 ? 275 GLN A HE22 2 
ATOM 511  N N    . TRP A 1 10 ? -3.551  -2.267 1.848  1.00 0.00 ? 276 TRP A N    2 
ATOM 512  C CA   . TRP A 1 10 ? -2.785  -2.405 0.611  1.00 0.00 ? 276 TRP A CA   2 
ATOM 513  C C    . TRP A 1 10 ? -1.949  -1.172 0.354  1.00 0.00 ? 276 TRP A C    2 
ATOM 514  O O    . TRP A 1 10 ? -0.873  -1.229 -0.250 1.00 0.00 ? 276 TRP A O    2 
ATOM 515  C CB   . TRP A 1 10 ? -3.764  -2.635 -0.573 1.00 0.00 ? 276 TRP A CB   2 
ATOM 516  C CG   . TRP A 1 10 ? -3.139  -2.471 -1.962 1.00 0.00 ? 276 TRP A CG   2 
ATOM 517  C CD1  . TRP A 1 10 ? -3.324  -1.384 -2.839 1.00 0.00 ? 276 TRP A CD1  2 
ATOM 518  C CD2  . TRP A 1 10 ? -2.284  -3.338 -2.611 1.00 0.00 ? 276 TRP A CD2  2 
ATOM 519  N NE1  . TRP A 1 10 ? -2.592  -1.548 -4.031 1.00 0.00 ? 276 TRP A NE1  2 
ATOM 520  C CE2  . TRP A 1 10 ? -1.955  -2.768 -3.866 1.00 0.00 ? 276 TRP A CE2  2 
ATOM 521  C CE3  . TRP A 1 10 ? -1.754  -4.600 -2.228 1.00 0.00 ? 276 TRP A CE3  2 
ATOM 522  C CZ2  . TRP A 1 10 ? -1.070  -3.442 -4.734 1.00 0.00 ? 276 TRP A CZ2  2 
ATOM 523  C CZ3  . TRP A 1 10 ? -0.823  -5.207 -3.069 1.00 0.00 ? 276 TRP A CZ3  2 
ATOM 524  C CH2  . TRP A 1 10 ? -0.476  -4.631 -4.300 1.00 0.00 ? 276 TRP A CH2  2 
ATOM 525  H H    . TRP A 1 10 ? -4.582  -2.070 1.845  1.00 0.00 ? 276 TRP A H    2 
ATOM 526  H HA   . TRP A 1 10 ? -2.093  -3.263 0.708  1.00 0.00 ? 276 TRP A HA   2 
ATOM 527  H HB2  . TRP A 1 10 ? -4.219  -3.647 -0.495 1.00 0.00 ? 276 TRP A HB2  2 
ATOM 528  H HB3  . TRP A 1 10 ? -4.627  -1.947 -0.513 1.00 0.00 ? 276 TRP A HB3  2 
ATOM 529  H HD1  . TRP A 1 10 ? -3.987  -0.553 -2.634 1.00 0.00 ? 276 TRP A HD1  2 
ATOM 530  H HE1  . TRP A 1 10 ? -2.573  -0.935 -4.854 1.00 0.00 ? 276 TRP A HE1  2 
ATOM 531  H HE3  . TRP A 1 10 ? -2.069  -5.071 -1.306 1.00 0.00 ? 276 TRP A HE3  2 
ATOM 532  H HZ2  . TRP A 1 10 ? -0.859  -3.043 -5.715 1.00 0.00 ? 276 TRP A HZ2  2 
ATOM 533  H HZ3  . TRP A 1 10 ? -0.363  -6.136 -2.765 1.00 0.00 ? 276 TRP A HZ3  2 
ATOM 534  H HH2  . TRP A 1 10 ? 0.265   -5.112 -4.921 1.00 0.00 ? 276 TRP A HH2  2 
ATOM 535  N N    . ALA A 1 11 ? -2.443  -0.031 0.799  1.00 0.00 ? 277 ALA A N    2 
ATOM 536  C CA   . ALA A 1 11 ? -1.669  1.206  0.781  1.00 0.00 ? 277 ALA A CA   2 
ATOM 537  C C    . ALA A 1 11 ? -0.462  1.114  1.686  1.00 0.00 ? 277 ALA A C    2 
ATOM 538  O O    . ALA A 1 11 ? 0.536   1.827  1.508  1.00 0.00 ? 277 ALA A O    2 
ATOM 539  C CB   . ALA A 1 11 ? -2.616  2.355  1.174  1.00 0.00 ? 277 ALA A CB   2 
ATOM 540  H H    . ALA A 1 11 ? -3.430  -0.069 1.160  1.00 0.00 ? 277 ALA A H    2 
ATOM 541  H HA   . ALA A 1 11 ? -1.294  1.373  -0.246 1.00 0.00 ? 277 ALA A HA   2 
ATOM 542  H HB1  . ALA A 1 11 ? -3.475  2.433  0.478  1.00 0.00 ? 277 ALA A HB1  2 
ATOM 543  H HB2  . ALA A 1 11 ? -3.035  2.222  2.190  1.00 0.00 ? 277 ALA A HB2  2 
ATOM 544  H HB3  . ALA A 1 11 ? -2.106  3.335  1.156  1.00 0.00 ? 277 ALA A HB3  2 
ATOM 545  N N    . GLY A 1 12 ? -0.534  0.260  2.689  1.00 0.00 ? 278 GLY A N    2 
ATOM 546  C CA   . GLY A 1 12 ? 0.605   -0.007 3.563  1.00 0.00 ? 278 GLY A CA   2 
ATOM 547  C C    . GLY A 1 12 ? 1.744   -0.647 2.803  1.00 0.00 ? 278 GLY A C    2 
ATOM 548  O O    . GLY A 1 12 ? 2.883   -0.164 2.811  1.00 0.00 ? 278 GLY A O    2 
ATOM 549  H H    . GLY A 1 12 ? -1.474  -0.178 2.856  1.00 0.00 ? 278 GLY A H    2 
ATOM 550  H HA2  . GLY A 1 12 ? 0.961   0.933  4.025  1.00 0.00 ? 278 GLY A HA2  2 
ATOM 551  H HA3  . GLY A 1 12 ? 0.303   -0.674 4.392  1.00 0.00 ? 278 GLY A HA3  2 
ATOM 552  N N    . LEU A 1 13 ? 1.464   -1.763 2.156  1.00 0.00 ? 279 LEU A N    2 
ATOM 553  C CA   . LEU A 1 13 ? 2.501   -2.581 1.533  1.00 0.00 ? 279 LEU A CA   2 
ATOM 554  C C    . LEU A 1 13 ? 3.236   -1.802 0.465  1.00 0.00 ? 279 LEU A C    2 
ATOM 555  O O    . LEU A 1 13 ? 4.471   -1.815 0.388  1.00 0.00 ? 279 LEU A O    2 
ATOM 556  C CB   . LEU A 1 13 ? 1.890   -3.887 0.950  1.00 0.00 ? 279 LEU A CB   2 
ATOM 557  C CG   . LEU A 1 13 ? 1.729   -5.115 1.889  1.00 0.00 ? 279 LEU A CG   2 
ATOM 558  C CD1  . LEU A 1 13 ? 0.416   -5.878 1.643  1.00 0.00 ? 279 LEU A CD1  2 
ATOM 559  C CD2  . LEU A 1 13 ? 2.917   -6.073 1.718  1.00 0.00 ? 279 LEU A CD2  2 
ATOM 560  H H    . LEU A 1 13 ? 0.452   -2.044 2.140  1.00 0.00 ? 279 LEU A H    2 
ATOM 561  H HA   . LEU A 1 13 ? 3.253   -2.835 2.302  1.00 0.00 ? 279 LEU A HA   2 
ATOM 562  H HB2  . LEU A 1 13 ? 0.894   -3.651 0.520  1.00 0.00 ? 279 LEU A HB2  2 
ATOM 563  H HB3  . LEU A 1 13 ? 2.498   -4.199 0.075  1.00 0.00 ? 279 LEU A HB3  2 
ATOM 564  H HG   . LEU A 1 13 ? 1.733   -4.747 2.938  1.00 0.00 ? 279 LEU A HG   2 
ATOM 565  H HD11 . LEU A 1 13 ? -0.450  -5.188 1.632  1.00 0.00 ? 279 LEU A HD11 2 
ATOM 566  H HD12 . LEU A 1 13 ? 0.410   -6.388 0.662  1.00 0.00 ? 279 LEU A HD12 2 
ATOM 567  H HD13 . LEU A 1 13 ? 0.220   -6.639 2.419  1.00 0.00 ? 279 LEU A HD13 2 
ATOM 568  H HD21 . LEU A 1 13 ? 3.886   -5.550 1.846  1.00 0.00 ? 279 LEU A HD21 2 
ATOM 569  H HD22 . LEU A 1 13 ? 2.897   -6.903 2.448  1.00 0.00 ? 279 LEU A HD22 2 
ATOM 570  H HD23 . LEU A 1 13 ? 2.936   -6.525 0.710  1.00 0.00 ? 279 LEU A HD23 2 
ATOM 571  N N    . VAL A 1 14 ? 2.494   -1.101 -0.371 1.00 0.00 ? 280 VAL A N    2 
ATOM 572  C CA   . VAL A 1 14 ? 3.063   -0.416 -1.529 1.00 0.00 ? 280 VAL A CA   2 
ATOM 573  C C    . VAL A 1 14 ? 3.802   0.835  -1.113 1.00 0.00 ? 280 VAL A C    2 
ATOM 574  O O    . VAL A 1 14 ? 4.890   1.145  -1.611 1.00 0.00 ? 280 VAL A O    2 
ATOM 575  C CB   . VAL A 1 14 ? 1.920   -0.072 -2.566 1.00 0.00 ? 280 VAL A CB   2 
ATOM 576  C CG1  . VAL A 1 14 ? 2.429   0.607  -3.860 1.00 0.00 ? 280 VAL A CG1  2 
ATOM 577  C CG2  . VAL A 1 14 ? 1.046   -1.265 -3.046 1.00 0.00 ? 280 VAL A CG2  2 
ATOM 578  H H    . VAL A 1 14 ? 1.460   -1.106 -0.186 1.00 0.00 ? 280 VAL A H    2 
ATOM 579  H HA   . VAL A 1 14 ? 3.801   -1.084 -2.008 1.00 0.00 ? 280 VAL A HA   2 
ATOM 580  H HB   . VAL A 1 14 ? 1.231   0.643  -2.070 1.00 0.00 ? 280 VAL A HB   2 
ATOM 581  H HG11 . VAL A 1 14 ? 3.122   1.439  -3.642 1.00 0.00 ? 280 VAL A HG11 2 
ATOM 582  H HG12 . VAL A 1 14 ? 2.991   -0.099 -4.502 1.00 0.00 ? 280 VAL A HG12 2 
ATOM 583  H HG13 . VAL A 1 14 ? 1.604   1.020  -4.469 1.00 0.00 ? 280 VAL A HG13 2 
ATOM 584  H HG21 . VAL A 1 14 ? 0.742   -1.928 -2.214 1.00 0.00 ? 280 VAL A HG21 2 
ATOM 585  H HG22 . VAL A 1 14 ? 0.119   -0.934 -3.552 1.00 0.00 ? 280 VAL A HG22 2 
ATOM 586  H HG23 . VAL A 1 14 ? 1.586   -1.925 -3.752 1.00 0.00 ? 280 VAL A HG23 2 
ATOM 587  N N    . GLU A 1 15 ? 3.206   1.594  -0.211 1.00 0.00 ? 281 GLU A N    2 
ATOM 588  C CA   . GLU A 1 15 ? 3.768   2.871  0.218  1.00 0.00 ? 281 GLU A CA   2 
ATOM 589  C C    . GLU A 1 15 ? 5.156   2.687  0.786  1.00 0.00 ? 281 GLU A C    2 
ATOM 590  O O    . GLU A 1 15 ? 6.069   3.486  0.548  1.00 0.00 ? 281 GLU A O    2 
ATOM 591  C CB   . GLU A 1 15 ? 2.812   3.508  1.265  1.00 0.00 ? 281 GLU A CB   2 
ATOM 592  C CG   . GLU A 1 15 ? 2.024   4.789  0.835  1.00 0.00 ? 281 GLU A CG   2 
ATOM 593  C CD   . GLU A 1 15 ? 2.110   6.030  1.725  1.00 0.00 ? 281 GLU A CD   2 
ATOM 594  O OE1  . GLU A 1 15 ? 2.330   5.972  2.928  1.00 0.00 ? 281 GLU A OE1  2 
ATOM 595  O OE2  . GLU A 1 15 ? 1.919   7.201  1.056  1.00 0.00 ? 281 GLU A OE2  2 
ATOM 596  H H    . GLU A 1 15 ? 2.303   1.221  0.175  1.00 0.00 ? 281 GLU A H    2 
ATOM 597  H HA   . GLU A 1 15 ? 3.850   3.537  -0.661 1.00 0.00 ? 281 GLU A HA   2 
ATOM 598  H HB2  . GLU A 1 15 ? 2.082   2.743  1.592  1.00 0.00 ? 281 GLU A HB2  2 
ATOM 599  H HB3  . GLU A 1 15 ? 3.392   3.735  2.183  1.00 0.00 ? 281 GLU A HB3  2 
ATOM 600  H HG2  . GLU A 1 15 ? 2.332   5.102  -0.180 1.00 0.00 ? 281 GLU A HG2  2 
ATOM 601  H HG3  . GLU A 1 15 ? 0.950   4.547  0.729  1.00 0.00 ? 281 GLU A HG3  2 
ATOM 602  N N    . LYS A 1 16 ? 5.338   1.627  1.552  1.00 0.00 ? 282 LYS A N    2 
ATOM 603  C CA   . LYS A 1 16 ? 6.608   1.361  2.222  1.00 0.00 ? 282 LYS A CA   2 
ATOM 604  C C    . LYS A 1 16 ? 7.684   1.013  1.219  1.00 0.00 ? 282 LYS A C    2 
ATOM 605  O O    . LYS A 1 16 ? 8.855   1.378  1.368  1.00 0.00 ? 282 LYS A O    2 
ATOM 606  C CB   . LYS A 1 16 ? 6.420   0.218  3.257  1.00 0.00 ? 282 LYS A CB   2 
ATOM 607  C CG   . LYS A 1 16 ? 7.431   0.274  4.428  1.00 0.00 ? 282 LYS A CG   2 
ATOM 608  C CD   . LYS A 1 16 ? 7.384   -0.928 5.378  1.00 0.00 ? 282 LYS A CD   2 
ATOM 609  C CE   . LYS A 1 16 ? 5.937   -1.424 5.491  1.00 0.00 ? 282 LYS A CE   2 
ATOM 610  N NZ   . LYS A 1 16 ? 5.778   -2.198 6.735  1.00 0.00 ? 282 LYS A NZ   2 
ATOM 611  H H    . LYS A 1 16 ? 4.510   0.989  1.658  1.00 0.00 ? 282 LYS A H    2 
ATOM 612  H HA   . LYS A 1 16 ? 6.928   2.281  2.746  1.00 0.00 ? 282 LYS A HA   2 
ATOM 613  H HB2  . LYS A 1 16 ? 5.390   0.250  3.664  1.00 0.00 ? 282 LYS A HB2  2 
ATOM 614  H HB3  . LYS A 1 16 ? 6.494   -0.761 2.742  1.00 0.00 ? 282 LYS A HB3  2 
ATOM 615  H HG2  . LYS A 1 16 ? 8.466   0.320  4.038  1.00 0.00 ? 282 LYS A HG2  2 
ATOM 616  H HG3  . LYS A 1 16 ? 7.288   1.212  4.999  1.00 0.00 ? 282 LYS A HG3  2 
ATOM 617  H HD2  . LYS A 1 16 ? 8.038   -1.737 4.993  1.00 0.00 ? 282 LYS A HD2  2 
ATOM 618  H HD3  . LYS A 1 16 ? 7.792   -0.640 6.366  1.00 0.00 ? 282 LYS A HD3  2 
ATOM 619  H HE2  . LYS A 1 16 ? 5.230   -0.568 5.475  1.00 0.00 ? 282 LYS A HE2  2 
ATOM 620  H HE3  . LYS A 1 16 ? 5.661   -2.058 4.622  1.00 0.00 ? 282 LYS A HE3  2 
ATOM 621  H HZ1  . LYS A 1 16 ? 6.607   -2.792 6.877  1.00 0.00 ? 282 LYS A HZ1  2 
ATOM 622  H HZ2  . LYS A 1 16 ? 5.679   -1.552 7.532  1.00 0.00 ? 282 LYS A HZ2  2 
ATOM 623  H HZ3  . LYS A 1 16 ? 4.939   -2.790 6.668  1.00 0.00 ? 282 LYS A HZ3  2 
ATOM 624  N N    . VAL A 1 17 ? 7.308   0.273  0.193  1.00 0.00 ? 283 VAL A N    2 
ATOM 625  C CA   . VAL A 1 17 ? 8.238   -0.130 -0.859 1.00 0.00 ? 283 VAL A CA   2 
ATOM 626  C C    . VAL A 1 17 ? 8.683   1.048  -1.695 1.00 0.00 ? 283 VAL A C    2 
ATOM 627  O O    . VAL A 1 17 ? 9.722   0.999  -2.373 1.00 0.00 ? 283 VAL A O    2 
ATOM 628  C CB   . VAL A 1 17 ? 7.565   -1.235 -1.769 1.00 0.00 ? 283 VAL A CB   2 
ATOM 629  C CG1  . VAL A 1 17 ? 7.992   -1.250 -3.264 1.00 0.00 ? 283 VAL A CG1  2 
ATOM 630  C CG2  . VAL A 1 17 ? 7.787   -2.681 -1.266 1.00 0.00 ? 283 VAL A CG2  2 
ATOM 631  H H    . VAL A 1 17 ? 6.292   0.003  0.169  1.00 0.00 ? 283 VAL A H    2 
ATOM 632  H HA   . VAL A 1 17 ? 9.146   -0.547 -0.387 1.00 0.00 ? 283 VAL A HA   2 
ATOM 633  H HB   . VAL A 1 17 ? 6.471   -1.047 -1.757 1.00 0.00 ? 283 VAL A HB   2 
ATOM 634  H HG11 . VAL A 1 17 ? 9.080   -1.411 -3.391 1.00 0.00 ? 283 VAL A HG11 2 
ATOM 635  H HG12 . VAL A 1 17 ? 7.475   -2.041 -3.839 1.00 0.00 ? 283 VAL A HG12 2 
ATOM 636  H HG13 . VAL A 1 17 ? 7.739   -0.308 -3.786 1.00 0.00 ? 283 VAL A HG13 2 
ATOM 637  H HG21 . VAL A 1 17 ? 7.453   -2.809 -0.221 1.00 0.00 ? 283 VAL A HG21 2 
ATOM 638  H HG22 . VAL A 1 17 ? 7.213   -3.416 -1.863 1.00 0.00 ? 283 VAL A HG22 2 
ATOM 639  H HG23 . VAL A 1 17 ? 8.851   -2.981 -1.308 1.00 0.00 ? 283 VAL A HG23 2 
ATOM 640  N N    . GLN A 1 18 ? 7.905   2.114  -1.699 1.00 0.00 ? 284 GLN A N    2 
ATOM 641  C CA   . GLN A 1 18 ? 8.273   3.340  -2.405 1.00 0.00 ? 284 GLN A CA   2 
ATOM 642  C C    . GLN A 1 18 ? 9.344   4.099  -1.657 1.00 0.00 ? 284 GLN A C    2 
ATOM 643  O O    . GLN A 1 18 ? 10.280  4.653  -2.247 1.00 0.00 ? 284 GLN A O    2 
ATOM 644  C CB   . GLN A 1 18 ? 7.003   4.203  -2.589 1.00 0.00 ? 284 GLN A CB   2 
ATOM 645  C CG   . GLN A 1 18 ? 6.066   3.801  -3.776 1.00 0.00 ? 284 GLN A CG   2 
ATOM 646  C CD   . GLN A 1 18 ? 5.560   4.885  -4.735 1.00 0.00 ? 284 GLN A CD   2 
ATOM 647  O OE1  . GLN A 1 18 ? 4.605   5.587  -4.446 1.00 0.00 ? 284 GLN A OE1  2 
ATOM 648  N NE2  . GLN A 1 18 ? 6.139   5.051  -5.897 1.00 0.00 ? 284 GLN A NE2  2 
ATOM 649  H H    . GLN A 1 18 ? 6.981   2.013  -1.210 1.00 0.00 ? 284 GLN A H    2 
ATOM 650  H HA   . GLN A 1 18 ? 8.679   3.071  -3.396 1.00 0.00 ? 284 GLN A HA   2 
ATOM 651  H HB2  . GLN A 1 18 ? 6.417   4.162  -1.651 1.00 0.00 ? 284 GLN A HB2  2 
ATOM 652  H HB3  . GLN A 1 18 ? 7.306   5.263  -2.706 1.00 0.00 ? 284 GLN A HB3  2 
ATOM 653  H HG2  . GLN A 1 18 ? 6.573   3.068  -4.433 1.00 0.00 ? 284 GLN A HG2  2 
ATOM 654  H HG3  . GLN A 1 18 ? 5.181   3.258  -3.394 1.00 0.00 ? 284 GLN A HG3  2 
ATOM 655  H HE21 . GLN A 1 18 ? 6.888   4.388  -6.105 1.00 0.00 ? 284 GLN A HE21 2 
ATOM 656  H HE22 . GLN A 1 18 ? 5.702   5.750  -6.501 1.00 0.00 ? 284 GLN A HE22 2 
ATOM 657  N N    . ALA A 1 19 ? 9.212   4.164  -0.345 1.00 0.00 ? 285 ALA A N    2 
ATOM 658  C CA   . ALA A 1 19 ? 10.170  4.875  0.497  1.00 0.00 ? 285 ALA A CA   2 
ATOM 659  C C    . ALA A 1 19 ? 11.583  4.422  0.213  1.00 0.00 ? 285 ALA A C    2 
ATOM 660  O O    . ALA A 1 19 ? 12.472  5.218  -0.109 1.00 0.00 ? 285 ALA A O    2 
ATOM 661  C CB   . ALA A 1 19 ? 9.759   4.657  1.963  1.00 0.00 ? 285 ALA A CB   2 
ATOM 662  H H    . ALA A 1 19 ? 8.348   3.714  0.051  1.00 0.00 ? 285 ALA A H    2 
ATOM 663  H HA   . ALA A 1 19 ? 10.117  5.954  0.255  1.00 0.00 ? 285 ALA A HA   2 
ATOM 664  H HB1  . ALA A 1 19 ? 8.736   5.031  2.163  1.00 0.00 ? 285 ALA A HB1  2 
ATOM 665  H HB2  . ALA A 1 19 ? 9.773   3.587  2.246  1.00 0.00 ? 285 ALA A HB2  2 
ATOM 666  H HB3  . ALA A 1 19 ? 10.431  5.189  2.663  1.00 0.00 ? 285 ALA A HB3  2 
ATOM 667  N N    . ALA A 1 20 ? 11.812  3.126  0.319  1.00 0.00 ? 286 ALA A N    2 
ATOM 668  C CA   . ALA A 1 20 ? 13.089  2.528  -0.060 1.00 0.00 ? 286 ALA A CA   2 
ATOM 669  C C    . ALA A 1 20 ? 13.319  2.620  -1.551 1.00 0.00 ? 286 ALA A C    2 
ATOM 670  O O    . ALA A 1 20 ? 14.450  2.802  -2.019 1.00 0.00 ? 286 ALA A O    2 
ATOM 671  C CB   . ALA A 1 20 ? 13.091  1.076  0.451  1.00 0.00 ? 286 ALA A CB   2 
ATOM 672  H H    . ALA A 1 20 ? 11.002  2.542  0.648  1.00 0.00 ? 286 ALA A H    2 
ATOM 673  H HA   . ALA A 1 20 ? 13.903  3.093  0.431  1.00 0.00 ? 286 ALA A HA   2 
ATOM 674  H HB1  . ALA A 1 20 ? 12.960  1.028  1.550  1.00 0.00 ? 286 ALA A HB1  2 
ATOM 675  H HB2  . ALA A 1 20 ? 12.277  0.475  0.002  1.00 0.00 ? 286 ALA A HB2  2 
ATOM 676  H HB3  . ALA A 1 20 ? 14.041  0.560  0.223  1.00 0.00 ? 286 ALA A HB3  2 
ATOM 677  N N    . VAL A 1 21 ? 12.254  2.513  -2.322 1.00 0.00 ? 287 VAL A N    2 
ATOM 678  C CA   . VAL A 1 21 ? 12.332  2.399  -3.777 1.00 0.00 ? 287 VAL A CA   2 
ATOM 679  C C    . VAL A 1 21 ? 13.437  1.456  -4.194 1.00 0.00 ? 287 VAL A C    2 
ATOM 680  O O    . VAL A 1 21 ? 14.486  1.862  -4.707 1.00 0.00 ? 287 VAL A O    2 
ATOM 681  C CB   . VAL A 1 21 ? 12.527  3.828  -4.423 1.00 0.00 ? 287 VAL A CB   2 
ATOM 682  C CG1  . VAL A 1 21 ? 13.588  4.763  -3.782 1.00 0.00 ? 287 VAL A CG1  2 
ATOM 683  C CG2  . VAL A 1 21 ? 12.878  3.789  -5.933 1.00 0.00 ? 287 VAL A CG2  2 
ATOM 684  H H    . VAL A 1 21 ? 11.325  2.544  -1.825 1.00 0.00 ? 287 VAL A H    2 
ATOM 685  H HA   . VAL A 1 21 ? 11.384  1.962  -4.146 1.00 0.00 ? 287 VAL A HA   2 
ATOM 686  H HB   . VAL A 1 21 ? 11.550  4.357  -4.334 1.00 0.00 ? 287 VAL A HB   2 
ATOM 687  H HG11 . VAL A 1 21 ? 14.606  4.328  -3.805 1.00 0.00 ? 287 VAL A HG11 2 
ATOM 688  H HG12 . VAL A 1 21 ? 13.642  5.747  -4.286 1.00 0.00 ? 287 VAL A HG12 2 
ATOM 689  H HG13 . VAL A 1 21 ? 13.360  4.997  -2.725 1.00 0.00 ? 287 VAL A HG13 2 
ATOM 690  H HG21 . VAL A 1 21 ? 12.143  3.199  -6.510 1.00 0.00 ? 287 VAL A HG21 2 
ATOM 691  H HG22 . VAL A 1 21 ? 12.877  4.801  -6.380 1.00 0.00 ? 287 VAL A HG22 2 
ATOM 692  H HG23 . VAL A 1 21 ? 13.873  3.347  -6.120 1.00 0.00 ? 287 VAL A HG23 2 
ATOM 693  N N    . GLY A 1 22 ? 13.228  0.176  -3.949 1.00 0.00 ? 288 GLY A N    2 
ATOM 694  C CA   . GLY A 1 22 ? 14.187  -0.855 -4.335 1.00 0.00 ? 288 GLY A CA   2 
ATOM 695  C C    . GLY A 1 22 ? 14.058  -2.073 -3.449 1.00 0.00 ? 288 GLY A C    2 
ATOM 696  O O    . GLY A 1 22 ? 13.894  -3.205 -3.917 1.00 0.00 ? 288 GLY A O    2 
ATOM 697  H H    . GLY A 1 22 ? 12.352  -0.052 -3.415 1.00 0.00 ? 288 GLY A H    2 
ATOM 698  H HA2  . GLY A 1 22 ? 14.028  -1.153 -5.387 1.00 0.00 ? 288 GLY A HA2  2 
ATOM 699  H HA3  . GLY A 1 22 ? 15.218  -0.463 -4.263 1.00 0.00 ? 288 GLY A HA3  2 
ATOM 700  N N    . THR A 1 23 ? 14.142  -1.859 -2.149 1.00 0.00 ? 289 THR A N    2 
ATOM 701  C CA   . THR A 1 23 ? 13.953  -2.929 -1.173 1.00 0.00 ? 289 THR A CA   2 
ATOM 702  C C    . THR A 1 23 ? 12.485  -3.203 -0.950 1.00 0.00 ? 289 THR A C    2 
ATOM 703  O O    . THR A 1 23 ? 12.080  -4.224 -0.312 1.00 0.00 ? 289 THR A O    2 
ATOM 704  C CB   . THR A 1 23 ? 14.662  -2.573 0.176  1.00 0.00 ? 289 THR A CB   2 
ATOM 705  O OG1  . THR A 1 23 ? 16.073  -2.556 0.009  1.00 0.00 ? 289 THR A OG1  2 
ATOM 706  C CG2  . THR A 1 23 ? 14.424  -3.547 1.351  1.00 0.00 ? 289 THR A CG2  2 
ATOM 707  O OXT  . THR A 1 23 ? 11.679  -2.350 -1.438 1.00 0.00 ? 289 THR A OXT  2 
ATOM 708  H H    . THR A 1 23 ? 14.394  -0.881 -1.860 1.00 0.00 ? 289 THR A H    2 
ATOM 709  H HA   . THR A 1 23 ? 14.403  -3.853 -1.578 1.00 0.00 ? 289 THR A HA   2 
ATOM 710  H HB   . THR A 1 23 ? 14.330  -1.560 0.490  1.00 0.00 ? 289 THR A HB   2 
ATOM 711  H HG1  . THR A 1 23 ? 16.246  -2.965 -0.846 1.00 0.00 ? 289 THR A HG1  2 
ATOM 712  H HG21 . THR A 1 23 ? 14.743  -4.576 1.102  1.00 0.00 ? 289 THR A HG21 2 
ATOM 713  H HG22 . THR A 1 23 ? 14.974  -3.244 2.261  1.00 0.00 ? 289 THR A HG22 2 
ATOM 714  H HG23 . THR A 1 23 ? 13.360  -3.599 1.648  1.00 0.00 ? 289 THR A HG23 2 
ATOM 715  N N    . PRO A 1 1  ? -17.565 -2.517 1.269  1.00 0.00 ? 267 PRO A N    3 
ATOM 716  C CA   . PRO A 1 1  ? -17.346 -1.927 -0.123 1.00 0.00 ? 267 PRO A CA   3 
ATOM 717  C C    . PRO A 1 1  ? -16.145 -2.468 -0.865 1.00 0.00 ? 267 PRO A C    3 
ATOM 718  O O    . PRO A 1 1  ? -15.243 -3.082 -0.285 1.00 0.00 ? 267 PRO A O    3 
ATOM 719  C CB   . PRO A 1 1  ? -17.149 -0.431 0.087  1.00 0.00 ? 267 PRO A CB   3 
ATOM 720  C CG   . PRO A 1 1  ? -18.111 -0.179 1.260  1.00 0.00 ? 267 PRO A CG   3 
ATOM 721  C CD   . PRO A 1 1  ? -17.896 -1.389 2.174  1.00 0.00 ? 267 PRO A CD   3 
ATOM 722  H H2   . PRO A 1 1  ? -16.688 -2.982 1.543  1.00 0.00 ? 267 PRO A H2   3 
ATOM 723  H H3   . PRO A 1 1  ? -18.344 -3.186 1.193  1.00 0.00 ? 267 PRO A H3   3 
ATOM 724  H HA   . PRO A 1 1  ? -18.215 -2.123 -0.738 1.00 0.00 ? 267 PRO A HA   3 
ATOM 725  H HB2  . PRO A 1 1  ? -16.118 -0.246 0.436  1.00 0.00 ? 267 PRO A HB2  3 
ATOM 726  H HB3  . PRO A 1 1  ? -17.505 0.109  -0.797 1.00 0.00 ? 267 PRO A HB3  3 
ATOM 727  H HG2  . PRO A 1 1  ? -17.789 0.626  1.941  1.00 0.00 ? 267 PRO A HG2  3 
ATOM 728  H HG3  . PRO A 1 1  ? -19.119 -0.122 0.828  1.00 0.00 ? 267 PRO A HG3  3 
ATOM 729  H HD2  . PRO A 1 1  ? -17.045 -1.199 2.851  1.00 0.00 ? 267 PRO A HD2  3 
ATOM 730  H HD3  . PRO A 1 1  ? -18.836 -1.619 2.701  1.00 0.00 ? 267 PRO A HD3  3 
ATOM 731  N N    . LEU A 1 2  ? -16.127 -2.267 -2.169 1.00 0.00 ? 268 LEU A N    3 
ATOM 732  C CA   . LEU A 1 2  ? -15.070 -2.797 -3.025 1.00 0.00 ? 268 LEU A CA   3 
ATOM 733  C C    . LEU A 1 2  ? -14.045 -1.732 -3.341 1.00 0.00 ? 268 LEU A C    3 
ATOM 734  O O    . LEU A 1 2  ? -13.457 -1.697 -4.429 1.00 0.00 ? 268 LEU A O    3 
ATOM 735  C CB   . LEU A 1 2  ? -15.669 -3.395 -4.331 1.00 0.00 ? 268 LEU A CB   3 
ATOM 736  C CG   . LEU A 1 2  ? -14.920 -4.574 -5.009 1.00 0.00 ? 268 LEU A CG   3 
ATOM 737  C CD1  . LEU A 1 2  ? -14.941 -4.404 -6.537 1.00 0.00 ? 268 LEU A CD1  3 
ATOM 738  C CD2  . LEU A 1 2  ? -13.469 -4.715 -4.519 1.00 0.00 ? 268 LEU A CD2  3 
ATOM 739  H H    . LEU A 1 2  ? -16.945 -1.737 -2.564 1.00 0.00 ? 268 LEU A H    3 
ATOM 740  H HA   . LEU A 1 2  ? -14.535 -3.589 -2.472 1.00 0.00 ? 268 LEU A HA   3 
ATOM 741  H HB2  . LEU A 1 2  ? -16.711 -3.712 -4.128 1.00 0.00 ? 268 LEU A HB2  3 
ATOM 742  H HB3  . LEU A 1 2  ? -15.767 -2.579 -5.075 1.00 0.00 ? 268 LEU A HB3  3 
ATOM 743  H HG   . LEU A 1 2  ? -15.460 -5.514 -4.768 1.00 0.00 ? 268 LEU A HG   3 
ATOM 744  H HD11 . LEU A 1 2  ? -15.972 -4.344 -6.929 1.00 0.00 ? 268 LEU A HD11 3 
ATOM 745  H HD12 . LEU A 1 2  ? -14.411 -3.489 -6.862 1.00 0.00 ? 268 LEU A HD12 3 
ATOM 746  H HD13 . LEU A 1 2  ? -14.459 -5.259 -7.046 1.00 0.00 ? 268 LEU A HD13 3 
ATOM 747  H HD21 . LEU A 1 2  ? -12.888 -3.785 -4.664 1.00 0.00 ? 268 LEU A HD21 3 
ATOM 748  H HD22 . LEU A 1 2  ? -13.431 -4.965 -3.445 1.00 0.00 ? 268 LEU A HD22 3 
ATOM 749  H HD23 . LEU A 1 2  ? -12.934 -5.528 -5.044 1.00 0.00 ? 268 LEU A HD23 3 
ATOM 750  N N    . VAL A 1 3  ? -13.819 -0.839 -2.396 1.00 0.00 ? 269 VAL A N    3 
ATOM 751  C CA   . VAL A 1 3  ? -12.950 0.315  -2.615 1.00 0.00 ? 269 VAL A CA   3 
ATOM 752  C C    . VAL A 1 3  ? -12.238 0.706  -1.342 1.00 0.00 ? 269 VAL A C    3 
ATOM 753  O O    . VAL A 1 3  ? -11.019 0.910  -1.313 1.00 0.00 ? 269 VAL A O    3 
ATOM 754  C CB   . VAL A 1 3  ? -13.793 1.526  -3.187 1.00 0.00 ? 269 VAL A CB   3 
ATOM 755  C CG1  . VAL A 1 3  ? -13.199 2.946  -2.972 1.00 0.00 ? 269 VAL A CG1  3 
ATOM 756  C CG2  . VAL A 1 3  ? -14.083 1.427  -4.704 1.00 0.00 ? 269 VAL A CG2  3 
ATOM 757  H H    . VAL A 1 3  ? -14.260 -1.031 -1.462 1.00 0.00 ? 269 VAL A H    3 
ATOM 758  H HA   . VAL A 1 3  ? -12.176 0.040  -3.353 1.00 0.00 ? 269 VAL A HA   3 
ATOM 759  H HB   . VAL A 1 3  ? -14.772 1.504  -2.663 1.00 0.00 ? 269 VAL A HB   3 
ATOM 760  H HG11 . VAL A 1 3  ? -12.204 3.064  -3.440 1.00 0.00 ? 269 VAL A HG11 3 
ATOM 761  H HG12 . VAL A 1 3  ? -13.851 3.740  -3.387 1.00 0.00 ? 269 VAL A HG12 3 
ATOM 762  H HG13 . VAL A 1 3  ? -13.088 3.202  -1.902 1.00 0.00 ? 269 VAL A HG13 3 
ATOM 763  H HG21 . VAL A 1 3  ? -14.573 0.474  -4.967 1.00 0.00 ? 269 VAL A HG21 3 
ATOM 764  H HG22 . VAL A 1 3  ? -14.768 2.228  -5.044 1.00 0.00 ? 269 VAL A HG22 3 
ATOM 765  H HG23 . VAL A 1 3  ? -13.162 1.502  -5.312 1.00 0.00 ? 269 VAL A HG23 3 
ATOM 766  N N    . GLU A 1 4  ? -12.991 0.828  -0.264 1.00 0.00 ? 270 GLU A N    3 
ATOM 767  C CA   . GLU A 1 4  ? -12.428 1.143  1.046  1.00 0.00 ? 270 GLU A CA   3 
ATOM 768  C C    . GLU A 1 4  ? -11.534 0.030  1.540  1.00 0.00 ? 270 GLU A C    3 
ATOM 769  O O    . GLU A 1 4  ? -10.528 0.261  2.224  1.00 0.00 ? 270 GLU A O    3 
ATOM 770  C CB   . GLU A 1 4  ? -13.598 1.406  2.037  1.00 0.00 ? 270 GLU A CB   3 
ATOM 771  C CG   . GLU A 1 4  ? -14.134 2.872  2.139  1.00 0.00 ? 270 GLU A CG   3 
ATOM 772  C CD   . GLU A 1 4  ? -15.624 3.120  1.893  1.00 0.00 ? 270 GLU A CD   3 
ATOM 773  O OE1  . GLU A 1 4  ? -16.218 2.689  0.913  1.00 0.00 ? 270 GLU A OE1  3 
ATOM 774  O OE2  . GLU A 1 4  ? -16.224 3.862  2.864  1.00 0.00 ? 270 GLU A OE2  3 
ATOM 775  H H    . GLU A 1 4  ? -14.020 0.660  -0.403 1.00 0.00 ? 270 GLU A H    3 
ATOM 776  H HA   . GLU A 1 4  ? -11.809 2.055  0.954  1.00 0.00 ? 270 GLU A HA   3 
ATOM 777  H HB2  . GLU A 1 4  ? -14.443 0.742  1.771  1.00 0.00 ? 270 GLU A HB2  3 
ATOM 778  H HB3  . GLU A 1 4  ? -13.292 1.063  3.044  1.00 0.00 ? 270 GLU A HB3  3 
ATOM 779  H HG2  . GLU A 1 4  ? -13.904 3.282  3.141  1.00 0.00 ? 270 GLU A HG2  3 
ATOM 780  H HG3  . GLU A 1 4  ? -13.581 3.530  1.444  1.00 0.00 ? 270 GLU A HG3  3 
ATOM 781  N N    . ASP A 1 5  ? -11.881 -1.199 1.209  1.00 0.00 ? 271 ASP A N    3 
ATOM 782  C CA   . ASP A 1 5  ? -11.162 -2.370 1.708  1.00 0.00 ? 271 ASP A CA   3 
ATOM 783  C C    . ASP A 1 5  ? -10.122 -2.842 0.720  1.00 0.00 ? 271 ASP A C    3 
ATOM 784  O O    . ASP A 1 5  ? -9.844  -4.042 0.593  1.00 0.00 ? 271 ASP A O    3 
ATOM 785  C CB   . ASP A 1 5  ? -12.164 -3.498 2.070  1.00 0.00 ? 271 ASP A CB   3 
ATOM 786  C CG   . ASP A 1 5  ? -11.876 -4.290 3.354  1.00 0.00 ? 271 ASP A CG   3 
ATOM 787  O OD1  . ASP A 1 5  ? -11.093 -5.390 3.133  1.00 0.00 ? 271 ASP A OD1  3 
ATOM 788  O OD2  . ASP A 1 5  ? -12.322 -3.974 4.447  1.00 0.00 ? 271 ASP A OD2  3 
ATOM 789  H H    . ASP A 1 5  ? -12.688 -1.290 0.543  1.00 0.00 ? 271 ASP A H    3 
ATOM 790  H HA   . ASP A 1 5  ? -10.617 -2.038 2.609  1.00 0.00 ? 271 ASP A HA   3 
ATOM 791  H HB2  . ASP A 1 5  ? -13.193 -3.104 2.149  1.00 0.00 ? 271 ASP A HB2  3 
ATOM 792  H HB3  . ASP A 1 5  ? -12.210 -4.227 1.237  1.00 0.00 ? 271 ASP A HB3  3 
ATOM 793  N N    . MET A 1 6  ? -9.522  -1.912 0.001  1.00 0.00 ? 272 MET A N    3 
ATOM 794  C CA   . MET A 1 6  ? -8.376  -2.208 -0.854 1.00 0.00 ? 272 MET A CA   3 
ATOM 795  C C    . MET A 1 6  ? -7.444  -1.021 -0.934 1.00 0.00 ? 272 MET A C    3 
ATOM 796  O O    . MET A 1 6  ? -6.726  -0.820 -1.921 1.00 0.00 ? 272 MET A O    3 
ATOM 797  C CB   . MET A 1 6  ? -8.864  -2.627 -2.269 1.00 0.00 ? 272 MET A CB   3 
ATOM 798  C CG   . MET A 1 6  ? -8.634  -4.105 -2.650 1.00 0.00 ? 272 MET A CG   3 
ATOM 799  S SD   . MET A 1 6  ? -7.000  -4.300 -3.382 1.00 0.00 ? 272 MET A SD   3 
ATOM 800  C CE   . MET A 1 6  ? -7.500  -4.976 -4.971 1.00 0.00 ? 272 MET A CE   3 
ATOM 801  H H    . MET A 1 6  ? -9.947  -0.952 0.044  1.00 0.00 ? 272 MET A H    3 
ATOM 802  H HA   . MET A 1 6  ? -7.805  -3.040 -0.402 1.00 0.00 ? 272 MET A HA   3 
ATOM 803  H HB2  . MET A 1 6  ? -9.943  -2.395 -2.379 1.00 0.00 ? 272 MET A HB2  3 
ATOM 804  H HB3  . MET A 1 6  ? -8.361  -2.002 -3.031 1.00 0.00 ? 272 MET A HB3  3 
ATOM 805  H HG2  . MET A 1 6  ? -8.710  -4.746 -1.750 1.00 0.00 ? 272 MET A HG2  3 
ATOM 806  H HG3  . MET A 1 6  ? -9.398  -4.467 -3.363 1.00 0.00 ? 272 MET A HG3  3 
ATOM 807  H HE1  . MET A 1 6  ? -8.196  -4.286 -5.481 1.00 0.00 ? 272 MET A HE1  3 
ATOM 808  H HE2  . MET A 1 6  ? -6.621  -5.122 -5.623 1.00 0.00 ? 272 MET A HE2  3 
ATOM 809  H HE3  . MET A 1 6  ? -8.005  -5.950 -4.845 1.00 0.00 ? 272 MET A HE3  3 
ATOM 810  N N    . GLN A 1 7  ? -7.429  -0.221 0.115  1.00 0.00 ? 273 GLN A N    3 
ATOM 811  C CA   . GLN A 1 7  ? -6.718  1.053  0.112  1.00 0.00 ? 273 GLN A CA   3 
ATOM 812  C C    . GLN A 1 7  ? -6.440  1.519  1.523  1.00 0.00 ? 273 GLN A C    3 
ATOM 813  O O    . GLN A 1 7  ? -6.636  2.687  1.874  1.00 0.00 ? 273 GLN A O    3 
ATOM 814  C CB   . GLN A 1 7  ? -7.564  2.093  -0.655 1.00 0.00 ? 273 GLN A CB   3 
ATOM 815  C CG   . GLN A 1 7  ? -6.873  2.775  -1.882 1.00 0.00 ? 273 GLN A CG   3 
ATOM 816  C CD   . GLN A 1 7  ? -6.484  4.256  -1.792 1.00 0.00 ? 273 GLN A CD   3 
ATOM 817  O OE1  . GLN A 1 7  ? -7.204  5.128  -2.252 1.00 0.00 ? 273 GLN A OE1  3 
ATOM 818  N NE2  . GLN A 1 7  ? -5.364  4.603  -1.209 1.00 0.00 ? 273 GLN A NE2  3 
ATOM 819  H H    . GLN A 1 7  ? -7.924  -0.579 0.971  1.00 0.00 ? 273 GLN A H    3 
ATOM 820  H HA   . GLN A 1 7  ? -5.743  0.916  -0.393 1.00 0.00 ? 273 GLN A HA   3 
ATOM 821  H HB2  . GLN A 1 7  ? -8.498  1.608  -1.003 1.00 0.00 ? 273 GLN A HB2  3 
ATOM 822  H HB3  . GLN A 1 7  ? -7.890  2.879  0.057  1.00 0.00 ? 273 GLN A HB3  3 
ATOM 823  H HG2  . GLN A 1 7  ? -5.967  2.211  -2.171 1.00 0.00 ? 273 GLN A HG2  3 
ATOM 824  H HG3  . GLN A 1 7  ? -7.528  2.716  -2.771 1.00 0.00 ? 273 GLN A HG3  3 
ATOM 825  H HE21 . GLN A 1 7  ? -4.786  3.826  -0.887 1.00 0.00 ? 273 GLN A HE21 3 
ATOM 826  H HE22 . GLN A 1 7  ? -5.159  5.604  -1.228 1.00 0.00 ? 273 GLN A HE22 3 
ATOM 827  N N    . ARG A 1 8  ? -5.950  0.613  2.348  1.00 0.00 ? 274 ARG A N    3 
ATOM 828  C CA   . ARG A 1 8  ? -5.763  0.881  3.772  1.00 0.00 ? 274 ARG A CA   3 
ATOM 829  C C    . ARG A 1 8  ? -4.694  -0.013 4.356  1.00 0.00 ? 274 ARG A C    3 
ATOM 830  O O    . ARG A 1 8  ? -3.624  0.441  4.778  1.00 0.00 ? 274 ARG A O    3 
ATOM 831  C CB   . ARG A 1 8  ? -7.121  0.692  4.504  1.00 0.00 ? 274 ARG A CB   3 
ATOM 832  C CG   . ARG A 1 8  ? -7.580  1.905  5.356  1.00 0.00 ? 274 ARG A CG   3 
ATOM 833  C CD   . ARG A 1 8  ? -8.512  1.497  6.505  1.00 0.00 ? 274 ARG A CD   3 
ATOM 834  N NE   . ARG A 1 8  ? -7.774  1.656  7.783  1.00 0.00 ? 274 ARG A NE   3 
ATOM 835  C CZ   . ARG A 1 8  ? -7.786  2.738  8.550  1.00 0.00 ? 274 ARG A CZ   3 
ATOM 836  N NH1  . ARG A 1 8  ? -8.459  3.819  8.283  1.00 0.00 ? 274 ARG A NH1  3 
ATOM 837  N NH2  . ARG A 1 8  ? -7.084  2.711  9.627  1.00 0.00 ? 274 ARG A NH2  3 
ATOM 838  H H    . ARG A 1 8  ? -5.653  -0.296 1.914  1.00 0.00 ? 274 ARG A H    3 
ATOM 839  H HA   . ARG A 1 8  ? -5.421  1.927  3.883  1.00 0.00 ? 274 ARG A HA   3 
ATOM 840  H HB2  . ARG A 1 8  ? -7.916  0.467  3.765  1.00 0.00 ? 274 ARG A HB2  3 
ATOM 841  H HB3  . ARG A 1 8  ? -7.072  -0.216 5.142  1.00 0.00 ? 274 ARG A HB3  3 
ATOM 842  H HG2  . ARG A 1 8  ? -6.712  2.441  5.786  1.00 0.00 ? 274 ARG A HG2  3 
ATOM 843  H HG3  . ARG A 1 8  ? -8.092  2.650  4.713  1.00 0.00 ? 274 ARG A HG3  3 
ATOM 844  H HD2  . ARG A 1 8  ? -9.425  2.125  6.504  1.00 0.00 ? 274 ARG A HD2  3 
ATOM 845  H HD3  . ARG A 1 8  ? -8.842  0.445  6.378  1.00 0.00 ? 274 ARG A HD3  3 
ATOM 846  H HE   . ARG A 1 8  ? -7.203  0.859  8.102  1.00 0.00 ? 274 ARG A HE   3 
ATOM 847  H HH11 . ARG A 1 8  ? -8.990  3.756  7.414  1.00 0.00 ? 274 ARG A HH11 3 
ATOM 848  H HH12 . ARG A 1 8  ? -8.389  4.585  8.949  1.00 0.00 ? 274 ARG A HH12 3 
ATOM 849  H HH21 . ARG A 1 8  ? -6.596  1.821  9.741  1.00 0.00 ? 274 ARG A HH21 3 
ATOM 850  H HH22 . ARG A 1 8  ? -7.087  3.539  10.219 1.00 0.00 ? 274 ARG A HH22 3 
ATOM 851  N N    . GLN A 1 9  ? -4.971  -1.303 4.398  1.00 0.00 ? 275 GLN A N    3 
ATOM 852  C CA   . GLN A 1 9  ? -3.967  -2.297 4.770  1.00 0.00 ? 275 GLN A CA   3 
ATOM 853  C C    . GLN A 1 9  ? -3.031  -2.574 3.616  1.00 0.00 ? 275 GLN A C    3 
ATOM 854  O O    . GLN A 1 9  ? -1.828  -2.797 3.793  1.00 0.00 ? 275 GLN A O    3 
ATOM 855  C CB   . GLN A 1 9  ? -4.688  -3.586 5.219  1.00 0.00 ? 275 GLN A CB   3 
ATOM 856  C CG   . GLN A 1 9  ? -6.065  -3.394 5.938  1.00 0.00 ? 275 GLN A CG   3 
ATOM 857  C CD   . GLN A 1 9  ? -7.357  -3.716 5.178  1.00 0.00 ? 275 GLN A CD   3 
ATOM 858  O OE1  . GLN A 1 9  ? -8.387  -3.097 5.394  1.00 0.00 ? 275 GLN A OE1  3 
ATOM 859  N NE2  . GLN A 1 9  ? -7.361  -4.652 4.263  1.00 0.00 ? 275 GLN A NE2  3 
ATOM 860  H H    . GLN A 1 9  ? -5.967  -1.568 4.197  1.00 0.00 ? 275 GLN A H    3 
ATOM 861  H HA   . GLN A 1 9  ? -3.362  -1.896 5.604  1.00 0.00 ? 275 GLN A HA   3 
ATOM 862  H HB2  . GLN A 1 9  ? -4.842  -4.237 4.336  1.00 0.00 ? 275 GLN A HB2  3 
ATOM 863  H HB3  . GLN A 1 9  ? -4.009  -4.156 5.888  1.00 0.00 ? 275 GLN A HB3  3 
ATOM 864  H HG2  . GLN A 1 9  ? -6.084  -3.969 6.883  1.00 0.00 ? 275 GLN A HG2  3 
ATOM 865  H HG3  . GLN A 1 9  ? -6.187  -2.342 6.256  1.00 0.00 ? 275 GLN A HG3  3 
ATOM 866  H HE21 . GLN A 1 9  ? -6.453  -5.082 4.082  1.00 0.00 ? 275 GLN A HE21 3 
ATOM 867  H HE22 . GLN A 1 9  ? -8.245  -4.761 3.762  1.00 0.00 ? 275 GLN A HE22 3 
ATOM 868  N N    . TRP A 1 10 ? -3.577  -2.595 2.415  1.00 0.00 ? 276 TRP A N    3 
ATOM 869  C CA   . TRP A 1 10 ? -2.797  -2.879 1.213  1.00 0.00 ? 276 TRP A CA   3 
ATOM 870  C C    . TRP A 1 10 ? -1.954  -1.688 0.819  1.00 0.00 ? 276 TRP A C    3 
ATOM 871  O O    . TRP A 1 10 ? -0.896  -1.819 0.192  1.00 0.00 ? 276 TRP A O    3 
ATOM 872  C CB   . TRP A 1 10 ? -3.765  -3.246 0.056  1.00 0.00 ? 276 TRP A CB   3 
ATOM 873  C CG   . TRP A 1 10 ? -3.133  -3.234 -1.340 1.00 0.00 ? 276 TRP A CG   3 
ATOM 874  C CD1  . TRP A 1 10 ? -3.136  -2.147 -2.240 1.00 0.00 ? 276 TRP A CD1  3 
ATOM 875  C CD2  . TRP A 1 10 ? -2.425  -4.239 -1.964 1.00 0.00 ? 276 TRP A CD2  3 
ATOM 876  N NE1  . TRP A 1 10 ? -2.434  -2.452 -3.422 1.00 0.00 ? 276 TRP A NE1  3 
ATOM 877  C CE2  . TRP A 1 10 ? -2.002  -3.755 -3.227 1.00 0.00 ? 276 TRP A CE2  3 
ATOM 878  C CE3  . TRP A 1 10 ? -2.119  -5.566 -1.560 1.00 0.00 ? 276 TRP A CE3  3 
ATOM 879  C CZ2  . TRP A 1 10 ? -1.236  -4.582 -4.078 1.00 0.00 ? 276 TRP A CZ2  3 
ATOM 880  C CZ3  . TRP A 1 10 ? -1.306  -6.338 -2.389 1.00 0.00 ? 276 TRP A CZ3  3 
ATOM 881  C CH2  . TRP A 1 10 ? -0.863  -5.851 -3.626 1.00 0.00 ? 276 TRP A CH2  3 
ATOM 882  H H    . TRP A 1 10 ? -4.616  -2.443 2.378  1.00 0.00 ? 276 TRP A H    3 
ATOM 883  H HA   . TRP A 1 10 ? -2.108  -3.721 1.419  1.00 0.00 ? 276 TRP A HA   3 
ATOM 884  H HB2  . TRP A 1 10 ? -4.189  -4.257 0.220  1.00 0.00 ? 276 TRP A HB2  3 
ATOM 885  H HB3  . TRP A 1 10 ? -4.648  -2.577 0.065  1.00 0.00 ? 276 TRP A HB3  3 
ATOM 886  H HD1  . TRP A 1 10 ? -3.660  -1.218 -2.058 1.00 0.00 ? 276 TRP A HD1  3 
ATOM 887  H HE1  . TRP A 1 10 ? -2.311  -1.867 -4.256 1.00 0.00 ? 276 TRP A HE1  3 
ATOM 888  H HE3  . TRP A 1 10 ? -2.508  -5.966 -0.633 1.00 0.00 ? 276 TRP A HE3  3 
ATOM 889  H HZ2  . TRP A 1 10 ? -0.949  -4.235 -5.060 1.00 0.00 ? 276 TRP A HZ2  3 
ATOM 890  H HZ3  . TRP A 1 10 ? -1.014  -7.328 -2.069 1.00 0.00 ? 276 TRP A HZ3  3 
ATOM 891  H HH2  . TRP A 1 10 ? -0.221  -6.465 -4.241 1.00 0.00 ? 276 TRP A HH2  3 
ATOM 892  N N    . ALA A 1 11 ? -2.423  -0.500 1.154  1.00 0.00 ? 277 ALA A N    3 
ATOM 893  C CA   . ALA A 1 11 ? -1.646  0.720  0.954  1.00 0.00 ? 277 ALA A CA   3 
ATOM 894  C C    . ALA A 1 11 ? -0.409  0.721  1.821  1.00 0.00 ? 277 ALA A C    3 
ATOM 895  O O    . ALA A 1 11 ? 0.628   1.299  1.476  1.00 0.00 ? 277 ALA A O    3 
ATOM 896  C CB   . ALA A 1 11 ? -2.572  1.917  1.236  1.00 0.00 ? 277 ALA A CB   3 
ATOM 897  H H    . ALA A 1 11 ? -3.406  -0.483 1.527  1.00 0.00 ? 277 ALA A H    3 
ATOM 898  H HA   . ALA A 1 11 ? -1.308  0.755  -0.098 1.00 0.00 ? 277 ALA A HA   3 
ATOM 899  H HB1  . ALA A 1 11 ? -3.452  1.921  0.565  1.00 0.00 ? 277 ALA A HB1  3 
ATOM 900  H HB2  . ALA A 1 11 ? -2.955  1.912  2.274  1.00 0.00 ? 277 ALA A HB2  3 
ATOM 901  H HB3  . ALA A 1 11 ? -2.054  2.882  1.084  1.00 0.00 ? 277 ALA A HB3  3 
ATOM 902  N N    . GLY A 1 12 ? -0.502  0.085  2.975  1.00 0.00 ? 278 GLY A N    3 
ATOM 903  C CA   . GLY A 1 12 ? 0.640   -0.059 3.873  1.00 0.00 ? 278 GLY A CA   3 
ATOM 904  C C    . GLY A 1 12 ? 1.724   -0.900 3.240  1.00 0.00 ? 278 GLY A C    3 
ATOM 905  O O    . GLY A 1 12 ? 2.871   -0.466 3.073  1.00 0.00 ? 278 GLY A O    3 
ATOM 906  H H    . GLY A 1 12 ? -1.457  -0.272 3.229  1.00 0.00 ? 278 GLY A H    3 
ATOM 907  H HA2  . GLY A 1 12 ? 1.053   0.934  4.128  1.00 0.00 ? 278 GLY A HA2  3 
ATOM 908  H HA3  . GLY A 1 12 ? 0.323   -0.529 4.822  1.00 0.00 ? 278 GLY A HA3  3 
ATOM 909  N N    . LEU A 1 13 ? 1.375   -2.115 2.865  1.00 0.00 ? 279 LEU A N    3 
ATOM 910  C CA   . LEU A 1 13 ? 2.353   -3.091 2.394  1.00 0.00 ? 279 LEU A CA   3 
ATOM 911  C C    . LEU A 1 13 ? 3.129   -2.555 1.213  1.00 0.00 ? 279 LEU A C    3 
ATOM 912  O O    . LEU A 1 13 ? 4.359   -2.667 1.137  1.00 0.00 ? 279 LEU A O    3 
ATOM 913  C CB   . LEU A 1 13 ? 1.656   -4.435 2.035  1.00 0.00 ? 279 LEU A CB   3 
ATOM 914  C CG   . LEU A 1 13 ? 1.275   -5.403 3.188  1.00 0.00 ? 279 LEU A CG   3 
ATOM 915  C CD1  . LEU A 1 13 ? -0.253  -5.524 3.292  1.00 0.00 ? 279 LEU A CD1  3 
ATOM 916  C CD2  . LEU A 1 13 ? 1.893   -6.802 3.024  1.00 0.00 ? 279 LEU A CD2  3 
ATOM 917  H H    . LEU A 1 13 ? 0.351   -2.340 2.925  1.00 0.00 ? 279 LEU A H    3 
ATOM 918  H HA   . LEU A 1 13 ? 3.092   -3.262 3.198  1.00 0.00 ? 279 LEU A HA   3 
ATOM 919  H HB2  . LEU A 1 13 ? 0.734   -4.212 1.456  1.00 0.00 ? 279 LEU A HB2  3 
ATOM 920  H HB3  . LEU A 1 13 ? 2.301   -4.985 1.319  1.00 0.00 ? 279 LEU A HB3  3 
ATOM 921  H HG   . LEU A 1 13 ? 1.647   -4.969 4.140  1.00 0.00 ? 279 LEU A HG   3 
ATOM 922  H HD11 . LEU A 1 13 ? -0.733  -4.540 3.454  1.00 0.00 ? 279 LEU A HD11 3 
ATOM 923  H HD12 . LEU A 1 13 ? -0.703  -5.960 2.380  1.00 0.00 ? 279 LEU A HD12 3 
ATOM 924  H HD13 . LEU A 1 13 ? -0.554  -6.164 4.142  1.00 0.00 ? 279 LEU A HD13 3 
ATOM 925  H HD21 . LEU A 1 13 ? 1.626   -7.268 2.058  1.00 0.00 ? 279 LEU A HD21 3 
ATOM 926  H HD22 . LEU A 1 13 ? 2.997   -6.759 3.075  1.00 0.00 ? 279 LEU A HD22 3 
ATOM 927  H HD23 . LEU A 1 13 ? 1.578   -7.491 3.829  1.00 0.00 ? 279 LEU A HD23 3 
ATOM 928  N N    . VAL A 1 14 ? 2.422   -1.970 0.265  1.00 0.00 ? 280 VAL A N    3 
ATOM 929  C CA   . VAL A 1 14 ? 3.011   -1.565 -1.010 1.00 0.00 ? 280 VAL A CA   3 
ATOM 930  C C    . VAL A 1 14 ? 3.835   -0.308 -0.863 1.00 0.00 ? 280 VAL A C    3 
ATOM 931  O O    . VAL A 1 14 ? 4.882   -0.139 -1.500 1.00 0.00 ? 280 VAL A O    3 
ATOM 932  C CB   . VAL A 1 14 ? 1.869   -1.361 -2.085 1.00 0.00 ? 280 VAL A CB   3 
ATOM 933  C CG1  . VAL A 1 14 ? 2.365   -0.747 -3.416 1.00 0.00 ? 280 VAL A CG1  3 
ATOM 934  C CG2  . VAL A 1 14 ? 1.068   -2.628 -2.491 1.00 0.00 ? 280 VAL A CG2  3 
ATOM 935  H H    . VAL A 1 14 ? 1.396   -1.858 0.458  1.00 0.00 ? 280 VAL A H    3 
ATOM 936  H HA   . VAL A 1 14 ? 3.696   -2.364 -1.350 1.00 0.00 ? 280 VAL A HA   3 
ATOM 937  H HB   . VAL A 1 14 ? 1.135   -0.648 -1.651 1.00 0.00 ? 280 VAL A HB   3 
ATOM 938  H HG11 . VAL A 1 14 ? 3.010   0.135  -3.249 1.00 0.00 ? 280 VAL A HG11 3 
ATOM 939  H HG12 . VAL A 1 14 ? 2.975   -1.465 -3.998 1.00 0.00 ? 280 VAL A HG12 3 
ATOM 940  H HG13 . VAL A 1 14 ? 1.530   -0.423 -4.066 1.00 0.00 ? 280 VAL A HG13 3 
ATOM 941  H HG21 . VAL A 1 14 ? 0.784   -3.246 -1.617 1.00 0.00 ? 280 VAL A HG21 3 
ATOM 942  H HG22 . VAL A 1 14 ? 0.134   -2.383 -3.033 1.00 0.00 ? 280 VAL A HG22 3 
ATOM 943  H HG23 . VAL A 1 14 ? 1.654   -3.307 -3.140 1.00 0.00 ? 280 VAL A HG23 3 
ATOM 944  N N    . GLU A 1 15 ? 3.361   0.611  -0.044 1.00 0.00 ? 281 GLU A N    3 
ATOM 945  C CA   . GLU A 1 15 ? 3.943   1.949  0.062  1.00 0.00 ? 281 GLU A CA   3 
ATOM 946  C C    . GLU A 1 15 ? 5.259   1.940  0.802  1.00 0.00 ? 281 GLU A C    3 
ATOM 947  O O    . GLU A 1 15 ? 6.040   2.902  0.742  1.00 0.00 ? 281 GLU A O    3 
ATOM 948  C CB   . GLU A 1 15 ? 2.915   2.879  0.771  1.00 0.00 ? 281 GLU A CB   3 
ATOM 949  C CG   . GLU A 1 15 ? 3.235   4.410  0.795  1.00 0.00 ? 281 GLU A CG   3 
ATOM 950  C CD   . GLU A 1 15 ? 3.368   5.105  2.152  1.00 0.00 ? 281 GLU A CD   3 
ATOM 951  O OE1  . GLU A 1 15 ? 2.193   5.599  2.633  1.00 0.00 ? 281 GLU A OE1  3 
ATOM 952  O OE2  . GLU A 1 15 ? 4.433   5.205  2.748  1.00 0.00 ? 281 GLU A OE2  3 
ATOM 953  H H    . GLU A 1 15 ? 2.501   0.344  0.495  1.00 0.00 ? 281 GLU A H    3 
ATOM 954  H HA   . GLU A 1 15 ? 4.134   2.322  -0.961 1.00 0.00 ? 281 GLU A HA   3 
ATOM 955  H HB2  . GLU A 1 15 ? 1.924   2.736  0.300  1.00 0.00 ? 281 GLU A HB2  3 
ATOM 956  H HB3  . GLU A 1 15 ? 2.775   2.525  1.810  1.00 0.00 ? 281 GLU A HB3  3 
ATOM 957  H HG2  . GLU A 1 15 ? 4.169   4.613  0.239  1.00 0.00 ? 281 GLU A HG2  3 
ATOM 958  H HG3  . GLU A 1 15 ? 2.459   4.961  0.230  1.00 0.00 ? 281 GLU A HG3  3 
ATOM 959  N N    . LYS A 1 16 ? 5.522   0.884  1.546  1.00 0.00 ? 282 LYS A N    3 
ATOM 960  C CA   . LYS A 1 16 ? 6.832   0.676  2.160  1.00 0.00 ? 282 LYS A CA   3 
ATOM 961  C C    . LYS A 1 16 ? 7.801   0.053  1.182  1.00 0.00 ? 282 LYS A C    3 
ATOM 962  O O    . LYS A 1 16 ? 8.992   0.382  1.147  1.00 0.00 ? 282 LYS A O    3 
ATOM 963  C CB   . LYS A 1 16 ? 6.672   -0.211 3.426  1.00 0.00 ? 282 LYS A CB   3 
ATOM 964  C CG   . LYS A 1 16 ? 7.701   0.104  4.537  1.00 0.00 ? 282 LYS A CG   3 
ATOM 965  C CD   . LYS A 1 16 ? 7.340   -0.437 5.924  1.00 0.00 ? 282 LYS A CD   3 
ATOM 966  C CE   . LYS A 1 16 ? 5.861   -0.148 6.212  1.00 0.00 ? 282 LYS A CE   3 
ATOM 967  N NZ   . LYS A 1 16 ? 5.757   0.830  7.309  1.00 0.00 ? 282 LYS A NZ   3 
ATOM 968  H H    . LYS A 1 16 ? 4.719   0.234  1.728  1.00 0.00 ? 282 LYS A H    3 
ATOM 969  H HA   . LYS A 1 16 ? 7.238   1.663  2.448  1.00 0.00 ? 282 LYS A HA   3 
ATOM 970  H HB2  . LYS A 1 16 ? 5.641   -0.104 3.825  1.00 0.00 ? 282 LYS A HB2  3 
ATOM 971  H HB3  . LYS A 1 16 ? 6.756   -1.279 3.142  1.00 0.00 ? 282 LYS A HB3  3 
ATOM 972  H HG2  . LYS A 1 16 ? 8.687   -0.329 4.282  1.00 0.00 ? 282 LYS A HG2  3 
ATOM 973  H HG3  . LYS A 1 16 ? 7.866   1.200  4.591  1.00 0.00 ? 282 LYS A HG3  3 
ATOM 974  H HD2  . LYS A 1 16 ? 7.532   -1.529 5.962  1.00 0.00 ? 282 LYS A HD2  3 
ATOM 975  H HD3  . LYS A 1 16 ? 7.999   0.022  6.688  1.00 0.00 ? 282 LYS A HD3  3 
ATOM 976  H HE2  . LYS A 1 16 ? 5.356   0.236  5.301  1.00 0.00 ? 282 LYS A HE2  3 
ATOM 977  H HE3  . LYS A 1 16 ? 5.318   -1.075 6.489  1.00 0.00 ? 282 LYS A HE3  3 
ATOM 978  H HZ1  . LYS A 1 16 ? 6.617   0.804  7.876  1.00 0.00 ? 282 LYS A HZ1  3 
ATOM 979  H HZ2  . LYS A 1 16 ? 5.633   1.775  6.918  1.00 0.00 ? 282 LYS A HZ2  3 
ATOM 980  H HZ3  . LYS A 1 16 ? 4.949   0.596  7.903  1.00 0.00 ? 282 LYS A HZ3  3 
ATOM 981  N N    . VAL A 1 17 ? 7.305   -0.861 0.370  1.00 0.00 ? 283 VAL A N    3 
ATOM 982  C CA   . VAL A 1 17 ? 8.154   -1.637 -0.530 1.00 0.00 ? 283 VAL A CA   3 
ATOM 983  C C    . VAL A 1 17 ? 8.779   -0.754 -1.585 1.00 0.00 ? 283 VAL A C    3 
ATOM 984  O O    . VAL A 1 17 ? 9.903   -0.989 -2.045 1.00 0.00 ? 283 VAL A O    3 
ATOM 985  C CB   . VAL A 1 17 ? 7.312   -2.797 -1.196 1.00 0.00 ? 283 VAL A CB   3 
ATOM 986  C CG1  . VAL A 1 17 ? 8.044   -3.652 -2.268 1.00 0.00 ? 283 VAL A CG1  3 
ATOM 987  C CG2  . VAL A 1 17 ? 6.737   -3.817 -0.183 1.00 0.00 ? 283 VAL A CG2  3 
ATOM 988  H H    . VAL A 1 17 ? 6.261   -0.980 0.391  1.00 0.00 ? 283 VAL A H    3 
ATOM 989  H HA   . VAL A 1 17 ? 8.983   -2.077 0.055  1.00 0.00 ? 283 VAL A HA   3 
ATOM 990  H HB   . VAL A 1 17 ? 6.448   -2.322 -1.709 1.00 0.00 ? 283 VAL A HB   3 
ATOM 991  H HG11 . VAL A 1 17 ? 8.942   -4.158 -1.865 1.00 0.00 ? 283 VAL A HG11 3 
ATOM 992  H HG12 . VAL A 1 17 ? 7.391   -4.436 -2.697 1.00 0.00 ? 283 VAL A HG12 3 
ATOM 993  H HG13 . VAL A 1 17 ? 8.372   -3.050 -3.136 1.00 0.00 ? 283 VAL A HG13 3 
ATOM 994  H HG21 . VAL A 1 17 ? 6.134   -3.323 0.599  1.00 0.00 ? 283 VAL A HG21 3 
ATOM 995  H HG22 . VAL A 1 17 ? 6.065   -4.548 -0.672 1.00 0.00 ? 283 VAL A HG22 3 
ATOM 996  H HG23 . VAL A 1 17 ? 7.531   -4.391 0.330  1.00 0.00 ? 283 VAL A HG23 3 
ATOM 997  N N    . GLN A 1 18 ? 8.051   0.267  -2.004 1.00 0.00 ? 284 GLN A N    3 
ATOM 998  C CA   . GLN A 1 18 ? 8.550   1.207  -3.005 1.00 0.00 ? 284 GLN A CA   3 
ATOM 999  C C    . GLN A 1 18 ? 9.745   1.969  -2.478 1.00 0.00 ? 284 GLN A C    3 
ATOM 1000 O O    . GLN A 1 18 ? 10.823  1.983  -3.083 1.00 0.00 ? 284 GLN A O    3 
ATOM 1001 C CB   . GLN A 1 18 ? 7.419   2.178  -3.405 1.00 0.00 ? 284 GLN A CB   3 
ATOM 1002 C CG   . GLN A 1 18 ? 6.321   2.482  -2.333 1.00 0.00 ? 284 GLN A CG   3 
ATOM 1003 C CD   . GLN A 1 18 ? 5.821   3.923  -2.162 1.00 0.00 ? 284 GLN A CD   3 
ATOM 1004 O OE1  . GLN A 1 18 ? 6.390   4.705  -1.416 1.00 0.00 ? 284 GLN A OE1  3 
ATOM 1005 N NE2  . GLN A 1 18 ? 4.752   4.323  -2.802 1.00 0.00 ? 284 GLN A NE2  3 
ATOM 1006 H H    . GLN A 1 18 ? 7.104   0.364  -1.561 1.00 0.00 ? 284 GLN A H    3 
ATOM 1007 H HA   . GLN A 1 18 ? 8.882   0.635  -3.892 1.00 0.00 ? 284 GLN A HA   3 
ATOM 1008 H HB2  . GLN A 1 18 ? 7.878   3.144  -3.713 1.00 0.00 ? 284 GLN A HB2  3 
ATOM 1009 H HB3  . GLN A 1 18 ? 6.928   1.791  -4.323 1.00 0.00 ? 284 GLN A HB3  3 
ATOM 1010 H HG2  . GLN A 1 18 ? 5.435   1.844  -2.504 1.00 0.00 ? 284 GLN A HG2  3 
ATOM 1011 H HG3  . GLN A 1 18 ? 6.680   2.194  -1.327 1.00 0.00 ? 284 GLN A HG3  3 
ATOM 1012 H HE21 . GLN A 1 18 ? 4.284   3.602  -3.354 1.00 0.00 ? 284 GLN A HE21 3 
ATOM 1013 H HE22 . GLN A 1 18 ? 4.448   5.274  -2.583 1.00 0.00 ? 284 GLN A HE22 3 
ATOM 1014 N N    . ALA A 1 19 ? 9.557   2.644  -1.359 1.00 0.00 ? 285 ALA A N    3 
ATOM 1015 C CA   . ALA A 1 19 ? 10.624  3.402  -0.714 1.00 0.00 ? 285 ALA A CA   3 
ATOM 1016 C C    . ALA A 1 19 ? 11.894  2.588  -0.601 1.00 0.00 ? 285 ALA A C    3 
ATOM 1017 O O    . ALA A 1 19 ? 13.011  3.115  -0.695 1.00 0.00 ? 285 ALA A O    3 
ATOM 1018 C CB   . ALA A 1 19 ? 10.100  3.871  0.656  1.00 0.00 ? 285 ALA A CB   3 
ATOM 1019 H H    . ALA A 1 19 ? 8.571   2.644  -0.986 1.00 0.00 ? 285 ALA A H    3 
ATOM 1020 H HA   . ALA A 1 19 ? 10.858  4.283  -1.341 1.00 0.00 ? 285 ALA A HA   3 
ATOM 1021 H HB1  . ALA A 1 19 ? 9.193   4.499  0.553  1.00 0.00 ? 285 ALA A HB1  3 
ATOM 1022 H HB2  . ALA A 1 19 ? 9.833   3.022  1.314  1.00 0.00 ? 285 ALA A HB2  3 
ATOM 1023 H HB3  . ALA A 1 19 ? 10.846  4.481  1.198  1.00 0.00 ? 285 ALA A HB3  3 
ATOM 1024 N N    . ALA A 1 20 ? 11.751  1.288  -0.428 1.00 0.00 ? 286 ALA A N    3 
ATOM 1025 C CA   . ALA A 1 20 ? 12.892  0.411  -0.178 1.00 0.00 ? 286 ALA A CA   3 
ATOM 1026 C C    . ALA A 1 20 ? 13.668  0.157  -1.448 1.00 0.00 ? 286 ALA A C    3 
ATOM 1027 O O    . ALA A 1 20 ? 14.905  0.179  -1.472 1.00 0.00 ? 286 ALA A O    3 
ATOM 1028 C CB   . ALA A 1 20 ? 12.356  -0.881 0.461  1.00 0.00 ? 286 ALA A CB   3 
ATOM 1029 H H    . ALA A 1 20 ? 10.764  0.927  -0.433 1.00 0.00 ? 286 ALA A H    3 
ATOM 1030 H HA   . ALA A 1 20 ? 13.577  0.916  0.528  1.00 0.00 ? 286 ALA A HA   3 
ATOM 1031 H HB1  . ALA A 1 20 ? 11.823  -0.680 1.410  1.00 0.00 ? 286 ALA A HB1  3 
ATOM 1032 H HB2  . ALA A 1 20 ? 11.644  -1.411 -0.203 1.00 0.00 ? 286 ALA A HB2  3 
ATOM 1033 H HB3  . ALA A 1 20 ? 13.169  -1.591 0.700  1.00 0.00 ? 286 ALA A HB3  3 
ATOM 1034 N N    . VAL A 1 21 ? 12.955  -0.078 -2.534 1.00 0.00 ? 287 VAL A N    3 
ATOM 1035 C CA   . VAL A 1 21 ? 13.570  -0.512 -3.785 1.00 0.00 ? 287 VAL A CA   3 
ATOM 1036 C C    . VAL A 1 21 ? 14.419  0.586  -4.381 1.00 0.00 ? 287 VAL A C    3 
ATOM 1037 O O    . VAL A 1 21 ? 15.512  0.352  -4.908 1.00 0.00 ? 287 VAL A O    3 
ATOM 1038 C CB   . VAL A 1 21 ? 12.452  -0.972 -4.803 1.00 0.00 ? 287 VAL A CB   3 
ATOM 1039 C CG1  . VAL A 1 21 ? 12.792  -0.826 -6.312 1.00 0.00 ? 287 VAL A CG1  3 
ATOM 1040 C CG2  . VAL A 1 21 ? 12.009  -2.444 -4.625 1.00 0.00 ? 287 VAL A CG2  3 
ATOM 1041 H H    . VAL A 1 21 ? 11.918  0.065  -2.444 1.00 0.00 ? 287 VAL A H    3 
ATOM 1042 H HA   . VAL A 1 21 ? 14.245  -1.362 -3.574 1.00 0.00 ? 287 VAL A HA   3 
ATOM 1043 H HB   . VAL A 1 21 ? 11.560  -0.337 -4.619 1.00 0.00 ? 287 VAL A HB   3 
ATOM 1044 H HG11 . VAL A 1 21 ? 13.687  -1.409 -6.604 1.00 0.00 ? 287 VAL A HG11 3 
ATOM 1045 H HG12 . VAL A 1 21 ? 11.960  -1.157 -6.964 1.00 0.00 ? 287 VAL A HG12 3 
ATOM 1046 H HG13 . VAL A 1 21 ? 12.979  0.225  -6.604 1.00 0.00 ? 287 VAL A HG13 3 
ATOM 1047 H HG21 . VAL A 1 21 ? 11.677  -2.652 -3.591 1.00 0.00 ? 287 VAL A HG21 3 
ATOM 1048 H HG22 . VAL A 1 21 ? 11.152  -2.698 -5.278 1.00 0.00 ? 287 VAL A HG22 3 
ATOM 1049 H HG23 . VAL A 1 21 ? 12.822  -3.158 -4.857 1.00 0.00 ? 287 VAL A HG23 3 
ATOM 1050 N N    . GLY A 1 22 ? 13.923  1.808  -4.317 1.00 0.00 ? 288 GLY A N    3 
ATOM 1051 C CA   . GLY A 1 22 ? 14.548  2.935  -5.003 1.00 0.00 ? 288 GLY A CA   3 
ATOM 1052 C C    . GLY A 1 22 ? 13.976  4.247  -4.521 1.00 0.00 ? 288 GLY A C    3 
ATOM 1053 O O    . GLY A 1 22 ? 12.876  4.659  -4.908 1.00 0.00 ? 288 GLY A O    3 
ATOM 1054 H H    . GLY A 1 22 ? 13.060  1.924  -3.728 1.00 0.00 ? 288 GLY A H    3 
ATOM 1055 H HA2  . GLY A 1 22 ? 15.640  2.930  -4.828 1.00 0.00 ? 288 GLY A HA2  3 
ATOM 1056 H HA3  . GLY A 1 22 ? 14.397  2.851  -6.094 1.00 0.00 ? 288 GLY A HA3  3 
ATOM 1057 N N    . THR A 1 23 ? 14.720  4.933  -3.674 1.00 0.00 ? 289 THR A N    3 
ATOM 1058 C CA   . THR A 1 23 ? 14.318  6.246  -3.177 1.00 0.00 ? 289 THR A CA   3 
ATOM 1059 C C    . THR A 1 23 ? 14.485  7.302  -4.245 1.00 0.00 ? 289 THR A C    3 
ATOM 1060 O O    . THR A 1 23 ? 13.760  8.345  -4.278 1.00 0.00 ? 289 THR A O    3 
ATOM 1061 C CB   . THR A 1 23 ? 15.133  6.623  -1.894 1.00 0.00 ? 289 THR A CB   3 
ATOM 1062 O OG1  . THR A 1 23 ? 14.343  7.415  -1.018 1.00 0.00 ? 289 THR A OG1  3 
ATOM 1063 C CG2  . THR A 1 23 ? 16.416  7.453  -2.116 1.00 0.00 ? 289 THR A CG2  3 
ATOM 1064 O OXT  . THR A 1 23 ? 15.392  7.085  -5.105 1.00 0.00 ? 289 THR A OXT  3 
ATOM 1065 H H    . THR A 1 23 ? 15.637  4.496  -3.408 1.00 0.00 ? 289 THR A H    3 
ATOM 1066 H HA   . THR A 1 23 ? 13.244  6.206  -2.918 1.00 0.00 ? 289 THR A HA   3 
ATOM 1067 H HB   . THR A 1 23 ? 15.410  5.683  -1.370 1.00 0.00 ? 289 THR A HB   3 
ATOM 1068 H HG1  . THR A 1 23 ? 14.960  7.963  -0.524 1.00 0.00 ? 289 THR A HG1  3 
ATOM 1069 H HG21 . THR A 1 23 ? 16.202  8.408  -2.631 1.00 0.00 ? 289 THR A HG21 3 
ATOM 1070 H HG22 . THR A 1 23 ? 16.922  7.698  -1.166 1.00 0.00 ? 289 THR A HG22 3 
ATOM 1071 H HG23 . THR A 1 23 ? 17.167  6.916  -2.725 1.00 0.00 ? 289 THR A HG23 3 
ATOM 1072 N N    . PRO A 1 1  ? -18.308 -2.960 -4.696 1.00 0.00 ? 267 PRO A N    4 
ATOM 1073 C CA   . PRO A 1 1  ? -18.321 -2.243 -3.348 1.00 0.00 ? 267 PRO A CA   4 
ATOM 1074 C C    . PRO A 1 1  ? -17.070 -2.422 -2.518 1.00 0.00 ? 267 PRO A C    4 
ATOM 1075 O O    . PRO A 1 1  ? -17.126 -2.696 -1.313 1.00 0.00 ? 267 PRO A O    4 
ATOM 1076 C CB   . PRO A 1 1  ? -19.497 -2.831 -2.576 1.00 0.00 ? 267 PRO A CB   4 
ATOM 1077 C CG   . PRO A 1 1  ? -20.497 -3.073 -3.719 1.00 0.00 ? 267 PRO A CG   4 
ATOM 1078 C CD   . PRO A 1 1  ? -19.624 -3.626 -4.851 1.00 0.00 ? 267 PRO A CD   4 
ATOM 1079 H H2   . PRO A 1 1  ? -17.536 -3.641 -4.669 1.00 0.00 ? 267 PRO A H2   4 
ATOM 1080 H H3   . PRO A 1 1  ? -18.158 -2.240 -5.419 1.00 0.00 ? 267 PRO A H3   4 
ATOM 1081 H HA   . PRO A 1 1  ? -18.451 -1.181 -3.505 1.00 0.00 ? 267 PRO A HA   4 
ATOM 1082 H HB2  . PRO A 1 1  ? -19.205 -3.808 -2.155 1.00 0.00 ? 267 PRO A HB2  4 
ATOM 1083 H HB3  . PRO A 1 1  ? -19.901 -2.070 -1.897 1.00 0.00 ? 267 PRO A HB3  4 
ATOM 1084 H HG2  . PRO A 1 1  ? -21.162 -3.937 -3.560 1.00 0.00 ? 267 PRO A HG2  4 
ATOM 1085 H HG3  . PRO A 1 1  ? -20.954 -2.101 -3.945 1.00 0.00 ? 267 PRO A HG3  4 
ATOM 1086 H HD2  . PRO A 1 1  ? -19.501 -4.716 -4.730 1.00 0.00 ? 267 PRO A HD2  4 
ATOM 1087 H HD3  . PRO A 1 1  ? -20.059 -3.336 -5.820 1.00 0.00 ? 267 PRO A HD3  4 
ATOM 1088 N N    . LEU A 1 2  ? -15.919 -2.286 -3.150 1.00 0.00 ? 268 LEU A N    4 
ATOM 1089 C CA   . LEU A 1 2  ? -14.638 -2.364 -2.448 1.00 0.00 ? 268 LEU A CA   4 
ATOM 1090 C C    . LEU A 1 2  ? -14.158 -0.981 -2.072 1.00 0.00 ? 268 LEU A C    4 
ATOM 1091 O O    . LEU A 1 2  ? -14.728 -0.342 -1.166 1.00 0.00 ? 268 LEU A O    4 
ATOM 1092 C CB   . LEU A 1 2  ? -13.604 -3.156 -3.305 1.00 0.00 ? 268 LEU A CB   4 
ATOM 1093 C CG   . LEU A 1 2  ? -12.173 -3.353 -2.738 1.00 0.00 ? 268 LEU A CG   4 
ATOM 1094 C CD1  . LEU A 1 2  ? -12.073 -4.553 -1.779 1.00 0.00 ? 268 LEU A CD1  4 
ATOM 1095 C CD2  . LEU A 1 2  ? -11.169 -3.531 -3.887 1.00 0.00 ? 268 LEU A CD2  4 
ATOM 1096 H H    . LEU A 1 2  ? -15.976 -2.144 -4.190 1.00 0.00 ? 268 LEU A H    4 
ATOM 1097 H HA   . LEU A 1 2  ? -14.794 -2.902 -1.495 1.00 0.00 ? 268 LEU A HA   4 
ATOM 1098 H HB2  . LEU A 1 2  ? -14.030 -4.154 -3.530 1.00 0.00 ? 268 LEU A HB2  4 
ATOM 1099 H HB3  . LEU A 1 2  ? -13.529 -2.657 -4.290 1.00 0.00 ? 268 LEU A HB3  4 
ATOM 1100 H HG   . LEU A 1 2  ? -11.891 -2.435 -2.181 1.00 0.00 ? 268 LEU A HG   4 
ATOM 1101 H HD11 . LEU A 1 2  ? -12.870 -4.517 -1.013 1.00 0.00 ? 268 LEU A HD11 4 
ATOM 1102 H HD12 . LEU A 1 2  ? -12.200 -5.516 -2.307 1.00 0.00 ? 268 LEU A HD12 4 
ATOM 1103 H HD13 . LEU A 1 2  ? -11.106 -4.585 -1.247 1.00 0.00 ? 268 LEU A HD13 4 
ATOM 1104 H HD21 . LEU A 1 2  ? -11.239 -2.707 -4.625 1.00 0.00 ? 268 LEU A HD21 4 
ATOM 1105 H HD22 . LEU A 1 2  ? -10.123 -3.560 -3.531 1.00 0.00 ? 268 LEU A HD22 4 
ATOM 1106 H HD23 . LEU A 1 2  ? -11.349 -4.468 -4.447 1.00 0.00 ? 268 LEU A HD23 4 
ATOM 1107 N N    . VAL A 1 3  ? -13.151 -0.460 -2.744 1.00 0.00 ? 269 VAL A N    4 
ATOM 1108 C CA   . VAL A 1 3  ? -12.635 0.881  -2.469 1.00 0.00 ? 269 VAL A CA   4 
ATOM 1109 C C    . VAL A 1 3  ? -12.377 1.087  -0.994 1.00 0.00 ? 269 VAL A C    4 
ATOM 1110 O O    . VAL A 1 3  ? -12.302 2.218  -0.498 1.00 0.00 ? 269 VAL A O    4 
ATOM 1111 C CB   . VAL A 1 3  ? -13.655 1.959  -3.015 1.00 0.00 ? 269 VAL A CB   4 
ATOM 1112 C CG1  . VAL A 1 3  ? -14.643 2.567  -1.981 1.00 0.00 ? 269 VAL A CG1  4 
ATOM 1113 C CG2  . VAL A 1 3  ? -12.983 3.169  -3.705 1.00 0.00 ? 269 VAL A CG2  4 
ATOM 1114 H H    . VAL A 1 3  ? -12.769 -1.044 -3.528 1.00 0.00 ? 269 VAL A H    4 
ATOM 1115 H HA   . VAL A 1 3  ? -11.664 1.003  -2.984 1.00 0.00 ? 269 VAL A HA   4 
ATOM 1116 H HB   . VAL A 1 3  ? -14.280 1.448  -3.782 1.00 0.00 ? 269 VAL A HB   4 
ATOM 1117 H HG11 . VAL A 1 3  ? -14.121 3.087  -1.154 1.00 0.00 ? 269 VAL A HG11 4 
ATOM 1118 H HG12 . VAL A 1 3  ? -15.334 3.298  -2.443 1.00 0.00 ? 269 VAL A HG12 4 
ATOM 1119 H HG13 . VAL A 1 3  ? -15.300 1.805  -1.523 1.00 0.00 ? 269 VAL A HG13 4 
ATOM 1120 H HG21 . VAL A 1 3  ? -12.301 2.857  -4.515 1.00 0.00 ? 269 VAL A HG21 4 
ATOM 1121 H HG22 . VAL A 1 3  ? -13.729 3.840  -4.175 1.00 0.00 ? 269 VAL A HG22 4 
ATOM 1122 H HG23 . VAL A 1 3  ? -12.394 3.781  -2.997 1.00 0.00 ? 269 VAL A HG23 4 
ATOM 1123 N N    . GLU A 1 4  ? -12.206 -0.004 -0.273 1.00 0.00 ? 270 GLU A N    4 
ATOM 1124 C CA   . GLU A 1 4  ? -12.133 0.037  1.186  1.00 0.00 ? 270 GLU A CA   4 
ATOM 1125 C C    . GLU A 1 4  ? -11.115 -0.950 1.711  1.00 0.00 ? 270 GLU A C    4 
ATOM 1126 O O    . GLU A 1 4  ? -10.274 -0.625 2.559  1.00 0.00 ? 270 GLU A O    4 
ATOM 1127 C CB   . GLU A 1 4  ? -13.548 -0.258 1.758  1.00 0.00 ? 270 GLU A CB   4 
ATOM 1128 C CG   . GLU A 1 4  ? -14.160 0.797  2.738  1.00 0.00 ? 270 GLU A CG   4 
ATOM 1129 C CD   . GLU A 1 4  ? -14.870 0.294  3.997  1.00 0.00 ? 270 GLU A CD   4 
ATOM 1130 O OE1  . GLU A 1 4  ? -15.854 -0.614 3.745  1.00 0.00 ? 270 GLU A OE1  4 
ATOM 1131 O OE2  . GLU A 1 4  ? -14.579 0.674  5.123  1.00 0.00 ? 270 GLU A OE2  4 
ATOM 1132 H H    . GLU A 1 4  ? -12.070 -0.895 -0.809 1.00 0.00 ? 270 GLU A H    4 
ATOM 1133 H HA   . GLU A 1 4  ? -11.807 1.048  1.489  1.00 0.00 ? 270 GLU A HA   4 
ATOM 1134 H HB2  . GLU A 1 4  ? -14.250 -0.398 0.913  1.00 0.00 ? 270 GLU A HB2  4 
ATOM 1135 H HB3  . GLU A 1 4  ? -13.528 -1.246 2.260  1.00 0.00 ? 270 GLU A HB3  4 
ATOM 1136 H HG2  . GLU A 1 4  ? -13.370 1.494  3.076  1.00 0.00 ? 270 GLU A HG2  4 
ATOM 1137 H HG3  . GLU A 1 4  ? -14.879 1.443  2.202  1.00 0.00 ? 270 GLU A HG3  4 
ATOM 1138 N N    . ASP A 1 5  ? -11.191 -2.180 1.241  1.00 0.00 ? 271 ASP A N    4 
ATOM 1139 C CA   . ASP A 1 5  ? -10.175 -3.185 1.545  1.00 0.00 ? 271 ASP A CA   4 
ATOM 1140 C C    . ASP A 1 5  ? -8.821  -2.764 1.022  1.00 0.00 ? 271 ASP A C    4 
ATOM 1141 O O    . ASP A 1 5  ? -7.782  -2.995 1.649  1.00 0.00 ? 271 ASP A O    4 
ATOM 1142 C CB   . ASP A 1 5  ? -10.603 -4.568 0.988  1.00 0.00 ? 271 ASP A CB   4 
ATOM 1143 C CG   . ASP A 1 5  ? -9.538  -5.674 0.994  1.00 0.00 ? 271 ASP A CG   4 
ATOM 1144 O OD1  . ASP A 1 5  ? -8.679  -5.776 0.131  1.00 0.00 ? 271 ASP A OD1  4 
ATOM 1145 O OD2  . ASP A 1 5  ? -9.644  -6.507 2.073  1.00 0.00 ? 271 ASP A OD2  4 
ATOM 1146 H H    . ASP A 1 5  ? -11.998 -2.379 0.599  1.00 0.00 ? 271 ASP A H    4 
ATOM 1147 H HA   . ASP A 1 5  ? -10.091 -3.228 2.646  1.00 0.00 ? 271 ASP A HA   4 
ATOM 1148 H HB2  . ASP A 1 5  ? -11.486 -4.958 1.527  1.00 0.00 ? 271 ASP A HB2  4 
ATOM 1149 H HB3  . ASP A 1 5  ? -10.948 -4.451 -0.058 1.00 0.00 ? 271 ASP A HB3  4 
ATOM 1150 N N    . MET A 1 6  ? -8.813  -2.136 -0.139 1.00 0.00 ? 272 MET A N    4 
ATOM 1151 C CA   . MET A 1 6  ? -7.573  -1.827 -0.846 1.00 0.00 ? 272 MET A CA   4 
ATOM 1152 C C    . MET A 1 6  ? -7.226  -0.362 -0.711 1.00 0.00 ? 272 MET A C    4 
ATOM 1153 O O    . MET A 1 6  ? -6.695  0.270  -1.632 1.00 0.00 ? 272 MET A O    4 
ATOM 1154 C CB   . MET A 1 6  ? -7.700  -2.229 -2.341 1.00 0.00 ? 272 MET A CB   4 
ATOM 1155 C CG   . MET A 1 6  ? -6.378  -2.570 -3.062 1.00 0.00 ? 272 MET A CG   4 
ATOM 1156 S SD   . MET A 1 6  ? -6.564  -2.310 -4.833 1.00 0.00 ? 272 MET A SD   4 
ATOM 1157 C CE   . MET A 1 6  ? -5.430  -3.581 -5.409 1.00 0.00 ? 272 MET A CE   4 
ATOM 1158 H H    . MET A 1 6  ? -9.746  -1.827 -0.505 1.00 0.00 ? 272 MET A H    4 
ATOM 1159 H HA   . MET A 1 6  ? -6.752  -2.402 -0.380 1.00 0.00 ? 272 MET A HA   4 
ATOM 1160 H HB2  . MET A 1 6  ? -8.393  -3.090 -2.442 1.00 0.00 ? 272 MET A HB2  4 
ATOM 1161 H HB3  . MET A 1 6  ? -8.186  -1.408 -2.902 1.00 0.00 ? 272 MET A HB3  4 
ATOM 1162 H HG2  . MET A 1 6  ? -5.540  -1.954 -2.688 1.00 0.00 ? 272 MET A HG2  4 
ATOM 1163 H HG3  . MET A 1 6  ? -6.104  -3.626 -2.873 1.00 0.00 ? 272 MET A HG3  4 
ATOM 1164 H HE1  . MET A 1 6  ? -4.515  -3.594 -4.791 1.00 0.00 ? 272 MET A HE1  4 
ATOM 1165 H HE2  . MET A 1 6  ? -5.898  -4.581 -5.359 1.00 0.00 ? 272 MET A HE2  4 
ATOM 1166 H HE3  . MET A 1 6  ? -5.136  -3.388 -6.457 1.00 0.00 ? 272 MET A HE3  4 
ATOM 1167 N N    . GLN A 1 7  ? -7.504  0.197  0.452  1.00 0.00 ? 273 GLN A N    4 
ATOM 1168 C CA   . GLN A 1 7  ? -7.103  1.564  0.773  1.00 0.00 ? 273 GLN A CA   4 
ATOM 1169 C C    . GLN A 1 7  ? -6.934  1.739  2.264  1.00 0.00 ? 273 GLN A C    4 
ATOM 1170 O O    . GLN A 1 7  ? -7.383  2.724  2.861  1.00 0.00 ? 273 GLN A O    4 
ATOM 1171 C CB   . GLN A 1 7  ? -8.165  2.538  0.218  1.00 0.00 ? 273 GLN A CB   4 
ATOM 1172 C CG   . GLN A 1 7  ? -7.662  3.975  -0.145 1.00 0.00 ? 273 GLN A CG   4 
ATOM 1173 C CD   . GLN A 1 7  ? -8.684  5.108  -0.307 1.00 0.00 ? 273 GLN A CD   4 
ATOM 1174 O OE1  . GLN A 1 7  ? -8.459  6.226  0.125  1.00 0.00 ? 273 GLN A OE1  4 
ATOM 1175 N NE2  . GLN A 1 7  ? -9.816  4.882  -0.921 1.00 0.00 ? 273 GLN A NE2  4 
ATOM 1176 H H    . GLN A 1 7  ? -7.986  -0.417 1.154  1.00 0.00 ? 273 GLN A H    4 
ATOM 1177 H HA   . GLN A 1 7  ? -6.124  1.765  0.299  1.00 0.00 ? 273 GLN A HA   4 
ATOM 1178 H HB2  . GLN A 1 7  ? -8.627  2.090  -0.683 1.00 0.00 ? 273 GLN A HB2  4 
ATOM 1179 H HB3  . GLN A 1 7  ? -8.989  2.622  0.957  1.00 0.00 ? 273 GLN A HB3  4 
ATOM 1180 H HG2  . GLN A 1 7  ? -6.965  4.343  0.631  1.00 0.00 ? 273 GLN A HG2  4 
ATOM 1181 H HG3  . GLN A 1 7  ? -7.052  3.943  -1.067 1.00 0.00 ? 273 GLN A HG3  4 
ATOM 1182 H HE21 . GLN A 1 7  ? -9.944  3.926  -1.258 1.00 0.00 ? 273 GLN A HE21 4 
ATOM 1183 H HE22 . GLN A 1 7  ? -10.459 5.676  -0.951 1.00 0.00 ? 273 GLN A HE22 4 
ATOM 1184 N N    . ARG A 1 8  ? -6.272  0.783  2.890  1.00 0.00 ? 274 ARG A N    4 
ATOM 1185 C CA   . ARG A 1 8  ? -5.875  0.900  4.290  1.00 0.00 ? 274 ARG A CA   4 
ATOM 1186 C C    . ARG A 1 8  ? -4.653  0.062  4.581  1.00 0.00 ? 274 ARG A C    4 
ATOM 1187 O O    . ARG A 1 8  ? -3.551  0.577  4.813  1.00 0.00 ? 274 ARG A O    4 
ATOM 1188 C CB   . ARG A 1 8  ? -7.072  0.485  5.190  1.00 0.00 ? 274 ARG A CB   4 
ATOM 1189 C CG   . ARG A 1 8  ? -6.919  0.848  6.691  1.00 0.00 ? 274 ARG A CG   4 
ATOM 1190 C CD   . ARG A 1 8  ? -6.863  -0.391 7.593  1.00 0.00 ? 274 ARG A CD   4 
ATOM 1191 N NE   . ARG A 1 8  ? -8.122  -1.158 7.414  1.00 0.00 ? 274 ARG A NE   4 
ATOM 1192 C CZ   . ARG A 1 8  ? -9.274  -0.898 8.017  1.00 0.00 ? 274 ARG A CZ   4 
ATOM 1193 N NH1  . ARG A 1 8  ? -9.460  0.077  8.856  1.00 0.00 ? 274 ARG A NH1  4 
ATOM 1194 N NH2  . ARG A 1 8  ? -10.271 -1.667 7.750  1.00 0.00 ? 274 ARG A NH2  4 
ATOM 1195 H H    . ARG A 1 8  ? -6.000  -0.047 2.306  1.00 0.00 ? 274 ARG A H    4 
ATOM 1196 H HA   . ARG A 1 8  ? -5.611  1.957  4.483  1.00 0.00 ? 274 ARG A HA   4 
ATOM 1197 H HB2  . ARG A 1 8  ? -8.003  0.954  4.814  1.00 0.00 ? 274 ARG A HB2  4 
ATOM 1198 H HB3  . ARG A 1 8  ? -7.250  -0.606 5.086  1.00 0.00 ? 274 ARG A HB3  4 
ATOM 1199 H HG2  . ARG A 1 8  ? -6.006  1.457  6.845  1.00 0.00 ? 274 ARG A HG2  4 
ATOM 1200 H HG3  . ARG A 1 8  ? -7.756  1.490  7.033  1.00 0.00 ? 274 ARG A HG3  4 
ATOM 1201 H HD2  . ARG A 1 8  ? -5.987  -1.019 7.334  1.00 0.00 ? 274 ARG A HD2  4 
ATOM 1202 H HD3  . ARG A 1 8  ? -6.743  -0.090 8.654  1.00 0.00 ? 274 ARG A HD3  4 
ATOM 1203 H HE   . ARG A 1 8  ? -8.098  -1.959 6.766  1.00 0.00 ? 274 ARG A HE   4 
ATOM 1204 H HH11 . ARG A 1 8  ? -8.621  0.636  9.012  1.00 0.00 ? 274 ARG A HH11 4 
ATOM 1205 H HH12 . ARG A 1 8  ? -10.392 0.175  9.255  1.00 0.00 ? 274 ARG A HH12 4 
ATOM 1206 H HH21 . ARG A 1 8  ? -10.019 -2.399 7.082  1.00 0.00 ? 274 ARG A HH21 4 
ATOM 1207 H HH22 . ARG A 1 8  ? -11.158 -1.473 8.208  1.00 0.00 ? 274 ARG A HH22 4 
ATOM 1208 N N    . GLN A 1 9  ? -4.815  -1.247 4.545  1.00 0.00 ? 275 GLN A N    4 
ATOM 1209 C CA   . GLN A 1 9  ? -3.687  -2.170 4.645  1.00 0.00 ? 275 GLN A CA   4 
ATOM 1210 C C    . GLN A 1 9  ? -2.830  -2.112 3.402  1.00 0.00 ? 275 GLN A C    4 
ATOM 1211 O O    . GLN A 1 9  ? -1.596  -2.177 3.459  1.00 0.00 ? 275 GLN A O    4 
ATOM 1212 C CB   . GLN A 1 9  ? -4.233  -3.596 4.875  1.00 0.00 ? 275 GLN A CB   4 
ATOM 1213 C CG   . GLN A 1 9  ? -5.163  -3.789 6.116  1.00 0.00 ? 275 GLN A CG   4 
ATOM 1214 C CD   . GLN A 1 9  ? -6.518  -4.484 5.933  1.00 0.00 ? 275 GLN A CD   4 
ATOM 1215 O OE1  . GLN A 1 9  ? -7.084  -4.492 4.852  1.00 0.00 ? 275 GLN A OE1  4 
ATOM 1216 N NE2  . GLN A 1 9  ? -7.078  -5.101 6.943  1.00 0.00 ? 275 GLN A NE2  4 
ATOM 1217 H H    . GLN A 1 9  ? -5.806  -1.586 4.465  1.00 0.00 ? 275 GLN A H    4 
ATOM 1218 H HA   . GLN A 1 9  ? -3.057  -1.867 5.502  1.00 0.00 ? 275 GLN A HA   4 
ATOM 1219 H HB2  . GLN A 1 9  ? -4.783  -3.919 3.968  1.00 0.00 ? 275 GLN A HB2  4 
ATOM 1220 H HB3  . GLN A 1 9  ? -3.373  -4.294 4.957  1.00 0.00 ? 275 GLN A HB3  4 
ATOM 1221 H HG2  . GLN A 1 9  ? -4.650  -4.388 6.891  1.00 0.00 ? 275 GLN A HG2  4 
ATOM 1222 H HG3  . GLN A 1 9  ? -5.354  -2.815 6.604  1.00 0.00 ? 275 GLN A HG3  4 
ATOM 1223 H HE21 . GLN A 1 9  ? -6.572  -5.031 7.828  1.00 0.00 ? 275 GLN A HE21 4 
ATOM 1224 H HE22 . GLN A 1 9  ? -7.991  -5.515 6.744  1.00 0.00 ? 275 GLN A HE22 4 
ATOM 1225 N N    . TRP A 1 10 ? -3.472  -2.011 2.254  1.00 0.00 ? 276 TRP A N    4 
ATOM 1226 C CA   . TRP A 1 10 ? -2.771  -1.956 0.975  1.00 0.00 ? 276 TRP A CA   4 
ATOM 1227 C C    . TRP A 1 10 ? -1.767  -0.827 0.956  1.00 0.00 ? 276 TRP A C    4 
ATOM 1228 O O    . TRP A 1 10 ? -0.661  -0.947 0.415  1.00 0.00 ? 276 TRP A O    4 
ATOM 1229 C CB   . TRP A 1 10 ? -3.811  -1.754 -0.165 1.00 0.00 ? 276 TRP A CB   4 
ATOM 1230 C CG   . TRP A 1 10 ? -3.201  -1.437 -1.535 1.00 0.00 ? 276 TRP A CG   4 
ATOM 1231 C CD1  . TRP A 1 10 ? -3.532  -0.360 -2.380 1.00 0.00 ? 276 TRP A CD1  4 
ATOM 1232 C CD2  . TRP A 1 10 ? -2.178  -2.113 -2.170 1.00 0.00 ? 276 TRP A CD2  4 
ATOM 1233 N NE1  . TRP A 1 10 ? -2.728  -0.340 -3.538 1.00 0.00 ? 276 TRP A NE1  4 
ATOM 1234 C CE2  . TRP A 1 10 ? -1.897  -1.438 -3.385 1.00 0.00 ? 276 TRP A CE2  4 
ATOM 1235 C CE3  . TRP A 1 10 ? -1.429  -3.261 -1.791 1.00 0.00 ? 276 TRP A CE3  4 
ATOM 1236 C CZ2  . TRP A 1 10 ? -0.883  -1.921 -4.241 1.00 0.00 ? 276 TRP A CZ2  4 
ATOM 1237 C CZ3  . TRP A 1 10 ? -0.474  -3.751 -2.681 1.00 0.00 ? 276 TRP A CZ3  4 
ATOM 1238 C CH2  . TRP A 1 10 ? -0.210  -3.095 -3.892 1.00 0.00 ? 276 TRP A CH2  4 
ATOM 1239 H H    . TRP A 1 10 ? -4.519  -1.945 2.318  1.00 0.00 ? 276 TRP A H    4 
ATOM 1240 H HA   . TRP A 1 10 ? -2.215  -2.900 0.824  1.00 0.00 ? 276 TRP A HA   4 
ATOM 1241 H HB2  . TRP A 1 10 ? -4.430  -2.665 -0.279 1.00 0.00 ? 276 TRP A HB2  4 
ATOM 1242 H HB3  . TRP A 1 10 ? -4.531  -0.964 0.116  1.00 0.00 ? 276 TRP A HB3  4 
ATOM 1243 H HD1  . TRP A 1 10 ? -4.334  0.340  -2.181 1.00 0.00 ? 276 TRP A HD1  4 
ATOM 1244 H HE1  . TRP A 1 10 ? -2.754  0.326  -4.317 1.00 0.00 ? 276 TRP A HE1  4 
ATOM 1245 H HE3  . TRP A 1 10 ? -1.606  -3.736 -0.834 1.00 0.00 ? 276 TRP A HE3  4 
ATOM 1246 H HZ2  . TRP A 1 10 ? -0.637  -1.389 -5.147 1.00 0.00 ? 276 TRP A HZ2  4 
ATOM 1247 H HZ3  . TRP A 1 10 ? 0.069   -4.650 -2.428 1.00 0.00 ? 276 TRP A HZ3  4 
ATOM 1248 H HH2  . TRP A 1 10 ? 0.527   -3.506 -4.567 1.00 0.00 ? 276 TRP A HH2  4 
ATOM 1249 N N    . ALA A 1 11 ? -2.143  0.299  1.536  1.00 0.00 ? 277 ALA A N    4 
ATOM 1250 C CA   . ALA A 1 11 ? -1.302  1.493  1.529  1.00 0.00 ? 277 ALA A CA   4 
ATOM 1251 C C    . ALA A 1 11 ? -0.066  1.292  2.374  1.00 0.00 ? 277 ALA A C    4 
ATOM 1252 O O    . ALA A 1 11 ? 0.986   1.900  2.140  1.00 0.00 ? 277 ALA A O    4 
ATOM 1253 C CB   . ALA A 1 11 ? -2.166  2.672  2.010  1.00 0.00 ? 277 ALA A CB   4 
ATOM 1254 H H    . ALA A 1 11 ? -3.087  0.286  1.996  1.00 0.00 ? 277 ALA A H    4 
ATOM 1255 H HA   . ALA A 1 11 ? -0.964  1.681  0.493  1.00 0.00 ? 277 ALA A HA   4 
ATOM 1256 H HB1  . ALA A 1 11 ? -3.047  2.828  1.358  1.00 0.00 ? 277 ALA A HB1  4 
ATOM 1257 H HB2  . ALA A 1 11 ? -2.548  2.518  3.038  1.00 0.00 ? 277 ALA A HB2  4 
ATOM 1258 H HB3  . ALA A 1 11 ? -1.601  3.623  2.012  1.00 0.00 ? 277 ALA A HB3  4 
ATOM 1259 N N    . GLY A 1 12 ? -0.176  0.457  3.389  1.00 0.00 ? 278 GLY A N    4 
ATOM 1260 C CA   . GLY A 1 12 ? 0.970   0.091  4.217  1.00 0.00 ? 278 GLY A CA   4 
ATOM 1261 C C    . GLY A 1 12 ? 2.082   -0.494 3.379  1.00 0.00 ? 278 GLY A C    4 
ATOM 1262 O O    . GLY A 1 12 ? 3.256   -0.132 3.509  1.00 0.00 ? 278 GLY A O    4 
ATOM 1263 H H    . GLY A 1 12 ? -1.145  0.107  3.596  1.00 0.00 ? 278 GLY A H    4 
ATOM 1264 H HA2  . GLY A 1 12 ? 1.349   0.978  4.757  1.00 0.00 ? 278 GLY A HA2  4 
ATOM 1265 H HA3  . GLY A 1 12 ? 0.666   -0.645 4.984  1.00 0.00 ? 278 GLY A HA3  4 
ATOM 1266 N N    . LEU A 1 13 ? 1.726   -1.403 2.491  1.00 0.00 ? 279 LEU A N    4 
ATOM 1267 C CA   . LEU A 1 13 ? 2.707   -2.175 1.727  1.00 0.00 ? 279 LEU A CA   4 
ATOM 1268 C C    . LEU A 1 13 ? 2.961   -1.558 0.372  1.00 0.00 ? 279 LEU A C    4 
ATOM 1269 O O    . LEU A 1 13 ? 3.326   -2.243 -0.594 1.00 0.00 ? 279 LEU A O    4 
ATOM 1270 C CB   . LEU A 1 13 ? 2.244   -3.653 1.580  1.00 0.00 ? 279 LEU A CB   4 
ATOM 1271 C CG   . LEU A 1 13 ? 1.683   -4.372 2.837  1.00 0.00 ? 279 LEU A CG   4 
ATOM 1272 C CD1  . LEU A 1 13 ? 0.149   -4.313 2.920  1.00 0.00 ? 279 LEU A CD1  4 
ATOM 1273 C CD2  . LEU A 1 13 ? 2.145   -5.836 2.859  1.00 0.00 ? 279 LEU A CD2  4 
ATOM 1274 H H    . LEU A 1 13 ? 0.699   -1.584 2.389  1.00 0.00 ? 279 LEU A H    4 
ATOM 1275 H HA   . LEU A 1 13 ? 3.661   -2.138 2.280  1.00 0.00 ? 279 LEU A HA   4 
ATOM 1276 H HB2  . LEU A 1 13 ? 1.477   -3.707 0.781  1.00 0.00 ? 279 LEU A HB2  4 
ATOM 1277 H HB3  . LEU A 1 13 ? 3.093   -4.249 1.190  1.00 0.00 ? 279 LEU A HB3  4 
ATOM 1278 H HG   . LEU A 1 13 ? 2.098   -3.870 3.735  1.00 0.00 ? 279 LEU A HG   4 
ATOM 1279 H HD11 . LEU A 1 13 ? -0.220  -3.279 2.777  1.00 0.00 ? 279 LEU A HD11 4 
ATOM 1280 H HD12 . LEU A 1 13 ? -0.333  -4.919 2.130  1.00 0.00 ? 279 LEU A HD12 4 
ATOM 1281 H HD13 . LEU A 1 13 ? -0.233  -4.666 3.895  1.00 0.00 ? 279 LEU A HD13 4 
ATOM 1282 H HD21 . LEU A 1 13 ? 3.243   -5.922 2.757  1.00 0.00 ? 279 LEU A HD21 4 
ATOM 1283 H HD22 . LEU A 1 13 ? 1.862   -6.350 3.797  1.00 0.00 ? 279 LEU A HD22 4 
ATOM 1284 H HD23 . LEU A 1 13 ? 1.706   -6.415 2.024  1.00 0.00 ? 279 LEU A HD23 4 
ATOM 1285 N N    . VAL A 1 14 ? 2.782   -0.255 0.269  1.00 0.00 ? 280 VAL A N    4 
ATOM 1286 C CA   . VAL A 1 14 ? 3.112   0.487  -0.949 1.00 0.00 ? 280 VAL A CA   4 
ATOM 1287 C C    . VAL A 1 14 ? 4.040   1.640  -0.650 1.00 0.00 ? 280 VAL A C    4 
ATOM 1288 O O    . VAL A 1 14 ? 5.129   1.764  -1.225 1.00 0.00 ? 280 VAL A O    4 
ATOM 1289 C CB   . VAL A 1 14 ? 1.788   0.999  -1.644 1.00 0.00 ? 280 VAL A CB   4 
ATOM 1290 C CG1  . VAL A 1 14 ? 1.986   2.256  -2.524 1.00 0.00 ? 280 VAL A CG1  4 
ATOM 1291 C CG2  . VAL A 1 14 ? 1.045   -0.024 -2.550 1.00 0.00 ? 280 VAL A CG2  4 
ATOM 1292 H H    . VAL A 1 14 ? 2.436   0.239  1.126  1.00 0.00 ? 280 VAL A H    4 
ATOM 1293 H HA   . VAL A 1 14 ? 3.650   -0.196 -1.628 1.00 0.00 ? 280 VAL A HA   4 
ATOM 1294 H HB   . VAL A 1 14 ? 1.078   1.274  -0.834 1.00 0.00 ? 280 VAL A HB   4 
ATOM 1295 H HG11 . VAL A 1 14 ? 2.568   3.036  -2.001 1.00 0.00 ? 280 VAL A HG11 4 
ATOM 1296 H HG12 . VAL A 1 14 ? 2.547   2.026  -3.449 1.00 0.00 ? 280 VAL A HG12 4 
ATOM 1297 H HG13 . VAL A 1 14 ? 1.025   2.712  -2.826 1.00 0.00 ? 280 VAL A HG13 4 
ATOM 1298 H HG21 . VAL A 1 14 ? 0.977   -1.026 -2.088 1.00 0.00 ? 280 VAL A HG21 4 
ATOM 1299 H HG22 . VAL A 1 14 ? 0.014   0.296  -2.791 1.00 0.00 ? 280 VAL A HG22 4 
ATOM 1300 H HG23 . VAL A 1 14 ? 1.569   -0.190 -3.511 1.00 0.00 ? 280 VAL A HG23 4 
ATOM 1301 N N    . GLU A 1 15 ? 3.617   2.518  0.240  1.00 0.00 ? 281 GLU A N    4 
ATOM 1302 C CA   . GLU A 1 15 ? 4.417   3.679  0.622  1.00 0.00 ? 281 GLU A CA   4 
ATOM 1303 C C    . GLU A 1 15 ? 5.716   3.252  1.265  1.00 0.00 ? 281 GLU A C    4 
ATOM 1304 O O    . GLU A 1 15 ? 6.771   3.866  1.072  1.00 0.00 ? 281 GLU A O    4 
ATOM 1305 C CB   . GLU A 1 15 ? 3.579   4.568  1.583  1.00 0.00 ? 281 GLU A CB   4 
ATOM 1306 C CG   . GLU A 1 15 ? 3.733   6.119  1.443  1.00 0.00 ? 281 GLU A CG   4 
ATOM 1307 C CD   . GLU A 1 15 ? 3.255   7.004  2.596  1.00 0.00 ? 281 GLU A CD   4 
ATOM 1308 O OE1  . GLU A 1 15 ? 3.062   6.577  3.727  1.00 0.00 ? 281 GLU A OE1  4 
ATOM 1309 O OE2  . GLU A 1 15 ? 3.065   8.307  2.247  1.00 0.00 ? 281 GLU A OE2  4 
ATOM 1310 H H    . GLU A 1 15 ? 2.651   2.355  0.623  1.00 0.00 ? 281 GLU A H    4 
ATOM 1311 H HA   . GLU A 1 15 ? 4.665   4.252  -0.291 1.00 0.00 ? 281 GLU A HA   4 
ATOM 1312 H HB2  . GLU A 1 15 ? 2.510   4.311  1.463  1.00 0.00 ? 281 GLU A HB2  4 
ATOM 1313 H HB3  . GLU A 1 15 ? 3.811   4.278  2.627  1.00 0.00 ? 281 GLU A HB3  4 
ATOM 1314 H HG2  . GLU A 1 15 ? 4.791   6.382  1.255  1.00 0.00 ? 281 GLU A HG2  4 
ATOM 1315 H HG3  . GLU A 1 15 ? 3.203   6.465  0.535  1.00 0.00 ? 281 GLU A HG3  4 
ATOM 1316 N N    . LYS A 1 16 ? 5.659   2.194  2.053  1.00 0.00 ? 282 LYS A N    4 
ATOM 1317 C CA   . LYS A 1 16 ? 6.844   1.652  2.712  1.00 0.00 ? 282 LYS A CA   4 
ATOM 1318 C C    . LYS A 1 16 ? 7.827   1.113  1.699  1.00 0.00 ? 282 LYS A C    4 
ATOM 1319 O O    . LYS A 1 16 ? 9.043   1.307  1.807  1.00 0.00 ? 282 LYS A O    4 
ATOM 1320 C CB   . LYS A 1 16 ? 6.416   0.544  3.716  1.00 0.00 ? 282 LYS A CB   4 
ATOM 1321 C CG   . LYS A 1 16 ? 7.434   0.325  4.864  1.00 0.00 ? 282 LYS A CG   4 
ATOM 1322 C CD   . LYS A 1 16 ? 7.630   -1.136 5.279  1.00 0.00 ? 282 LYS A CD   4 
ATOM 1323 C CE   . LYS A 1 16 ? 7.902   -1.202 6.788  1.00 0.00 ? 282 LYS A CE   4 
ATOM 1324 N NZ   . LYS A 1 16 ? 6.664   -1.578 7.493  1.00 0.00 ? 282 LYS A NZ   4 
ATOM 1325 H H    . LYS A 1 16 ? 4.713   1.743  2.147  1.00 0.00 ? 282 LYS A H    4 
ATOM 1326 H HA   . LYS A 1 16 ? 7.346   2.469  3.260  1.00 0.00 ? 282 LYS A HA   4 
ATOM 1327 H HB2  . LYS A 1 16 ? 5.419   0.788  4.138  1.00 0.00 ? 282 LYS A HB2  4 
ATOM 1328 H HB3  . LYS A 1 16 ? 6.272   -0.410 3.173  1.00 0.00 ? 282 LYS A HB3  4 
ATOM 1329 H HG2  . LYS A 1 16 ? 8.432   0.701  4.566  1.00 0.00 ? 282 LYS A HG2  4 
ATOM 1330 H HG3  . LYS A 1 16 ? 7.139   0.932  5.742  1.00 0.00 ? 282 LYS A HG3  4 
ATOM 1331 H HD2  . LYS A 1 16 ? 6.722   -1.721 5.026  1.00 0.00 ? 282 LYS A HD2  4 
ATOM 1332 H HD3  . LYS A 1 16 ? 8.460   -1.582 4.697  1.00 0.00 ? 282 LYS A HD3  4 
ATOM 1333 H HE2  . LYS A 1 16 ? 8.709   -1.932 7.005  1.00 0.00 ? 282 LYS A HE2  4 
ATOM 1334 H HE3  . LYS A 1 16 ? 8.267   -0.226 7.172  1.00 0.00 ? 282 LYS A HE3  4 
ATOM 1335 H HZ1  . LYS A 1 16 ? 6.061   -2.124 6.861  1.00 0.00 ? 282 LYS A HZ1  4 
ATOM 1336 H HZ2  . LYS A 1 16 ? 6.898   -2.146 8.319  1.00 0.00 ? 282 LYS A HZ2  4 
ATOM 1337 H HZ3  . LYS A 1 16 ? 6.166   -0.727 7.791  1.00 0.00 ? 282 LYS A HZ3  4 
ATOM 1338 N N    . VAL A 1 17 ? 7.320   0.401  0.710  1.00 0.00 ? 283 VAL A N    4 
ATOM 1339 C CA   . VAL A 1 17 ? 8.160   -0.200 -0.324 1.00 0.00 ? 283 VAL A CA   4 
ATOM 1340 C C    . VAL A 1 17 ? 8.775   0.840  -1.231 1.00 0.00 ? 283 VAL A C    4 
ATOM 1341 O O    . VAL A 1 17 ? 9.716   0.554  -1.991 1.00 0.00 ? 283 VAL A O    4 
ATOM 1342 C CB   . VAL A 1 17 ? 7.313   -1.236 -1.166 1.00 0.00 ? 283 VAL A CB   4 
ATOM 1343 C CG1  . VAL A 1 17 ? 7.982   -1.650 -2.502 1.00 0.00 ? 283 VAL A CG1  4 
ATOM 1344 C CG2  . VAL A 1 17 ? 6.952   -2.572 -0.459 1.00 0.00 ? 283 VAL A CG2  4 
ATOM 1345 H H    . VAL A 1 17 ? 6.274   0.300  0.705  1.00 0.00 ? 283 VAL A H    4 
ATOM 1346 H HA   . VAL A 1 17 ? 8.998   -0.727 0.169  1.00 0.00 ? 283 VAL A HA   4 
ATOM 1347 H HB   . VAL A 1 17 ? 6.349   -0.744 -1.420 1.00 0.00 ? 283 VAL A HB   4 
ATOM 1348 H HG11 . VAL A 1 17 ? 8.343   -0.773 -3.067 1.00 0.00 ? 283 VAL A HG11 4 
ATOM 1349 H HG12 . VAL A 1 17 ? 8.867   -2.293 -2.334 1.00 0.00 ? 283 VAL A HG12 4 
ATOM 1350 H HG13 . VAL A 1 17 ? 7.291   -2.204 -3.162 1.00 0.00 ? 283 VAL A HG13 4 
ATOM 1351 H HG21 . VAL A 1 17 ? 6.602   -2.418 0.579  1.00 0.00 ? 283 VAL A HG21 4 
ATOM 1352 H HG22 . VAL A 1 17 ? 6.160   -3.132 -0.990 1.00 0.00 ? 283 VAL A HG22 4 
ATOM 1353 H HG23 . VAL A 1 17 ? 7.824   -3.248 -0.367 1.00 0.00 ? 283 VAL A HG23 4 
ATOM 1354 N N    . GLN A 1 18 ? 8.251   2.051  -1.210 1.00 0.00 ? 284 GLN A N    4 
ATOM 1355 C CA   . GLN A 1 18 ? 8.863   3.177  -1.911 1.00 0.00 ? 284 GLN A CA   4 
ATOM 1356 C C    . GLN A 1 18 ? 10.067  3.702  -1.164 1.00 0.00 ? 284 GLN A C    4 
ATOM 1357 O O    . GLN A 1 18 ? 11.101  4.039  -1.757 1.00 0.00 ? 284 GLN A O    4 
ATOM 1358 C CB   . GLN A 1 18 ? 7.796   4.283  -2.092 1.00 0.00 ? 284 GLN A CB   4 
ATOM 1359 C CG   . GLN A 1 18 ? 6.723   4.030  -3.202 1.00 0.00 ? 284 GLN A CG   4 
ATOM 1360 C CD   . GLN A 1 18 ? 6.291   5.190  -4.105 1.00 0.00 ? 284 GLN A CD   4 
ATOM 1361 O OE1  . GLN A 1 18 ? 6.876   5.431  -5.148 1.00 0.00 ? 284 GLN A OE1  4 
ATOM 1362 N NE2  . GLN A 1 18 ? 5.261   5.927  -3.773 1.00 0.00 ? 284 GLN A NE2  4 
ATOM 1363 H H    . GLN A 1 18 ? 7.335   2.147  -0.704 1.00 0.00 ? 284 GLN A H    4 
ATOM 1364 H HA   . GLN A 1 18 ? 9.206   2.835  -2.904 1.00 0.00 ? 284 GLN A HA   4 
ATOM 1365 H HB2  . GLN A 1 18 ? 7.276   4.421  -1.125 1.00 0.00 ? 284 GLN A HB2  4 
ATOM 1366 H HB3  . GLN A 1 18 ? 8.310   5.245  -2.295 1.00 0.00 ? 284 GLN A HB3  4 
ATOM 1367 H HG2  . GLN A 1 18 ? 7.074   3.250  -3.904 1.00 0.00 ? 284 GLN A HG2  4 
ATOM 1368 H HG3  . GLN A 1 18 ? 5.807   3.601  -2.752 1.00 0.00 ? 284 GLN A HG3  4 
ATOM 1369 H HE21 . GLN A 1 18 ? 4.831   5.692  -2.876 1.00 0.00 ? 284 GLN A HE21 4 
ATOM 1370 H HE22 . GLN A 1 18 ? 5.010   6.651  -4.449 1.00 0.00 ? 284 GLN A HE22 4 
ATOM 1371 N N    . ALA A 1 19 ? 9.948   3.814  0.145  1.00 0.00 ? 285 ALA A N    4 
ATOM 1372 C CA   . ALA A 1 19 ? 11.037  4.315  0.980  1.00 0.00 ? 285 ALA A CA   4 
ATOM 1373 C C    . ALA A 1 19 ? 12.316  3.555  0.716  1.00 0.00 ? 285 ALA A C    4 
ATOM 1374 O O    . ALA A 1 19 ? 13.403  4.129  0.593  1.00 0.00 ? 285 ALA A O    4 
ATOM 1375 C CB   . ALA A 1 19 ? 10.583  4.224  2.448  1.00 0.00 ? 285 ALA A CB   4 
ATOM 1376 H H    . ALA A 1 19 ? 9.007   3.569  0.544  1.00 0.00 ? 285 ALA A H    4 
ATOM 1377 H HA   . ALA A 1 19 ? 11.223  5.373  0.718  1.00 0.00 ? 285 ALA A HA   4 
ATOM 1378 H HB1  . ALA A 1 19 ? 9.668   4.818  2.633  1.00 0.00 ? 285 ALA A HB1  4 
ATOM 1379 H HB2  . ALA A 1 19 ? 10.360  3.183  2.752  1.00 0.00 ? 285 ALA A HB2  4 
ATOM 1380 H HB3  . ALA A 1 19 ? 11.354  4.606  3.142  1.00 0.00 ? 285 ALA A HB3  4 
ATOM 1381 N N    . ALA A 1 20 ? 12.208  2.240  0.651  1.00 0.00 ? 286 ALA A N    4 
ATOM 1382 C CA   . ALA A 1 20 ? 13.317  1.389  0.229  1.00 0.00 ? 286 ALA A CA   4 
ATOM 1383 C C    . ALA A 1 20 ? 13.540  1.473  -1.264 1.00 0.00 ? 286 ALA A C    4 
ATOM 1384 O O    . ALA A 1 20 ? 14.667  1.327  -1.758 1.00 0.00 ? 286 ALA A O    4 
ATOM 1385 C CB   . ALA A 1 20 ? 13.010  -0.043 0.702  1.00 0.00 ? 286 ALA A CB   4 
ATOM 1386 H H    . ALA A 1 20 ? 11.272  1.842  0.913  1.00 0.00 ? 286 ALA A H    4 
ATOM 1387 H HA   . ALA A 1 20 ? 14.242  1.749  0.717  1.00 0.00 ? 286 ALA A HA   4 
ATOM 1388 H HB1  . ALA A 1 20 ? 12.887  -0.093 1.801  1.00 0.00 ? 286 ALA A HB1  4 
ATOM 1389 H HB2  . ALA A 1 20 ? 12.077  -0.439 0.255  1.00 0.00 ? 286 ALA A HB2  4 
ATOM 1390 H HB3  . ALA A 1 20 ? 13.820  -0.747 0.441  1.00 0.00 ? 286 ALA A HB3  4 
ATOM 1391 N N    . VAL A 1 21 ? 12.472  1.677  -2.012 1.00 0.00 ? 287 VAL A N    4 
ATOM 1392 C CA   . VAL A 1 21 ? 12.545  1.778  -3.468 1.00 0.00 ? 287 VAL A CA   4 
ATOM 1393 C C    . VAL A 1 21 ? 13.263  0.586  -4.057 1.00 0.00 ? 287 VAL A C    4 
ATOM 1394 O O    . VAL A 1 21 ? 14.094  0.703  -4.965 1.00 0.00 ? 287 VAL A O    4 
ATOM 1395 C CB   . VAL A 1 21 ? 13.252  3.132  -3.875 1.00 0.00 ? 287 VAL A CB   4 
ATOM 1396 C CG1  . VAL A 1 21 ? 14.805  3.152  -3.861 1.00 0.00 ? 287 VAL A CG1  4 
ATOM 1397 C CG2  . VAL A 1 21 ? 12.852  3.645  -5.283 1.00 0.00 ? 287 VAL A CG2  4 
ATOM 1398 H H    . VAL A 1 21 ? 11.567  1.804  -1.493 1.00 0.00 ? 287 VAL A H    4 
ATOM 1399 H HA   . VAL A 1 21 ? 11.518  1.768  -3.881 1.00 0.00 ? 287 VAL A HA   4 
ATOM 1400 H HB   . VAL A 1 21 ? 12.922  3.904  -3.146 1.00 0.00 ? 287 VAL A HB   4 
ATOM 1401 H HG11 . VAL A 1 21 ? 15.246  2.406  -4.549 1.00 0.00 ? 287 VAL A HG11 4 
ATOM 1402 H HG12 . VAL A 1 21 ? 15.216  4.141  -4.143 1.00 0.00 ? 287 VAL A HG12 4 
ATOM 1403 H HG13 . VAL A 1 21 ? 15.220  2.951  -2.855 1.00 0.00 ? 287 VAL A HG13 4 
ATOM 1404 H HG21 . VAL A 1 21 ? 11.755  3.736  -5.390 1.00 0.00 ? 287 VAL A HG21 4 
ATOM 1405 H HG22 . VAL A 1 21 ? 13.264  4.652  -5.485 1.00 0.00 ? 287 VAL A HG22 4 
ATOM 1406 H HG23 . VAL A 1 21 ? 13.204  2.975  -6.088 1.00 0.00 ? 287 VAL A HG23 4 
ATOM 1407 N N    . GLY A 1 22 ? 12.926  -0.594 -3.568 1.00 0.00 ? 288 GLY A N    4 
ATOM 1408 C CA   . GLY A 1 22 ? 13.407  -1.842 -4.156 1.00 0.00 ? 288 GLY A CA   4 
ATOM 1409 C C    . GLY A 1 22 ? 12.377  -2.938 -4.012 1.00 0.00 ? 288 GLY A C    4 
ATOM 1410 O O    . GLY A 1 22 ? 12.432  -3.769 -3.098 1.00 0.00 ? 288 GLY A O    4 
ATOM 1411 H H    . GLY A 1 22 ? 12.251  -0.584 -2.765 1.00 0.00 ? 288 GLY A H    4 
ATOM 1412 H HA2  . GLY A 1 22 ? 13.630  -1.693 -5.228 1.00 0.00 ? 288 GLY A HA2  4 
ATOM 1413 H HA3  . GLY A 1 22 ? 14.347  -2.158 -3.670 1.00 0.00 ? 288 GLY A HA3  4 
ATOM 1414 N N    . THR A 1 23 ? 11.434  -2.976 -4.935 1.00 0.00 ? 289 THR A N    4 
ATOM 1415 C CA   . THR A 1 23 ? 10.308  -3.902 -4.856 1.00 0.00 ? 289 THR A CA   4 
ATOM 1416 C C    . THR A 1 23 ? 10.760  -5.324 -5.089 1.00 0.00 ? 289 THR A C    4 
ATOM 1417 O O    . THR A 1 23 ? 11.706  -5.607 -5.887 1.00 0.00 ? 289 THR A O    4 
ATOM 1418 C CB   . THR A 1 23 ? 9.193   -3.501 -5.881 1.00 0.00 ? 289 THR A CB   4 
ATOM 1419 O OG1  . THR A 1 23 ? 7.938   -4.039 -5.488 1.00 0.00 ? 289 THR A OG1  4 
ATOM 1420 C CG2  . THR A 1 23 ? 9.388   -3.993 -7.331 1.00 0.00 ? 289 THR A CG2  4 
ATOM 1421 O OXT  . THR A 1 23 ? 10.137  -6.219 -4.439 1.00 0.00 ? 289 THR A OXT  4 
ATOM 1422 H H    . THR A 1 23 ? 11.560  -2.320 -5.747 1.00 0.00 ? 289 THR A H    4 
ATOM 1423 H HA   . THR A 1 23 ? 9.887   -3.852 -3.836 1.00 0.00 ? 289 THR A HA   4 
ATOM 1424 H HB   . THR A 1 23 ? 9.115   -2.392 -5.896 1.00 0.00 ? 289 THR A HB   4 
ATOM 1425 H HG1  . THR A 1 23 ? 7.897   -3.947 -4.531 1.00 0.00 ? 289 THR A HG1  4 
ATOM 1426 H HG21 . THR A 1 23 ? 9.465   -5.096 -7.384 1.00 0.00 ? 289 THR A HG21 4 
ATOM 1427 H HG22 . THR A 1 23 ? 8.552   -3.691 -7.989 1.00 0.00 ? 289 THR A HG22 4 
ATOM 1428 H HG23 . THR A 1 23 ? 10.301  -3.580 -7.800 1.00 0.00 ? 289 THR A HG23 4 
ATOM 1429 N N    . PRO A 1 1  ? -18.300 -2.165 -3.387 1.00 0.00 ? 267 PRO A N    5 
ATOM 1430 C CA   . PRO A 1 1  ? -17.442 -1.469 -2.332 1.00 0.00 ? 267 PRO A CA   5 
ATOM 1431 C C    . PRO A 1 1  ? -16.035 -2.008 -2.197 1.00 0.00 ? 267 PRO A C    5 
ATOM 1432 O O    . PRO A 1 1  ? -15.657 -2.603 -1.182 1.00 0.00 ? 267 PRO A O    5 
ATOM 1433 C CB   . PRO A 1 1  ? -18.167 -1.672 -1.009 1.00 0.00 ? 267 PRO A CB   5 
ATOM 1434 C CG   . PRO A 1 1  ? -18.750 -3.081 -1.215 1.00 0.00 ? 267 PRO A CG   5 
ATOM 1435 C CD   . PRO A 1 1  ? -19.235 -3.062 -2.667 1.00 0.00 ? 267 PRO A CD   5 
ATOM 1436 H H2   . PRO A 1 1  ? -17.659 -2.692 -3.998 1.00 0.00 ? 267 PRO A H2   5 
ATOM 1437 H H3   . PRO A 1 1  ? -18.800 -1.428 -3.905 1.00 0.00 ? 267 PRO A H3   5 
ATOM 1438 H HA   . PRO A 1 1  ? -17.358 -0.417 -2.573 1.00 0.00 ? 267 PRO A HA   5 
ATOM 1439 H HB2  . PRO A 1 1  ? -17.428 -1.718 -0.191 1.00 0.00 ? 267 PRO A HB2  5 
ATOM 1440 H HB3  . PRO A 1 1  ? -18.988 -0.948 -0.929 1.00 0.00 ? 267 PRO A HB3  5 
ATOM 1441 H HG2  . PRO A 1 1  ? -17.990 -3.876 -1.285 1.00 0.00 ? 267 PRO A HG2  5 
ATOM 1442 H HG3  . PRO A 1 1  ? -19.555 -3.195 -0.478 1.00 0.00 ? 267 PRO A HG3  5 
ATOM 1443 H HD2  . PRO A 1 1  ? -19.175 -4.078 -3.095 1.00 0.00 ? 267 PRO A HD2  5 
ATOM 1444 H HD3  . PRO A 1 1  ? -20.247 -2.627 -2.707 1.00 0.00 ? 267 PRO A HD3  5 
ATOM 1445 N N    . LEU A 1 2  ? -15.226 -1.784 -3.216 1.00 0.00 ? 268 LEU A N    5 
ATOM 1446 C CA   . LEU A 1 2  ? -13.815 -2.162 -3.191 1.00 0.00 ? 268 LEU A CA   5 
ATOM 1447 C C    . LEU A 1 2  ? -12.922 -0.948 -3.299 1.00 0.00 ? 268 LEU A C    5 
ATOM 1448 O O    . LEU A 1 2  ? -11.817 -1.005 -3.856 1.00 0.00 ? 268 LEU A O    5 
ATOM 1449 C CB   . LEU A 1 2  ? -13.499 -3.183 -4.325 1.00 0.00 ? 268 LEU A CB   5 
ATOM 1450 C CG   . LEU A 1 2  ? -12.170 -3.982 -4.247 1.00 0.00 ? 268 LEU A CG   5 
ATOM 1451 C CD1  . LEU A 1 2  ? -11.990 -4.581 -2.845 1.00 0.00 ? 268 LEU A CD1  5 
ATOM 1452 C CD2  . LEU A 1 2  ? -12.088 -5.101 -5.298 1.00 0.00 ? 268 LEU A CD2  5 
ATOM 1453 H H    . LEU A 1 2  ? -15.665 -1.345 -4.064 1.00 0.00 ? 268 LEU A H    5 
ATOM 1454 H HA   . LEU A 1 2  ? -13.597 -2.624 -2.213 1.00 0.00 ? 268 LEU A HA   5 
ATOM 1455 H HB2  . LEU A 1 2  ? -14.335 -3.908 -4.393 1.00 0.00 ? 268 LEU A HB2  5 
ATOM 1456 H HB3  . LEU A 1 2  ? -13.521 -2.639 -5.288 1.00 0.00 ? 268 LEU A HB3  5 
ATOM 1457 H HG   . LEU A 1 2  ? -11.333 -3.269 -4.422 1.00 0.00 ? 268 LEU A HG   5 
ATOM 1458 H HD11 . LEU A 1 2  ? -12.000 -3.800 -2.059 1.00 0.00 ? 268 LEU A HD11 5 
ATOM 1459 H HD12 . LEU A 1 2  ? -12.787 -5.306 -2.591 1.00 0.00 ? 268 LEU A HD12 5 
ATOM 1460 H HD13 . LEU A 1 2  ? -11.025 -5.110 -2.747 1.00 0.00 ? 268 LEU A HD13 5 
ATOM 1461 H HD21 . LEU A 1 2  ? -12.939 -5.803 -5.231 1.00 0.00 ? 268 LEU A HD21 5 
ATOM 1462 H HD22 . LEU A 1 2  ? -12.087 -4.685 -6.324 1.00 0.00 ? 268 LEU A HD22 5 
ATOM 1463 H HD23 . LEU A 1 2  ? -11.157 -5.689 -5.207 1.00 0.00 ? 268 LEU A HD23 5 
ATOM 1464 N N    . VAL A 1 3  ? -13.373 0.171  -2.763 1.00 0.00 ? 269 VAL A N    5 
ATOM 1465 C CA   . VAL A 1 3  ? -12.619 1.421  -2.827 1.00 0.00 ? 269 VAL A CA   5 
ATOM 1466 C C    . VAL A 1 3  ? -11.832 1.642  -1.557 1.00 0.00 ? 269 VAL A C    5 
ATOM 1467 O O    . VAL A 1 3  ? -10.646 1.989  -1.576 1.00 0.00 ? 269 VAL A O    5 
ATOM 1468 C CB   . VAL A 1 3  ? -13.601 2.631  -3.099 1.00 0.00 ? 269 VAL A CB   5 
ATOM 1469 C CG1  . VAL A 1 3  ? -13.187 3.946  -2.396 1.00 0.00 ? 269 VAL A CG1  5 
ATOM 1470 C CG2  . VAL A 1 3  ? -13.824 3.013  -4.589 1.00 0.00 ? 269 VAL A CG2  5 
ATOM 1471 H H    . VAL A 1 3  ? -14.329 0.126  -2.331 1.00 0.00 ? 269 VAL A H    5 
ATOM 1472 H HA   . VAL A 1 3  ? -11.894 1.352  -3.657 1.00 0.00 ? 269 VAL A HA   5 
ATOM 1473 H HB   . VAL A 1 3  ? -14.594 2.338  -2.698 1.00 0.00 ? 269 VAL A HB   5 
ATOM 1474 H HG11 . VAL A 1 3  ? -12.937 3.783  -1.333 1.00 0.00 ? 269 VAL A HG11 5 
ATOM 1475 H HG12 . VAL A 1 3  ? -12.286 4.393  -2.858 1.00 0.00 ? 269 VAL A HG12 5 
ATOM 1476 H HG13 . VAL A 1 3  ? -13.988 4.709  -2.431 1.00 0.00 ? 269 VAL A HG13 5 
ATOM 1477 H HG21 . VAL A 1 3  ? -13.977 2.129  -5.234 1.00 0.00 ? 269 VAL A HG21 5 
ATOM 1478 H HG22 . VAL A 1 3  ? -14.699 3.675  -4.730 1.00 0.00 ? 269 VAL A HG22 5 
ATOM 1479 H HG23 . VAL A 1 3  ? -12.948 3.534  -5.025 1.00 0.00 ? 269 VAL A HG23 5 
ATOM 1480 N N    . GLU A 1 4  ? -12.479 1.431  -0.426 1.00 0.00 ? 270 GLU A N    5 
ATOM 1481 C CA   . GLU A 1 4  ? -11.852 1.633  0.879  1.00 0.00 ? 270 GLU A CA   5 
ATOM 1482 C C    . GLU A 1 4  ? -11.078 0.410  1.313  1.00 0.00 ? 270 GLU A C    5 
ATOM 1483 O O    . GLU A 1 4  ? -10.092 0.500  2.058  1.00 0.00 ? 270 GLU A O    5 
ATOM 1484 C CB   . GLU A 1 4  ? -12.963 1.989  1.907  1.00 0.00 ? 270 GLU A CB   5 
ATOM 1485 C CG   . GLU A 1 4  ? -13.229 0.965  3.060  1.00 0.00 ? 270 GLU A CG   5 
ATOM 1486 C CD   . GLU A 1 4  ? -14.620 0.336  3.167  1.00 0.00 ? 270 GLU A CD   5 
ATOM 1487 O OE1  . GLU A 1 4  ? -15.092 -0.384 2.298  1.00 0.00 ? 270 GLU A OE1  5 
ATOM 1488 O OE2  . GLU A 1 4  ? -15.279 0.652  4.316  1.00 0.00 ? 270 GLU A OE2  5 
ATOM 1489 H H    . GLU A 1 4  ? -13.489 1.159  -0.517 1.00 0.00 ? 270 GLU A H    5 
ATOM 1490 H HA   . GLU A 1 4  ? -11.138 2.472  0.799  1.00 0.00 ? 270 GLU A HA   5 
ATOM 1491 H HB2  . GLU A 1 4  ? -12.726 2.971  2.360  1.00 0.00 ? 270 GLU A HB2  5 
ATOM 1492 H HB3  . GLU A 1 4  ? -13.909 2.166  1.359  1.00 0.00 ? 270 GLU A HB3  5 
ATOM 1493 H HG2  . GLU A 1 4  ? -12.506 0.131  2.991  1.00 0.00 ? 270 GLU A HG2  5 
ATOM 1494 H HG3  . GLU A 1 4  ? -13.012 1.431  4.040  1.00 0.00 ? 270 GLU A HG3  5 
ATOM 1495 N N    . ASP A 1 5  ? -11.524 -0.758 0.889  1.00 0.00 ? 271 ASP A N    5 
ATOM 1496 C CA   . ASP A 1 5  ? -10.868 -2.013 1.248  1.00 0.00 ? 271 ASP A CA   5 
ATOM 1497 C C    . ASP A 1 5  ? -9.412  -2.000 0.847  1.00 0.00 ? 271 ASP A C    5 
ATOM 1498 O O    . ASP A 1 5  ? -8.538  -2.514 1.553  1.00 0.00 ? 271 ASP A O    5 
ATOM 1499 C CB   . ASP A 1 5  ? -11.625 -3.217 0.627  1.00 0.00 ? 271 ASP A CB   5 
ATOM 1500 C CG   . ASP A 1 5  ? -12.908 -3.667 1.340  1.00 0.00 ? 271 ASP A CG   5 
ATOM 1501 O OD1  . ASP A 1 5  ? -13.123 -3.453 2.524  1.00 0.00 ? 271 ASP A OD1  5 
ATOM 1502 O OD2  . ASP A 1 5  ? -13.777 -4.316 0.508  1.00 0.00 ? 271 ASP A OD2  5 
ATOM 1503 H H    . ASP A 1 5  ? -12.406 -0.732 0.319  1.00 0.00 ? 271 ASP A H    5 
ATOM 1504 H HA   . ASP A 1 5  ? -10.894 -2.077 2.351  1.00 0.00 ? 271 ASP A HA   5 
ATOM 1505 H HB2  . ASP A 1 5  ? -11.885 -3.022 -0.428 1.00 0.00 ? 271 ASP A HB2  5 
ATOM 1506 H HB3  . ASP A 1 5  ? -10.947 -4.094 0.588  1.00 0.00 ? 271 ASP A HB3  5 
ATOM 1507 N N    . MET A 1 6  ? -9.125  -1.402 -0.294 1.00 0.00 ? 272 MET A N    5 
ATOM 1508 C CA   . MET A 1 6  ? -7.779  -1.414 -0.863 1.00 0.00 ? 272 MET A CA   5 
ATOM 1509 C C    . MET A 1 6  ? -7.091  -0.087 -0.637 1.00 0.00 ? 272 MET A C    5 
ATOM 1510 O O    . MET A 1 6  ? -6.268  0.368  -1.439 1.00 0.00 ? 272 MET A O    5 
ATOM 1511 C CB   . MET A 1 6  ? -7.841  -1.756 -2.378 1.00 0.00 ? 272 MET A CB   5 
ATOM 1512 C CG   . MET A 1 6  ? -8.115  -3.236 -2.721 1.00 0.00 ? 272 MET A CG   5 
ATOM 1513 S SD   . MET A 1 6  ? -7.959  -3.489 -4.498 1.00 0.00 ? 272 MET A SD   5 
ATOM 1514 C CE   . MET A 1 6  ? -7.049  -5.039 -4.467 1.00 0.00 ? 272 MET A CE   5 
ATOM 1515 H H    . MET A 1 6  ? -9.910  -0.873 -0.748 1.00 0.00 ? 272 MET A H    5 
ATOM 1516 H HA   . MET A 1 6  ? -7.186  -2.184 -0.338 1.00 0.00 ? 272 MET A HA   5 
ATOM 1517 H HB2  . MET A 1 6  ? -8.608  -1.128 -2.875 1.00 0.00 ? 272 MET A HB2  5 
ATOM 1518 H HB3  . MET A 1 6  ? -6.886  -1.471 -2.857 1.00 0.00 ? 272 MET A HB3  5 
ATOM 1519 H HG2  . MET A 1 6  ? -7.417  -3.913 -2.195 1.00 0.00 ? 272 MET A HG2  5 
ATOM 1520 H HG3  . MET A 1 6  ? -9.135  -3.519 -2.400 1.00 0.00 ? 272 MET A HG3  5 
ATOM 1521 H HE1  . MET A 1 6  ? -7.323  -5.642 -3.582 1.00 0.00 ? 272 MET A HE1  5 
ATOM 1522 H HE2  . MET A 1 6  ? -7.270  -5.633 -5.373 1.00 0.00 ? 272 MET A HE2  5 
ATOM 1523 H HE3  . MET A 1 6  ? -5.962  -4.850 -4.436 1.00 0.00 ? 272 MET A HE3  5 
ATOM 1524 N N    . GLN A 1 7  ? -7.421  0.555  0.467  1.00 0.00 ? 273 GLN A N    5 
ATOM 1525 C CA   . GLN A 1 7  ? -6.905  1.883  0.785  1.00 0.00 ? 273 GLN A CA   5 
ATOM 1526 C C    . GLN A 1 7  ? -6.780  2.070  2.279  1.00 0.00 ? 273 GLN A C    5 
ATOM 1527 O O    . GLN A 1 7  ? -7.099  3.128  2.835  1.00 0.00 ? 273 GLN A O    5 
ATOM 1528 C CB   . GLN A 1 7  ? -7.844  2.945  0.172  1.00 0.00 ? 273 GLN A CB   5 
ATOM 1529 C CG   . GLN A 1 7  ? -7.472  3.457  -1.258 1.00 0.00 ? 273 GLN A CG   5 
ATOM 1530 C CD   . GLN A 1 7  ? -6.101  4.104  -1.487 1.00 0.00 ? 273 GLN A CD   5 
ATOM 1531 O OE1  . GLN A 1 7  ? -5.679  4.309  -2.614 1.00 0.00 ? 273 GLN A OE1  5 
ATOM 1532 N NE2  . GLN A 1 7  ? -5.360  4.444  -0.463 1.00 0.00 ? 273 GLN A NE2  5 
ATOM 1533 H H    . GLN A 1 7  ? -8.041  0.033  1.136  1.00 0.00 ? 273 GLN A H    5 
ATOM 1534 H HA   . GLN A 1 7  ? -5.892  1.978  0.351  1.00 0.00 ? 273 GLN A HA   5 
ATOM 1535 H HB2  . GLN A 1 7  ? -8.874  2.536  0.142  1.00 0.00 ? 273 GLN A HB2  5 
ATOM 1536 H HB3  . GLN A 1 7  ? -7.896  3.813  0.863  1.00 0.00 ? 273 GLN A HB3  5 
ATOM 1537 H HG2  . GLN A 1 7  ? -7.580  2.639  -1.995 1.00 0.00 ? 273 GLN A HG2  5 
ATOM 1538 H HG3  . GLN A 1 7  ? -8.197  4.223  -1.591 1.00 0.00 ? 273 GLN A HG3  5 
ATOM 1539 H HE21 . GLN A 1 7  ? -5.786  4.283  0.451  1.00 0.00 ? 273 GLN A HE21 5 
ATOM 1540 H HE22 . GLN A 1 7  ? -4.446  4.835  -0.701 1.00 0.00 ? 273 GLN A HE22 5 
ATOM 1541 N N    . ARG A 1 8  ? -6.330  1.031  2.958  1.00 0.00 ? 274 ARG A N    5 
ATOM 1542 C CA   . ARG A 1 8  ? -6.025  1.107  4.384  1.00 0.00 ? 274 ARG A CA   5 
ATOM 1543 C C    . ARG A 1 8  ? -4.960  0.106  4.767  1.00 0.00 ? 274 ARG A C    5 
ATOM 1544 O O    . ARG A 1 8  ? -3.856  0.462  5.195  1.00 0.00 ? 274 ARG A O    5 
ATOM 1545 C CB   . ARG A 1 8  ? -7.332  0.878  5.193  1.00 0.00 ? 274 ARG A CB   5 
ATOM 1546 C CG   . ARG A 1 8  ? -7.149  0.842  6.734  1.00 0.00 ? 274 ARG A CG   5 
ATOM 1547 C CD   . ARG A 1 8  ? -6.866  2.230  7.325  1.00 0.00 ? 274 ARG A CD   5 
ATOM 1548 N NE   . ARG A 1 8  ? -8.164  2.927  7.520  1.00 0.00 ? 274 ARG A NE   5 
ATOM 1549 C CZ   . ARG A 1 8  ? -8.983  2.753  8.549  1.00 0.00 ? 274 ARG A CZ   5 
ATOM 1550 N NH1  . ARG A 1 8  ? -8.759  1.939  9.536  1.00 0.00 ? 274 ARG A NH1  5 
ATOM 1551 N NH2  . ARG A 1 8  ? -10.071 3.439  8.561  1.00 0.00 ? 274 ARG A NH2  5 
ATOM 1552 H H    . ARG A 1 8  ? -6.153  0.158  2.402  1.00 0.00 ? 274 ARG A H    5 
ATOM 1553 H HA   . ARG A 1 8  ? -5.625  2.117  4.593  1.00 0.00 ? 274 ARG A HA   5 
ATOM 1554 H HB2  . ARG A 1 8  ? -8.064  1.673  4.951  1.00 0.00 ? 274 ARG A HB2  5 
ATOM 1555 H HB3  . ARG A 1 8  ? -7.816  -0.059 4.852  1.00 0.00 ? 274 ARG A HB3  5 
ATOM 1556 H HG2  . ARG A 1 8  ? -8.050  0.413  7.215  1.00 0.00 ? 274 ARG A HG2  5 
ATOM 1557 H HG3  . ARG A 1 8  ? -6.317  0.167  7.020  1.00 0.00 ? 274 ARG A HG3  5 
ATOM 1558 H HD2  . ARG A 1 8  ? -6.328  2.136  8.290  1.00 0.00 ? 274 ARG A HD2  5 
ATOM 1559 H HD3  . ARG A 1 8  ? -6.212  2.813  6.645  1.00 0.00 ? 274 ARG A HD3  5 
ATOM 1560 H HE   . ARG A 1 8  ? -8.450  3.601  6.797  1.00 0.00 ? 274 ARG A HE   5 
ATOM 1561 H HH11 . ARG A 1 8  ? -7.877  1.434  9.446  1.00 0.00 ? 274 ARG A HH11 5 
ATOM 1562 H HH12 . ARG A 1 8  ? -9.465  1.893  10.269 1.00 0.00 ? 274 ARG A HH12 5 
ATOM 1563 H HH21 . ARG A 1 8  ? -10.149 4.046  7.743  1.00 0.00 ? 274 ARG A HH21 5 
ATOM 1564 H HH22 . ARG A 1 8  ? -10.705 3.312  9.347  1.00 0.00 ? 274 ARG A HH22 5 
ATOM 1565 N N    . GLN A 1 9  ? -5.276  -1.167 4.626  1.00 0.00 ? 275 GLN A N    5 
ATOM 1566 C CA   . GLN A 1 9  ? -4.318  -2.236 4.897  1.00 0.00 ? 275 GLN A CA   5 
ATOM 1567 C C    . GLN A 1 9  ? -3.341  -2.388 3.754  1.00 0.00 ? 275 GLN A C    5 
ATOM 1568 O O    . GLN A 1 9  ? -2.138  -2.594 3.950  1.00 0.00 ? 275 GLN A O    5 
ATOM 1569 C CB   . GLN A 1 9  ? -5.095  -3.549 5.138  1.00 0.00 ? 275 GLN A CB   5 
ATOM 1570 C CG   . GLN A 1 9  ? -4.754  -4.320 6.457  1.00 0.00 ? 275 GLN A CG   5 
ATOM 1571 C CD   . GLN A 1 9  ? -5.657  -4.139 7.683  1.00 0.00 ? 275 GLN A CD   5 
ATOM 1572 O OE1  . GLN A 1 9  ? -6.549  -3.305 7.692  1.00 0.00 ? 275 GLN A OE1  5 
ATOM 1573 N NE2  . GLN A 1 9  ? -5.463  -4.869 8.751  1.00 0.00 ? 275 GLN A NE2  5 
ATOM 1574 H H    . GLN A 1 9  ? -6.272  -1.368 4.355  1.00 0.00 ? 275 GLN A H    5 
ATOM 1575 H HA   . GLN A 1 9  ? -3.738  -1.972 5.800  1.00 0.00 ? 275 GLN A HA   5 
ATOM 1576 H HB2  . GLN A 1 9  ? -6.181  -3.331 5.129  1.00 0.00 ? 275 GLN A HB2  5 
ATOM 1577 H HB3  . GLN A 1 9  ? -4.926  -4.225 4.273  1.00 0.00 ? 275 GLN A HB3  5 
ATOM 1578 H HG2  . GLN A 1 9  ? -4.683  -5.405 6.256  1.00 0.00 ? 275 GLN A HG2  5 
ATOM 1579 H HG3  . GLN A 1 9  ? -3.746  -4.042 6.814  1.00 0.00 ? 275 GLN A HG3  5 
ATOM 1580 H HE21 . GLN A 1 9  ? -4.663  -5.502 8.702  1.00 0.00 ? 275 GLN A HE21 5 
ATOM 1581 H HE22 . GLN A 1 9  ? -6.068  -4.646 9.544  1.00 0.00 ? 275 GLN A HE22 5 
ATOM 1582 N N    . TRP A 1 10 ? -3.844  -2.295 2.537  1.00 0.00 ? 276 TRP A N    5 
ATOM 1583 C CA   . TRP A 1 10 ? -3.049  -2.589 1.348  1.00 0.00 ? 276 TRP A CA   5 
ATOM 1584 C C    . TRP A 1 10 ? -2.086  -1.464 1.045  1.00 0.00 ? 276 TRP A C    5 
ATOM 1585 O O    . TRP A 1 10 ? -1.023  -1.663 0.445  1.00 0.00 ? 276 TRP A O    5 
ATOM 1586 C CB   . TRP A 1 10 ? -4.003  -2.804 0.140  1.00 0.00 ? 276 TRP A CB   5 
ATOM 1587 C CG   . TRP A 1 10 ? -3.318  -2.790 -1.230 1.00 0.00 ? 276 TRP A CG   5 
ATOM 1588 C CD1  . TRP A 1 10 ? -3.332  -1.728 -2.158 1.00 0.00 ? 276 TRP A CD1  5 
ATOM 1589 C CD2  . TRP A 1 10 ? -2.569  -3.791 -1.812 1.00 0.00 ? 276 TRP A CD2  5 
ATOM 1590 N NE1  . TRP A 1 10 ? -2.595  -2.045 -3.318 1.00 0.00 ? 276 TRP A NE1  5 
ATOM 1591 C CE2  . TRP A 1 10 ? -2.133  -3.329 -3.079 1.00 0.00 ? 276 TRP A CE2  5 
ATOM 1592 C CE3  . TRP A 1 10 ? -2.230  -5.095 -1.363 1.00 0.00 ? 276 TRP A CE3  5 
ATOM 1593 C CZ2  . TRP A 1 10 ? -1.324  -4.155 -3.889 1.00 0.00 ? 276 TRP A CZ2  5 
ATOM 1594 C CZ3  . TRP A 1 10 ? -1.372  -5.863 -2.149 1.00 0.00 ? 276 TRP A CZ3  5 
ATOM 1595 C CH2  . TRP A 1 10 ? -0.911  -5.394 -3.388 1.00 0.00 ? 276 TRP A CH2  5 
ATOM 1596 H H    . TRP A 1 10 ? -4.863  -2.045 2.477  1.00 0.00 ? 276 TRP A H    5 
ATOM 1597 H HA   . TRP A 1 10 ? -2.449  -3.501 1.530  1.00 0.00 ? 276 TRP A HA   5 
ATOM 1598 H HB2  . TRP A 1 10 ? -4.525  -3.779 0.238  1.00 0.00 ? 276 TRP A HB2  5 
ATOM 1599 H HB3  . TRP A 1 10 ? -4.822  -2.058 0.150  1.00 0.00 ? 276 TRP A HB3  5 
ATOM 1600 H HD1  . TRP A 1 10 ? -3.882  -0.808 -2.011 1.00 0.00 ? 276 TRP A HD1  5 
ATOM 1601 H HE1  . TRP A 1 10 ? -2.473  -1.479 -4.165 1.00 0.00 ? 276 TRP A HE1  5 
ATOM 1602 H HE3  . TRP A 1 10 ? -2.630  -5.478 -0.433 1.00 0.00 ? 276 TRP A HE3  5 
ATOM 1603 H HZ2  . TRP A 1 10 ? -1.031  -3.831 -4.877 1.00 0.00 ? 276 TRP A HZ2  5 
ATOM 1604 H HZ3  . TRP A 1 10 ? -1.059  -6.834 -1.795 1.00 0.00 ? 276 TRP A HZ3  5 
ATOM 1605 H HH2  . TRP A 1 10 ? -0.226  -5.998 -3.963 1.00 0.00 ? 276 TRP A HH2  5 
ATOM 1606 N N    . ALA A 1 11 ? -2.453  -0.256 1.430  1.00 0.00 ? 277 ALA A N    5 
ATOM 1607 C CA   . ALA A 1 11 ? -1.565  0.897  1.302  1.00 0.00 ? 277 ALA A CA   5 
ATOM 1608 C C    . ALA A 1 11 ? -0.350  0.753  2.189  1.00 0.00 ? 277 ALA A C    5 
ATOM 1609 O O    . ALA A 1 11 ? 0.727   1.297  1.904  1.00 0.00 ? 277 ALA A O    5 
ATOM 1610 C CB   . ALA A 1 11 ? -2.386  2.159  1.623  1.00 0.00 ? 277 ALA A CB   5 
ATOM 1611 H H    . ALA A 1 11 ? -3.437  -0.166 1.787  1.00 0.00 ? 277 ALA A H    5 
ATOM 1612 H HA   . ALA A 1 11 ? -1.203  0.948  0.258  1.00 0.00 ? 277 ALA A HA   5 
ATOM 1613 H HB1  . ALA A 1 11 ? -3.250  2.269  0.939  1.00 0.00 ? 277 ALA A HB1  5 
ATOM 1614 H HB2  . ALA A 1 11 ? -2.789  2.144  2.653  1.00 0.00 ? 277 ALA A HB2  5 
ATOM 1615 H HB3  . ALA A 1 11 ? -1.783  3.080  1.521  1.00 0.00 ? 277 ALA A HB3  5 
ATOM 1616 N N    . GLY A 1 12 ? -0.499  0.044  3.292  1.00 0.00 ? 278 GLY A N    5 
ATOM 1617 C CA   . GLY A 1 12 ? 0.611   -0.212 4.205  1.00 0.00 ? 278 GLY A CA   5 
ATOM 1618 C C    . GLY A 1 12 ? 1.675   -1.053 3.539  1.00 0.00 ? 278 GLY A C    5 
ATOM 1619 O O    . GLY A 1 12 ? 2.823   -0.632 3.362  1.00 0.00 ? 278 GLY A O    5 
ATOM 1620 H H    . GLY A 1 12 ? -1.473  -0.295 3.495  1.00 0.00 ? 278 GLY A H    5 
ATOM 1621 H HA2  . GLY A 1 12 ? 1.059   0.742  4.539  1.00 0.00 ? 278 GLY A HA2  5 
ATOM 1622 H HA3  . GLY A 1 12 ? 0.250   -0.733 5.109  1.00 0.00 ? 278 GLY A HA3  5 
ATOM 1623 N N    . LEU A 1 13 ? 1.299   -2.251 3.129  1.00 0.00 ? 279 LEU A N    5 
ATOM 1624 C CA   . LEU A 1 13 ? 2.252   -3.229 2.614  1.00 0.00 ? 279 LEU A CA   5 
ATOM 1625 C C    . LEU A 1 13 ? 2.988   -2.684 1.412  1.00 0.00 ? 279 LEU A C    5 
ATOM 1626 O O    . LEU A 1 13 ? 4.207   -2.841 1.268  1.00 0.00 ? 279 LEU A O    5 
ATOM 1627 C CB   . LEU A 1 13 ? 1.532   -4.564 2.268  1.00 0.00 ? 279 LEU A CB   5 
ATOM 1628 C CG   . LEU A 1 13 ? 0.513   -5.142 3.286  1.00 0.00 ? 279 LEU A CG   5 
ATOM 1629 C CD1  . LEU A 1 13 ? -0.937  -5.081 2.775  1.00 0.00 ? 279 LEU A CD1  5 
ATOM 1630 C CD2  . LEU A 1 13 ? 0.883   -6.593 3.632  1.00 0.00 ? 279 LEU A CD2  5 
ATOM 1631 H H    . LEU A 1 13 ? 0.272   -2.461 3.208  1.00 0.00 ? 279 LEU A H    5 
ATOM 1632 H HA   . LEU A 1 13 ? 3.018   -3.413 3.389  1.00 0.00 ? 279 LEU A HA   5 
ATOM 1633 H HB2  . LEU A 1 13 ? 1.012   -4.445 1.293  1.00 0.00 ? 279 LEU A HB2  5 
ATOM 1634 H HB3  . LEU A 1 13 ? 2.304   -5.338 2.073  1.00 0.00 ? 279 LEU A HB3  5 
ATOM 1635 H HG   . LEU A 1 13 ? 0.577   -4.543 4.220  1.00 0.00 ? 279 LEU A HG   5 
ATOM 1636 H HD11 . LEU A 1 13 ? -1.186  -4.073 2.400  1.00 0.00 ? 279 LEU A HD11 5 
ATOM 1637 H HD12 . LEU A 1 13 ? -1.104  -5.774 1.929  1.00 0.00 ? 279 LEU A HD12 5 
ATOM 1638 H HD13 . LEU A 1 13 ? -1.669  -5.331 3.564  1.00 0.00 ? 279 LEU A HD13 5 
ATOM 1639 H HD21 . LEU A 1 13 ? 1.932   -6.683 3.965  1.00 0.00 ? 279 LEU A HD21 5 
ATOM 1640 H HD22 . LEU A 1 13 ? 0.247   -7.005 4.439  1.00 0.00 ? 279 LEU A HD22 5 
ATOM 1641 H HD23 . LEU A 1 13 ? 0.770   -7.260 2.757  1.00 0.00 ? 279 LEU A HD23 5 
ATOM 1642 N N    . VAL A 1 14 ? 2.263   -2.021 0.530  1.00 0.00 ? 280 VAL A N    5 
ATOM 1643 C CA   . VAL A 1 14 ? 2.817   -1.559 -0.741 1.00 0.00 ? 280 VAL A CA   5 
ATOM 1644 C C    . VAL A 1 14 ? 3.816   -0.447 -0.522 1.00 0.00 ? 280 VAL A C    5 
ATOM 1645 O O    . VAL A 1 14 ? 4.930   -0.459 -1.057 1.00 0.00 ? 280 VAL A O    5 
ATOM 1646 C CB   . VAL A 1 14 ? 1.651   -1.086 -1.697 1.00 0.00 ? 280 VAL A CB   5 
ATOM 1647 C CG1  . VAL A 1 14 ? 1.841   0.294  -2.385 1.00 0.00 ? 280 VAL A CG1  5 
ATOM 1648 C CG2  . VAL A 1 14 ? 1.342   -2.076 -2.847 1.00 0.00 ? 280 VAL A CG2  5 
ATOM 1649 H H    . VAL A 1 14 ? 1.254   -1.874 0.781  1.00 0.00 ? 280 VAL A H    5 
ATOM 1650 H HA   . VAL A 1 14 ? 3.362   -2.395 -1.216 1.00 0.00 ? 280 VAL A HA   5 
ATOM 1651 H HB   . VAL A 1 14 ? 0.731   -1.006 -1.078 1.00 0.00 ? 280 VAL A HB   5 
ATOM 1652 H HG11 . VAL A 1 14 ? 2.748   0.331  -3.017 1.00 0.00 ? 280 VAL A HG11 5 
ATOM 1653 H HG12 . VAL A 1 14 ? 0.983   0.564  -3.030 1.00 0.00 ? 280 VAL A HG12 5 
ATOM 1654 H HG13 . VAL A 1 14 ? 1.918   1.123  -1.656 1.00 0.00 ? 280 VAL A HG13 5 
ATOM 1655 H HG21 . VAL A 1 14 ? 1.121   -3.090 -2.468 1.00 0.00 ? 280 VAL A HG21 5 
ATOM 1656 H HG22 . VAL A 1 14 ? 0.452   -1.766 -3.428 1.00 0.00 ? 280 VAL A HG22 5 
ATOM 1657 H HG23 . VAL A 1 14 ? 2.184   -2.168 -3.558 1.00 0.00 ? 280 VAL A HG23 5 
ATOM 1658 N N    . GLU A 1 15 ? 3.422   0.549  0.250  1.00 0.00 ? 281 GLU A N    5 
ATOM 1659 C CA   . GLU A 1 15 ? 4.216   1.764  0.409  1.00 0.00 ? 281 GLU A CA   5 
ATOM 1660 C C    . GLU A 1 15 ? 5.581   1.449  0.974  1.00 0.00 ? 281 GLU A C    5 
ATOM 1661 O O    . GLU A 1 15 ? 6.599   2.033  0.585  1.00 0.00 ? 281 GLU A O    5 
ATOM 1662 C CB   . GLU A 1 15 ? 3.440   2.748  1.329  1.00 0.00 ? 281 GLU A CB   5 
ATOM 1663 C CG   . GLU A 1 15 ? 2.663   3.918  0.638  1.00 0.00 ? 281 GLU A CG   5 
ATOM 1664 C CD   . GLU A 1 15 ? 2.185   5.085  1.507  1.00 0.00 ? 281 GLU A CD   5 
ATOM 1665 O OE1  . GLU A 1 15 ? 2.927   5.983  1.881  1.00 0.00 ? 281 GLU A OE1  5 
ATOM 1666 O OE2  . GLU A 1 15 ? 0.862   5.028  1.822  1.00 0.00 ? 281 GLU A OE2  5 
ATOM 1667 H H    . GLU A 1 15 ? 2.496   0.418  0.730  1.00 0.00 ? 281 GLU A H    5 
ATOM 1668 H HA   . GLU A 1 15 ? 4.361   2.224  -0.586 1.00 0.00 ? 281 GLU A HA   5 
ATOM 1669 H HB2  . GLU A 1 15 ? 2.724   2.169  1.945  1.00 0.00 ? 281 GLU A HB2  5 
ATOM 1670 H HB3  . GLU A 1 15 ? 4.147   3.174  2.068  1.00 0.00 ? 281 GLU A HB3  5 
ATOM 1671 H HG2  . GLU A 1 15 ? 3.285   4.354  -0.166 1.00 0.00 ? 281 GLU A HG2  5 
ATOM 1672 H HG3  . GLU A 1 15 ? 1.774   3.526  0.112  1.00 0.00 ? 281 GLU A HG3  5 
ATOM 1673 N N    . LYS A 1 16 ? 5.622   0.524  1.916  1.00 0.00 ? 282 LYS A N    5 
ATOM 1674 C CA   . LYS A 1 16 ? 6.870   0.143  2.571  1.00 0.00 ? 282 LYS A CA   5 
ATOM 1675 C C    . LYS A 1 16 ? 7.843   -0.449 1.577  1.00 0.00 ? 282 LYS A C    5 
ATOM 1676 O O    . LYS A 1 16 ? 9.051   -0.190 1.615  1.00 0.00 ? 282 LYS A O    5 
ATOM 1677 C CB   . LYS A 1 16 ? 6.569   -0.860 3.720  1.00 0.00 ? 282 LYS A CB   5 
ATOM 1678 C CG   . LYS A 1 16 ? 7.699   -0.941 4.777  1.00 0.00 ? 282 LYS A CG   5 
ATOM 1679 C CD   . LYS A 1 16 ? 7.525   -0.011 5.980  1.00 0.00 ? 282 LYS A CD   5 
ATOM 1680 C CE   . LYS A 1 16 ? 7.391   1.436  5.485  1.00 0.00 ? 282 LYS A CE   5 
ATOM 1681 N NZ   . LYS A 1 16 ? 8.717   1.944  5.093  1.00 0.00 ? 282 LYS A NZ   5 
ATOM 1682 H H    . LYS A 1 16 ? 4.712   0.048  2.132  1.00 0.00 ? 282 LYS A H    5 
ATOM 1683 H HA   . LYS A 1 16 ? 7.339   1.050  2.994  1.00 0.00 ? 282 LYS A HA   5 
ATOM 1684 H HB2  . LYS A 1 16 ? 5.621   -0.583 4.218  1.00 0.00 ? 282 LYS A HB2  5 
ATOM 1685 H HB3  . LYS A 1 16 ? 6.386   -1.866 3.288  1.00 0.00 ? 282 LYS A HB3  5 
ATOM 1686 H HG2  . LYS A 1 16 ? 7.767   -1.968 5.186  1.00 0.00 ? 282 LYS A HG2  5 
ATOM 1687 H HG3  . LYS A 1 16 ? 8.677   -0.752 4.291  1.00 0.00 ? 282 LYS A HG3  5 
ATOM 1688 H HD2  . LYS A 1 16 ? 6.640   -0.321 6.569  1.00 0.00 ? 282 LYS A HD2  5 
ATOM 1689 H HD3  . LYS A 1 16 ? 8.399   -0.104 6.657  1.00 0.00 ? 282 LYS A HD3  5 
ATOM 1690 H HE2  . LYS A 1 16 ? 6.687   1.490  4.628  1.00 0.00 ? 282 LYS A HE2  5 
ATOM 1691 H HE3  . LYS A 1 16 ? 6.960   2.090  6.270  1.00 0.00 ? 282 LYS A HE3  5 
ATOM 1692 H HZ1  . LYS A 1 16 ? 9.276   1.175  4.696  1.00 0.00 ? 282 LYS A HZ1  5 
ATOM 1693 H HZ2  . LYS A 1 16 ? 8.607   2.686  4.388  1.00 0.00 ? 282 LYS A HZ2  5 
ATOM 1694 H HZ3  . LYS A 1 16 ? 9.197   2.326  5.920  1.00 0.00 ? 282 LYS A HZ3  5 
ATOM 1695 N N    . VAL A 1 17 ? 7.335   -1.279 0.686  1.00 0.00 ? 283 VAL A N    5 
ATOM 1696 C CA   . VAL A 1 17 ? 8.170   -1.972 -0.291 1.00 0.00 ? 283 VAL A CA   5 
ATOM 1697 C C    . VAL A 1 17 ? 8.803   -0.994 -1.254 1.00 0.00 ? 283 VAL A C    5 
ATOM 1698 O O    . VAL A 1 17 ? 9.927   -1.188 -1.731 1.00 0.00 ? 283 VAL A O    5 
ATOM 1699 C CB   . VAL A 1 17 ? 7.309   -3.048 -1.067 1.00 0.00 ? 283 VAL A CB   5 
ATOM 1700 C CG1  . VAL A 1 17 ? 6.863   -2.666 -2.506 1.00 0.00 ? 283 VAL A CG1  5 
ATOM 1701 C CG2  . VAL A 1 17 ? 8.003   -4.424 -1.206 1.00 0.00 ? 283 VAL A CG2  5 
ATOM 1702 H H    . VAL A 1 17 ? 6.288   -1.378 0.692  1.00 0.00 ? 283 VAL A H    5 
ATOM 1703 H HA   . VAL A 1 17 ? 8.996   -2.479 0.241  1.00 0.00 ? 283 VAL A HA   5 
ATOM 1704 H HB   . VAL A 1 17 ? 6.379   -3.208 -0.481 1.00 0.00 ? 283 VAL A HB   5 
ATOM 1705 H HG11 . VAL A 1 17 ? 7.720   -2.463 -3.175 1.00 0.00 ? 283 VAL A HG11 5 
ATOM 1706 H HG12 . VAL A 1 17 ? 6.258   -3.461 -2.981 1.00 0.00 ? 283 VAL A HG12 5 
ATOM 1707 H HG13 . VAL A 1 17 ? 6.217   -1.768 -2.524 1.00 0.00 ? 283 VAL A HG13 5 
ATOM 1708 H HG21 . VAL A 1 17 ? 8.309   -4.831 -0.226 1.00 0.00 ? 283 VAL A HG21 5 
ATOM 1709 H HG22 . VAL A 1 17 ? 7.331   -5.180 -1.655 1.00 0.00 ? 283 VAL A HG22 5 
ATOM 1710 H HG23 . VAL A 1 17 ? 8.911   -4.375 -1.837 1.00 0.00 ? 283 VAL A HG23 5 
ATOM 1711 N N    . GLN A 1 18 ? 8.080   0.062  -1.577 1.00 0.00 ? 284 GLN A N    5 
ATOM 1712 C CA   . GLN A 1 18 ? 8.548   1.054  -2.542 1.00 0.00 ? 284 GLN A CA   5 
ATOM 1713 C C    . GLN A 1 18 ? 9.771   1.774  -2.026 1.00 0.00 ? 284 GLN A C    5 
ATOM 1714 O O    . GLN A 1 18 ? 10.771  1.948  -2.732 1.00 0.00 ? 284 GLN A O    5 
ATOM 1715 C CB   . GLN A 1 18 ? 7.400   2.047  -2.826 1.00 0.00 ? 284 GLN A CB   5 
ATOM 1716 C CG   . GLN A 1 18 ? 6.669   1.884  -4.201 1.00 0.00 ? 284 GLN A CG   5 
ATOM 1717 C CD   . GLN A 1 18 ? 5.207   2.329  -4.327 1.00 0.00 ? 284 GLN A CD   5 
ATOM 1718 O OE1  . GLN A 1 18 ? 4.759   3.231  -3.637 1.00 0.00 ? 284 GLN A OE1  5 
ATOM 1719 N NE2  . GLN A 1 18 ? 4.415   1.736  -5.184 1.00 0.00 ? 284 GLN A NE2  5 
ATOM 1720 H H    . GLN A 1 18 ? 7.144   0.142  -1.107 1.00 0.00 ? 284 GLN A H    5 
ATOM 1721 H HA   . GLN A 1 18 ? 8.834   0.535  -3.476 1.00 0.00 ? 284 GLN A HA   5 
ATOM 1722 H HB2  . GLN A 1 18 ? 6.652   1.968  -2.010 1.00 0.00 ? 284 GLN A HB2  5 
ATOM 1723 H HB3  . GLN A 1 18 ? 7.795   3.080  -2.760 1.00 0.00 ? 284 GLN A HB3  5 
ATOM 1724 H HG2  . GLN A 1 18 ? 7.200   2.453  -4.987 1.00 0.00 ? 284 GLN A HG2  5 
ATOM 1725 H HG3  . GLN A 1 18 ? 6.726   0.832  -4.539 1.00 0.00 ? 284 GLN A HG3  5 
ATOM 1726 H HE21 . GLN A 1 18 ? 4.864   1.031  -5.770 1.00 0.00 ? 284 GLN A HE21 5 
ATOM 1727 H HE22 . GLN A 1 18 ? 3.473   2.128  -5.242 1.00 0.00 ? 284 GLN A HE22 5 
ATOM 1728 N N    . ALA A 1 19 ? 9.699   2.234  -0.790 1.00 0.00 ? 285 ALA A N    5 
ATOM 1729 C CA   . ALA A 1 19 ? 10.825  2.910  -0.151 1.00 0.00 ? 285 ALA A CA   5 
ATOM 1730 C C    . ALA A 1 19 ? 12.086  2.085  -0.264 1.00 0.00 ? 285 ALA A C    5 
ATOM 1731 O O    . ALA A 1 19 ? 13.191  2.606  -0.450 1.00 0.00 ? 285 ALA A O    5 
ATOM 1732 C CB   . ALA A 1 19 ? 10.432  3.199  1.308  1.00 0.00 ? 285 ALA A CB   5 
ATOM 1733 H H    . ALA A 1 19 ? 8.770   2.124  -0.313 1.00 0.00 ? 285 ALA A H    5 
ATOM 1734 H HA   . ALA A 1 19 ? 11.010  3.865  -0.679 1.00 0.00 ? 285 ALA A HA   5 
ATOM 1735 H HB1  . ALA A 1 19 ? 9.528   3.836  1.371  1.00 0.00 ? 285 ALA A HB1  5 
ATOM 1736 H HB2  . ALA A 1 19 ? 10.212  2.272  1.873  1.00 0.00 ? 285 ALA A HB2  5 
ATOM 1737 H HB3  . ALA A 1 19 ? 11.232  3.731  1.853  1.00 0.00 ? 285 ALA A HB3  5 
ATOM 1738 N N    . ALA A 1 20 ? 11.937  0.776  -0.166 1.00 0.00 ? 286 ALA A N    5 
ATOM 1739 C CA   . ALA A 1 20 ? 13.081  -0.129 -0.105 1.00 0.00 ? 286 ALA A CA   5 
ATOM 1740 C C    . ALA A 1 20 ? 13.715  -0.293 -1.466 1.00 0.00 ? 286 ALA A C    5 
ATOM 1741 O O    . ALA A 1 20 ? 14.938  -0.413 -1.604 1.00 0.00 ? 286 ALA A O    5 
ATOM 1742 C CB   . ALA A 1 20 ? 12.589  -1.462 0.487  1.00 0.00 ? 286 ALA A CB   5 
ATOM 1743 H H    . ALA A 1 20 ? 10.948  0.430  -0.096 1.00 0.00 ? 286 ALA A H    5 
ATOM 1744 H HA   . ALA A 1 20 ? 13.846  0.311  0.563  1.00 0.00 ? 286 ALA A HA   5 
ATOM 1745 H HB1  . ALA A 1 20 ? 12.162  -1.329 1.499  1.00 0.00 ? 286 ALA A HB1  5 
ATOM 1746 H HB2  . ALA A 1 20 ? 11.801  -1.929 -0.137 1.00 0.00 ? 286 ALA A HB2  5 
ATOM 1747 H HB3  . ALA A 1 20 ? 13.408  -2.198 0.583  1.00 0.00 ? 286 ALA A HB3  5 
ATOM 1748 N N    . VAL A 1 21 ? 12.889  -0.329 -2.495 1.00 0.00 ? 287 VAL A N    5 
ATOM 1749 C CA   . VAL A 1 21 ? 13.346  -0.657 -3.843 1.00 0.00 ? 287 VAL A CA   5 
ATOM 1750 C C    . VAL A 1 21 ? 13.931  0.556  -4.527 1.00 0.00 ? 287 VAL A C    5 
ATOM 1751 O O    . VAL A 1 21 ? 15.135  0.637  -4.793 1.00 0.00 ? 287 VAL A O    5 
ATOM 1752 C CB   . VAL A 1 21 ? 12.147  -1.253 -4.683 1.00 0.00 ? 287 VAL A CB   5 
ATOM 1753 C CG1  . VAL A 1 21 ? 12.295  -1.055 -6.212 1.00 0.00 ? 287 VAL A CG1  5 
ATOM 1754 C CG2  . VAL A 1 21 ? 11.856  -2.767 -4.492 1.00 0.00 ? 287 VAL A CG2  5 
ATOM 1755 H H    . VAL A 1 21 ? 11.883  -0.113 -2.286 1.00 0.00 ? 287 VAL A H    5 
ATOM 1756 H HA   . VAL A 1 21 ? 14.153  -1.409 -3.773 1.00 0.00 ? 287 VAL A HA   5 
ATOM 1757 H HB   . VAL A 1 21 ? 11.227  -0.713 -4.372 1.00 0.00 ? 287 VAL A HB   5 
ATOM 1758 H HG11 . VAL A 1 21 ? 12.571  -0.017 -6.468 1.00 0.00 ? 287 VAL A HG11 5 
ATOM 1759 H HG12 . VAL A 1 21 ? 13.093  -1.697 -6.634 1.00 0.00 ? 287 VAL A HG12 5 
ATOM 1760 H HG13 . VAL A 1 21 ? 11.362  -1.289 -6.757 1.00 0.00 ? 287 VAL A HG13 5 
ATOM 1761 H HG21 . VAL A 1 21 ? 11.879  -3.070 -3.428 1.00 0.00 ? 287 VAL A HG21 5 
ATOM 1762 H HG22 . VAL A 1 21 ? 10.868  -3.062 -4.893 1.00 0.00 ? 287 VAL A HG22 5 
ATOM 1763 H HG23 . VAL A 1 21 ? 12.613  -3.406 -4.986 1.00 0.00 ? 287 VAL A HG23 5 
ATOM 1764 N N    . GLY A 1 22 ? 13.084  1.527  -4.816 1.00 0.00 ? 288 GLY A N    5 
ATOM 1765 C CA   . GLY A 1 22 ? 13.520  2.773  -5.441 1.00 0.00 ? 288 GLY A CA   5 
ATOM 1766 C C    . GLY A 1 22 ? 12.551  3.894  -5.147 1.00 0.00 ? 288 GLY A C    5 
ATOM 1767 O O    . GLY A 1 22 ? 11.554  4.096  -5.849 1.00 0.00 ? 288 GLY A O    5 
ATOM 1768 H H    . GLY A 1 22 ? 12.087  1.370  -4.527 1.00 0.00 ? 288 GLY A H    5 
ATOM 1769 H HA2  . GLY A 1 22 ? 14.523  3.054  -5.073 1.00 0.00 ? 288 GLY A HA2  5 
ATOM 1770 H HA3  . GLY A 1 22 ? 13.604  2.643  -6.535 1.00 0.00 ? 288 GLY A HA3  5 
ATOM 1771 N N    . THR A 1 23 ? 12.832  4.648  -4.100 1.00 0.00 ? 289 THR A N    5 
ATOM 1772 C CA   . THR A 1 23 ? 11.917  5.680  -3.621 1.00 0.00 ? 289 THR A CA   5 
ATOM 1773 C C    . THR A 1 23 ? 11.967  6.901  -4.507 1.00 0.00 ? 289 THR A C    5 
ATOM 1774 O O    . THR A 1 23 ? 13.047  7.298  -5.045 1.00 0.00 ? 289 THR A O    5 
ATOM 1775 C CB   . THR A 1 23 ? 12.243  6.059  -2.137 1.00 0.00 ? 289 THR A CB   5 
ATOM 1776 O OG1  . THR A 1 23 ? 11.086  6.566  -1.487 1.00 0.00 ? 289 THR A OG1  5 
ATOM 1777 C CG2  . THR A 1 23 ? 13.314  7.152  -1.930 1.00 0.00 ? 289 THR A CG2  5 
ATOM 1778 O OXT  . THR A 1 23 ? 10.865  7.507  -4.683 1.00 0.00 ? 289 THR A OXT  5 
ATOM 1779 H H    . THR A 1 23 ? 13.763  4.475  -3.645 1.00 0.00 ? 289 THR A H    5 
ATOM 1780 H HA   . THR A 1 23 ? 10.887  5.281  -3.667 1.00 0.00 ? 289 THR A HA   5 
ATOM 1781 H HB   . THR A 1 23 ? 12.575  5.141  -1.607 1.00 0.00 ? 289 THR A HB   5 
ATOM 1782 H HG1  . THR A 1 23 ? 11.086  7.516  -1.643 1.00 0.00 ? 289 THR A HG1  5 
ATOM 1783 H HG21 . THR A 1 23 ? 13.037  8.098  -2.431 1.00 0.00 ? 289 THR A HG21 5 
ATOM 1784 H HG22 . THR A 1 23 ? 13.474  7.381  -0.860 1.00 0.00 ? 289 THR A HG22 5 
ATOM 1785 H HG23 . THR A 1 23 ? 14.305  6.854  -2.323 1.00 0.00 ? 289 THR A HG23 5 
# 
